data_7VPG
#
_entry.id   7VPG
#
_cell.length_a   149.614
_cell.length_b   103.299
_cell.length_c   134.936
_cell.angle_alpha   90.000
_cell.angle_beta   95.958
_cell.angle_gamma   90.000
#
_symmetry.space_group_name_H-M   'C 1 2 1'
#
loop_
_entity.id
_entity.type
_entity.pdbx_description
1 polymer 'mRNA export factor'
2 polymer 'Isoform 3 of Nuclear pore complex protein Nup98-Nup96'
3 polymer 'ORF6 protein'
4 water water
#
loop_
_entity_poly.entity_id
_entity_poly.type
_entity_poly.pdbx_seq_one_letter_code
_entity_poly.pdbx_strand_id
1 'polypeptide(L)'
;MSLFGTTSGFGTSGTSMFGSATTDNHNPMKDIEVTSSPDDSIGCLSFSPPTLPGNFLIAGSWANDVRCWEVQDSGQTIPK
AQQMHTGPVLDVCWSDDGSKVFTASCDKTAKMWDLSSNQAIQIAQHDAPVKTIHWIKAPNYSCVMTGSWDKTLKFWDTRS
SNPMMVLQLPERCYCADVIYPMAVVATAERGLIVYQLENQPSEFRRIESPLKHQHRCVAIFKDKQNKPTGFALGSIEGRV
AIHYINPPNPAKDNFTFKCHRSNGTNTSAPQDIYAVNGIAFHPVHGTLATVGSDGRFSFWDKDARTKLKTSEQLDQPISA
CCFNHNGNIFAYASSYDWSKGHEFYNPQKKNYIFLRNAAEELKPRNKKHHHHHHHHHH
;
A,C,E,G
2 'polypeptide(L)' MHHHHHHHHHHTGTTIKFNPPTGTDTMVKAGVSTNISTKHQCITAMKEYESKSLEELRLEDYQANRK B,D,F,H
3 'polypeptide(L)' KPLTKKNYSELDDEEPMELDYP X,I,J,K
#
# COMPACT_ATOMS: atom_id res chain seq x y z
N ASN A 25 7.96 -40.29 -1.17
CA ASN A 25 6.74 -41.09 -1.07
C ASN A 25 5.74 -40.49 -0.05
N HIS A 26 6.13 -40.33 1.22
CA HIS A 26 5.14 -39.78 2.14
C HIS A 26 5.00 -38.28 1.98
N ASN A 27 6.08 -37.60 1.59
CA ASN A 27 6.07 -36.16 1.33
C ASN A 27 6.63 -35.90 -0.07
N PRO A 28 5.90 -36.30 -1.12
CA PRO A 28 6.45 -36.16 -2.49
C PRO A 28 6.72 -34.72 -2.91
N MET A 29 6.04 -33.75 -2.33
CA MET A 29 6.29 -32.36 -2.69
C MET A 29 7.44 -31.73 -1.90
N LYS A 30 8.05 -32.47 -0.97
CA LYS A 30 9.14 -31.95 -0.15
C LYS A 30 8.71 -30.65 0.53
N ASP A 31 7.51 -30.65 1.06
CA ASP A 31 6.98 -29.51 1.78
C ASP A 31 7.35 -29.59 3.25
N ILE A 32 7.07 -28.51 3.98
CA ILE A 32 7.40 -28.43 5.40
C ILE A 32 6.44 -29.28 6.21
N GLU A 33 7.00 -30.15 7.06
CA GLU A 33 6.22 -31.02 7.95
C GLU A 33 5.97 -30.36 9.30
N VAL A 34 4.72 -30.33 9.74
CA VAL A 34 4.41 -29.86 11.09
C VAL A 34 4.91 -30.87 12.11
N THR A 35 5.66 -30.39 13.11
CA THR A 35 6.19 -31.31 14.10
C THR A 35 5.08 -31.70 15.07
N SER A 36 5.11 -32.96 15.50
CA SER A 36 4.11 -33.55 16.40
C SER A 36 2.71 -33.50 15.79
N SER A 37 2.54 -34.25 14.70
CA SER A 37 1.26 -34.37 14.02
C SER A 37 0.26 -35.16 14.85
N PRO A 38 -1.03 -34.98 14.58
CA PRO A 38 -2.04 -35.74 15.34
C PRO A 38 -1.85 -37.23 15.21
N ASP A 39 -2.39 -37.94 16.19
CA ASP A 39 -2.17 -39.37 16.30
C ASP A 39 -3.13 -40.19 15.46
N ASP A 40 -4.23 -39.62 14.99
CA ASP A 40 -5.20 -40.29 14.15
C ASP A 40 -5.53 -39.33 13.01
N SER A 41 -6.39 -39.76 12.07
CA SER A 41 -6.66 -39.01 10.85
C SER A 41 -7.10 -37.58 11.16
N ILE A 42 -6.56 -36.62 10.39
CA ILE A 42 -6.85 -35.20 10.58
C ILE A 42 -8.14 -34.84 9.85
N GLY A 43 -9.08 -34.24 10.57
CA GLY A 43 -10.38 -33.93 10.00
C GLY A 43 -10.62 -32.48 9.58
N CYS A 44 -9.77 -31.57 10.03
CA CYS A 44 -10.04 -30.16 9.80
C CYS A 44 -8.80 -29.36 10.14
N LEU A 45 -8.62 -28.26 9.44
CA LEU A 45 -7.53 -27.33 9.66
C LEU A 45 -8.10 -25.93 9.63
N SER A 46 -7.46 -25.01 10.34
CA SER A 46 -7.95 -23.64 10.37
C SER A 46 -6.83 -22.75 10.89
N PHE A 47 -6.49 -21.74 10.11
CA PHE A 47 -5.43 -20.79 10.45
C PHE A 47 -5.99 -19.57 11.19
N SER A 48 -5.11 -18.93 11.96
CA SER A 48 -5.48 -17.82 12.83
C SER A 48 -5.88 -16.59 11.99
N PRO A 49 -6.73 -15.72 12.53
CA PRO A 49 -7.14 -14.53 11.79
C PRO A 49 -6.02 -13.48 11.74
N PRO A 50 -6.15 -12.47 10.89
CA PRO A 50 -5.12 -11.41 10.85
C PRO A 50 -5.12 -10.52 12.08
N THR A 51 -6.19 -10.50 12.88
CA THR A 51 -6.11 -9.80 14.15
C THR A 51 -5.03 -10.37 15.05
N LEU A 52 -4.58 -11.59 14.79
CA LEU A 52 -3.61 -12.26 15.64
C LEU A 52 -2.23 -12.11 15.02
N PRO A 53 -1.25 -11.58 15.75
CA PRO A 53 0.11 -11.54 15.23
C PRO A 53 0.62 -12.97 15.02
N GLY A 54 1.39 -13.16 13.96
CA GLY A 54 1.92 -14.46 13.63
C GLY A 54 0.88 -15.34 12.94
N ASN A 55 1.18 -16.64 12.92
CA ASN A 55 0.31 -17.62 12.27
C ASN A 55 0.19 -18.82 13.19
N PHE A 56 -1.05 -19.21 13.47
CA PHE A 56 -1.30 -20.33 14.36
C PHE A 56 -2.23 -21.27 13.65
N LEU A 57 -1.88 -22.55 13.68
CA LEU A 57 -2.63 -23.57 12.99
C LEU A 57 -3.38 -24.38 14.03
N ILE A 58 -4.67 -24.63 13.76
CA ILE A 58 -5.51 -25.49 14.57
C ILE A 58 -5.87 -26.73 13.75
N ALA A 59 -5.85 -27.89 14.39
CA ALA A 59 -6.28 -29.13 13.74
C ALA A 59 -7.03 -30.00 14.74
N GLY A 60 -8.13 -30.59 14.29
CA GLY A 60 -8.86 -31.57 15.06
C GLY A 60 -8.70 -32.90 14.36
N SER A 61 -8.72 -33.98 15.15
CA SER A 61 -8.46 -35.30 14.61
C SER A 61 -9.49 -36.30 15.13
N TRP A 62 -9.44 -37.51 14.58
CA TRP A 62 -10.31 -38.62 14.93
C TRP A 62 -9.85 -39.35 16.18
N ALA A 63 -8.78 -38.89 16.82
CA ALA A 63 -8.45 -39.33 18.16
C ALA A 63 -9.06 -38.44 19.24
N ASN A 64 -9.95 -37.52 18.86
CA ASN A 64 -10.78 -36.63 19.69
C ASN A 64 -10.09 -35.36 20.16
N ASP A 65 -8.89 -35.07 19.69
CA ASP A 65 -8.13 -33.93 20.17
C ASP A 65 -8.22 -32.74 19.20
N VAL A 66 -7.85 -31.58 19.73
CA VAL A 66 -7.64 -30.35 18.99
C VAL A 66 -6.24 -29.87 19.33
N ARG A 67 -5.49 -29.44 18.33
CA ARG A 67 -4.12 -29.04 18.57
C ARG A 67 -3.87 -27.66 18.00
N CYS A 68 -2.86 -26.99 18.55
CA CYS A 68 -2.47 -25.67 18.13
C CYS A 68 -0.96 -25.64 17.97
N TRP A 69 -0.51 -25.21 16.78
CA TRP A 69 0.91 -24.97 16.54
C TRP A 69 1.12 -23.52 16.13
N GLU A 70 2.27 -22.99 16.50
CA GLU A 70 2.74 -21.74 15.93
C GLU A 70 3.62 -22.08 14.75
N VAL A 71 3.29 -21.49 13.60
CA VAL A 71 4.13 -21.56 12.43
C VAL A 71 5.01 -20.33 12.43
N GLN A 72 6.31 -20.51 12.38
CA GLN A 72 7.20 -19.37 12.33
C GLN A 72 7.58 -19.14 10.87
N ASP A 73 7.89 -17.88 10.55
CA ASP A 73 8.20 -17.54 9.17
C ASP A 73 9.36 -18.36 8.63
N SER A 74 10.24 -18.83 9.52
CA SER A 74 11.30 -19.73 9.11
C SER A 74 10.77 -21.05 8.59
N GLY A 75 9.49 -21.33 8.82
CA GLY A 75 8.90 -22.61 8.50
C GLY A 75 8.86 -23.54 9.68
N GLN A 76 9.37 -23.11 10.82
CA GLN A 76 9.61 -24.06 11.87
C GLN A 76 8.37 -24.09 12.74
N THR A 77 8.05 -25.23 13.33
CA THR A 77 6.76 -25.36 13.98
C THR A 77 6.88 -25.76 15.45
N ILE A 78 6.16 -25.03 16.29
CA ILE A 78 6.19 -25.27 17.72
C ILE A 78 4.81 -25.71 18.22
N PRO A 79 4.66 -26.94 18.68
CA PRO A 79 3.39 -27.33 19.32
C PRO A 79 3.13 -26.48 20.56
N LYS A 80 1.97 -25.80 20.58
CA LYS A 80 1.65 -24.82 21.62
C LYS A 80 0.62 -25.32 22.64
N ALA A 81 -0.49 -25.89 22.22
CA ALA A 81 -1.52 -26.27 23.19
C ALA A 81 -2.42 -27.33 22.56
N GLN A 82 -3.19 -27.98 23.43
CA GLN A 82 -4.03 -29.10 23.04
C GLN A 82 -5.28 -29.15 23.91
N GLN A 83 -6.39 -29.58 23.33
CA GLN A 83 -7.64 -29.82 24.05
C GLN A 83 -8.25 -31.16 23.63
N MET A 84 -9.26 -31.63 24.39
CA MET A 84 -9.90 -32.91 24.13
C MET A 84 -11.41 -32.80 24.08
N HIS A 85 -12.01 -33.42 23.06
CA HIS A 85 -13.42 -33.78 23.06
C HIS A 85 -13.51 -35.23 23.51
N THR A 86 -14.72 -35.78 23.55
CA THR A 86 -14.87 -37.21 23.77
C THR A 86 -15.26 -37.96 22.51
N GLY A 87 -15.30 -37.28 21.38
CA GLY A 87 -15.49 -37.91 20.09
C GLY A 87 -14.71 -37.13 19.03
N PRO A 88 -14.60 -37.71 17.83
CA PRO A 88 -13.75 -37.08 16.80
C PRO A 88 -14.18 -35.66 16.47
N VAL A 89 -13.19 -34.81 16.20
CA VAL A 89 -13.41 -33.39 15.96
C VAL A 89 -13.60 -33.16 14.46
N LEU A 90 -14.79 -32.73 14.05
CA LEU A 90 -15.13 -32.63 12.64
C LEU A 90 -14.87 -31.26 12.03
N ASP A 91 -14.79 -30.20 12.83
CA ASP A 91 -14.55 -28.86 12.31
C ASP A 91 -14.04 -27.95 13.43
N VAL A 92 -13.34 -26.90 13.02
CA VAL A 92 -12.80 -25.90 13.93
C VAL A 92 -12.79 -24.55 13.22
N CYS A 93 -12.79 -23.50 14.02
CA CYS A 93 -12.67 -22.15 13.47
C CYS A 93 -12.26 -21.22 14.61
N TRP A 94 -11.97 -19.97 14.24
CA TRP A 94 -11.45 -18.98 15.17
C TRP A 94 -12.47 -17.87 15.39
N SER A 95 -12.37 -17.23 16.55
CA SER A 95 -13.08 -15.99 16.74
C SER A 95 -12.35 -14.88 15.98
N ASP A 96 -13.09 -13.81 15.67
CA ASP A 96 -12.50 -12.78 14.81
C ASP A 96 -11.34 -12.05 15.50
N ASP A 97 -11.31 -11.98 16.83
CA ASP A 97 -10.19 -11.30 17.51
C ASP A 97 -9.02 -12.23 17.80
N GLY A 98 -9.10 -13.48 17.35
CA GLY A 98 -8.03 -14.45 17.51
C GLY A 98 -7.88 -15.02 18.90
N SER A 99 -8.80 -14.71 19.82
CA SER A 99 -8.61 -15.13 21.20
C SER A 99 -9.26 -16.46 21.52
N LYS A 100 -10.23 -16.90 20.72
CA LYS A 100 -10.94 -18.13 20.94
C LYS A 100 -10.82 -19.06 19.76
N VAL A 101 -10.77 -20.36 20.05
CA VAL A 101 -10.92 -21.40 19.03
C VAL A 101 -12.19 -22.17 19.35
N PHE A 102 -13.03 -22.38 18.33
CA PHE A 102 -14.27 -23.14 18.47
C PHE A 102 -14.11 -24.51 17.82
N THR A 103 -14.69 -25.53 18.46
CA THR A 103 -14.49 -26.92 18.09
C THR A 103 -15.82 -27.64 18.02
N ALA A 104 -16.00 -28.47 17.00
CA ALA A 104 -17.22 -29.25 16.80
C ALA A 104 -16.88 -30.74 16.72
N SER A 105 -17.69 -31.57 17.36
CA SER A 105 -17.31 -32.96 17.61
C SER A 105 -18.45 -33.92 17.35
N CYS A 106 -18.07 -35.18 17.12
CA CYS A 106 -19.03 -36.28 17.06
C CYS A 106 -19.69 -36.55 18.40
N ASP A 107 -19.14 -36.01 19.53
CA ASP A 107 -19.79 -36.16 20.85
C ASP A 107 -21.04 -35.24 21.00
N LYS A 108 -21.46 -34.61 19.91
CA LYS A 108 -22.69 -33.84 19.82
C LYS A 108 -22.61 -32.48 20.48
N THR A 109 -21.41 -32.00 20.82
CA THR A 109 -21.25 -30.72 21.48
C THR A 109 -20.25 -29.88 20.71
N ALA A 110 -20.17 -28.61 21.07
CA ALA A 110 -19.12 -27.72 20.60
C ALA A 110 -18.58 -26.94 21.78
N LYS A 111 -17.28 -26.68 21.76
CA LYS A 111 -16.60 -25.96 22.84
C LYS A 111 -16.02 -24.66 22.32
N MET A 112 -15.84 -23.72 23.24
CA MET A 112 -15.08 -22.50 23.02
C MET A 112 -13.80 -22.59 23.84
N TRP A 113 -12.67 -22.38 23.17
CA TRP A 113 -11.34 -22.66 23.72
C TRP A 113 -10.59 -21.34 23.81
N ASP A 114 -10.39 -20.86 25.03
CA ASP A 114 -9.63 -19.63 25.25
C ASP A 114 -8.15 -20.00 25.31
N LEU A 115 -7.38 -19.53 24.33
CA LEU A 115 -5.99 -19.95 24.25
C LEU A 115 -5.16 -19.36 25.40
N SER A 116 -5.42 -18.11 25.78
CA SER A 116 -4.59 -17.44 26.79
C SER A 116 -4.59 -18.22 28.09
N SER A 117 -5.74 -18.78 28.48
CA SER A 117 -5.86 -19.55 29.71
C SER A 117 -5.87 -21.07 29.45
N ASN A 118 -5.94 -21.49 28.18
CA ASN A 118 -6.05 -22.89 27.77
C ASN A 118 -7.24 -23.62 28.39
N GLN A 119 -8.35 -22.92 28.64
CA GLN A 119 -9.55 -23.55 29.15
C GLN A 119 -10.61 -23.60 28.05
N ALA A 120 -11.43 -24.65 28.06
CA ALA A 120 -12.51 -24.81 27.09
C ALA A 120 -13.81 -25.13 27.81
N ILE A 121 -14.92 -24.57 27.32
CA ILE A 121 -16.23 -24.81 27.90
C ILE A 121 -17.21 -25.13 26.79
N GLN A 122 -18.24 -25.90 27.13
CA GLN A 122 -19.29 -26.22 26.17
C GLN A 122 -20.13 -24.99 25.88
N ILE A 123 -20.42 -24.75 24.61
CA ILE A 123 -21.27 -23.63 24.22
C ILE A 123 -22.42 -24.06 23.32
N ALA A 124 -22.50 -25.33 22.94
CA ALA A 124 -23.53 -25.79 22.01
C ALA A 124 -23.78 -27.28 22.18
N GLN A 125 -25.01 -27.71 21.85
CA GLN A 125 -25.44 -29.08 21.97
C GLN A 125 -26.37 -29.44 20.82
N HIS A 126 -26.14 -30.60 20.22
CA HIS A 126 -27.04 -31.11 19.22
C HIS A 126 -27.47 -32.52 19.61
N ASP A 127 -28.39 -33.08 18.83
CA ASP A 127 -28.87 -34.43 19.01
C ASP A 127 -28.09 -35.45 18.19
N ALA A 128 -27.01 -35.02 17.56
CA ALA A 128 -26.20 -35.85 16.68
C ALA A 128 -24.88 -35.12 16.48
N PRO A 129 -23.89 -35.77 15.84
CA PRO A 129 -22.61 -35.10 15.62
C PRO A 129 -22.74 -33.69 15.04
N VAL A 130 -21.77 -32.85 15.33
CA VAL A 130 -21.78 -31.47 14.87
C VAL A 130 -20.74 -31.43 13.78
N LYS A 131 -21.19 -31.28 12.52
CA LYS A 131 -20.29 -31.40 11.38
C LYS A 131 -19.56 -30.11 11.11
N THR A 132 -20.22 -28.96 11.28
CA THR A 132 -19.65 -27.66 10.91
C THR A 132 -19.74 -26.66 12.04
N ILE A 133 -18.76 -25.77 12.10
CA ILE A 133 -18.80 -24.68 13.06
C ILE A 133 -18.18 -23.43 12.42
N HIS A 134 -18.82 -22.27 12.64
CA HIS A 134 -18.38 -21.00 12.07
C HIS A 134 -18.67 -19.85 13.03
N TRP A 135 -17.86 -18.81 12.92
CA TRP A 135 -18.01 -17.57 13.69
C TRP A 135 -18.64 -16.50 12.80
N ILE A 136 -19.73 -15.89 13.27
CA ILE A 136 -20.41 -14.82 12.54
C ILE A 136 -20.20 -13.54 13.33
N LYS A 137 -19.36 -12.66 12.81
CA LYS A 137 -19.20 -11.31 13.38
C LYS A 137 -19.98 -10.37 12.46
N ALA A 138 -21.14 -9.96 12.90
CA ALA A 138 -21.98 -9.04 12.15
C ALA A 138 -21.99 -7.67 12.83
N PRO A 139 -22.38 -6.61 12.10
CA PRO A 139 -22.47 -5.29 12.73
C PRO A 139 -23.30 -5.24 14.00
N ASN A 140 -24.39 -6.00 14.11
CA ASN A 140 -25.22 -5.90 15.31
C ASN A 140 -25.29 -7.19 16.14
N TYR A 141 -24.54 -8.23 15.80
CA TYR A 141 -24.49 -9.42 16.65
C TYR A 141 -23.25 -10.23 16.31
N SER A 142 -22.93 -11.16 17.21
CA SER A 142 -21.87 -12.13 17.04
C SER A 142 -22.39 -13.46 17.54
N CYS A 143 -22.06 -14.55 16.85
CA CYS A 143 -22.52 -15.84 17.34
C CYS A 143 -21.71 -16.95 16.70
N VAL A 144 -21.90 -18.14 17.25
CA VAL A 144 -21.35 -19.37 16.70
C VAL A 144 -22.46 -20.05 15.90
N MET A 145 -22.14 -20.50 14.69
CA MET A 145 -23.03 -21.33 13.90
C MET A 145 -22.59 -22.78 13.93
N THR A 146 -23.51 -23.69 14.24
CA THR A 146 -23.23 -25.12 14.23
C THR A 146 -24.21 -25.80 13.30
N GLY A 147 -23.70 -26.66 12.43
CA GLY A 147 -24.52 -27.48 11.55
C GLY A 147 -24.28 -28.93 11.93
N SER A 148 -25.35 -29.70 12.02
CA SER A 148 -25.31 -31.01 12.65
C SER A 148 -26.03 -32.06 11.81
N TRP A 149 -25.66 -33.32 12.00
CA TRP A 149 -26.40 -34.41 11.37
C TRP A 149 -27.82 -34.59 11.94
N ASP A 150 -28.22 -33.81 12.97
CA ASP A 150 -29.61 -33.80 13.43
C ASP A 150 -30.52 -32.88 12.60
N LYS A 151 -30.04 -32.43 11.43
CA LYS A 151 -30.82 -31.64 10.46
C LYS A 151 -31.22 -30.28 11.02
N THR A 152 -30.37 -29.70 11.86
CA THR A 152 -30.61 -28.37 12.38
C THR A 152 -29.37 -27.53 12.16
N LEU A 153 -29.62 -26.22 12.15
CA LEU A 153 -28.58 -25.21 12.13
C LEU A 153 -28.84 -24.32 13.33
N LYS A 154 -27.89 -24.23 14.25
CA LYS A 154 -28.09 -23.50 15.49
C LYS A 154 -27.04 -22.41 15.66
N PHE A 155 -27.40 -21.40 16.45
CA PHE A 155 -26.62 -20.17 16.65
C PHE A 155 -26.52 -19.83 18.14
N TRP A 156 -25.32 -19.51 18.61
CA TRP A 156 -25.01 -19.47 20.04
C TRP A 156 -24.26 -18.20 20.43
N ASP A 157 -24.65 -17.60 21.55
CA ASP A 157 -23.94 -16.40 21.97
C ASP A 157 -22.70 -16.73 22.81
N THR A 158 -22.42 -18.02 23.04
CA THR A 158 -21.33 -18.51 23.86
C THR A 158 -21.51 -18.19 25.32
N ARG A 159 -22.64 -17.62 25.71
CA ARG A 159 -22.96 -17.32 27.11
C ARG A 159 -24.16 -18.08 27.62
N SER A 160 -25.28 -18.07 26.90
CA SER A 160 -26.49 -18.74 27.34
C SER A 160 -26.49 -20.21 26.95
N SER A 161 -27.20 -21.01 27.73
CA SER A 161 -27.35 -22.42 27.40
C SER A 161 -28.38 -22.67 26.31
N ASN A 162 -29.26 -21.71 26.03
CA ASN A 162 -30.23 -21.82 24.94
C ASN A 162 -29.66 -21.23 23.66
N PRO A 163 -29.85 -21.89 22.51
CA PRO A 163 -29.44 -21.25 21.27
C PRO A 163 -30.20 -19.95 21.05
N MET A 164 -29.47 -18.94 20.59
CA MET A 164 -30.08 -17.71 20.10
C MET A 164 -31.06 -17.98 18.96
N MET A 165 -30.79 -18.98 18.12
CA MET A 165 -31.60 -19.23 16.94
C MET A 165 -31.49 -20.71 16.55
N VAL A 166 -32.60 -21.29 16.12
CA VAL A 166 -32.62 -22.66 15.61
C VAL A 166 -33.31 -22.62 14.24
N LEU A 167 -32.66 -23.18 13.24
CA LEU A 167 -33.27 -23.36 11.93
C LEU A 167 -33.27 -24.84 11.55
N GLN A 168 -34.33 -25.28 10.92
CA GLN A 168 -34.36 -26.64 10.36
C GLN A 168 -33.70 -26.67 8.99
N LEU A 169 -32.88 -27.70 8.76
CA LEU A 169 -32.27 -28.05 7.48
C LEU A 169 -33.07 -29.14 6.77
N PRO A 170 -32.98 -29.23 5.44
CA PRO A 170 -33.73 -30.29 4.74
C PRO A 170 -33.13 -31.67 4.90
N GLU A 171 -31.93 -31.80 5.45
CA GLU A 171 -31.26 -33.09 5.63
C GLU A 171 -30.04 -32.87 6.53
N ARG A 172 -29.30 -33.96 6.76
CA ARG A 172 -28.07 -33.91 7.57
C ARG A 172 -27.06 -32.93 6.99
N CYS A 173 -26.48 -32.10 7.86
CA CYS A 173 -25.50 -31.12 7.39
C CYS A 173 -24.17 -31.78 7.04
N TYR A 174 -23.64 -31.48 5.87
CA TYR A 174 -22.39 -32.08 5.42
C TYR A 174 -21.22 -31.10 5.30
N CYS A 175 -21.48 -29.84 4.96
CA CYS A 175 -20.43 -28.83 4.94
C CYS A 175 -21.08 -27.46 4.91
N ALA A 176 -20.30 -26.45 5.29
CA ALA A 176 -20.84 -25.09 5.32
C ALA A 176 -19.68 -24.11 5.23
N ASP A 177 -20.01 -22.87 4.91
CA ASP A 177 -19.04 -21.79 4.92
C ASP A 177 -19.76 -20.48 5.23
N VAL A 178 -19.01 -19.53 5.77
CA VAL A 178 -19.54 -18.22 6.14
C VAL A 178 -18.52 -17.16 5.79
N ILE A 179 -18.98 -16.14 5.07
CA ILE A 179 -18.30 -14.87 4.97
C ILE A 179 -19.39 -13.84 5.06
N TYR A 180 -19.46 -13.14 6.19
CA TYR A 180 -20.51 -12.17 6.37
C TYR A 180 -20.61 -11.29 5.11
N PRO A 181 -21.83 -11.03 4.59
CA PRO A 181 -23.15 -11.41 5.10
C PRO A 181 -23.74 -12.68 4.48
N MET A 182 -22.92 -13.55 3.92
CA MET A 182 -23.36 -14.77 3.27
C MET A 182 -22.95 -15.99 4.08
N ALA A 183 -23.84 -16.98 4.13
CA ALA A 183 -23.47 -18.34 4.54
C ALA A 183 -24.08 -19.32 3.55
N VAL A 184 -23.45 -20.48 3.40
CA VAL A 184 -23.95 -21.51 2.51
C VAL A 184 -23.85 -22.86 3.21
N VAL A 185 -24.91 -23.65 3.15
CA VAL A 185 -24.96 -24.96 3.77
C VAL A 185 -25.36 -26.01 2.73
N ALA A 186 -24.69 -27.15 2.76
CA ALA A 186 -25.07 -28.27 1.91
C ALA A 186 -25.35 -29.47 2.79
N THR A 187 -26.38 -30.22 2.43
CA THR A 187 -26.83 -31.36 3.20
C THR A 187 -26.81 -32.61 2.33
N ALA A 188 -27.08 -33.74 2.99
CA ALA A 188 -27.29 -34.97 2.24
C ALA A 188 -28.42 -34.77 1.24
N GLU A 189 -28.48 -35.66 0.23
CA GLU A 189 -29.52 -35.62 -0.79
C GLU A 189 -29.55 -34.32 -1.58
N ARG A 190 -28.36 -33.79 -1.89
CA ARG A 190 -28.17 -32.64 -2.76
C ARG A 190 -28.82 -31.35 -2.24
N GLY A 191 -29.08 -31.26 -0.93
CA GLY A 191 -29.57 -30.02 -0.37
C GLY A 191 -28.49 -28.94 -0.39
N LEU A 192 -28.92 -27.72 -0.70
CA LEU A 192 -27.97 -26.61 -0.86
C LEU A 192 -28.74 -25.32 -0.59
N ILE A 193 -28.36 -24.58 0.46
CA ILE A 193 -29.11 -23.41 0.88
C ILE A 193 -28.15 -22.27 1.18
N VAL A 194 -28.45 -21.08 0.64
CA VAL A 194 -27.72 -19.85 0.91
C VAL A 194 -28.52 -19.03 1.91
N TYR A 195 -27.82 -18.49 2.91
CA TYR A 195 -28.42 -17.67 3.95
C TYR A 195 -27.84 -16.27 3.92
N GLN A 196 -28.67 -15.29 4.23
CA GLN A 196 -28.18 -13.95 4.48
C GLN A 196 -28.12 -13.68 5.97
N LEU A 197 -27.18 -12.83 6.37
CA LEU A 197 -26.80 -12.66 7.77
C LEU A 197 -27.04 -11.27 8.34
N GLU A 198 -27.56 -10.32 7.55
CA GLU A 198 -27.81 -8.97 8.05
C GLU A 198 -28.88 -9.00 9.13
N ASN A 199 -28.57 -8.42 10.29
CA ASN A 199 -29.47 -8.30 11.43
C ASN A 199 -29.77 -9.63 12.12
N GLN A 200 -30.15 -10.64 11.35
CA GLN A 200 -30.55 -11.92 11.91
C GLN A 200 -30.49 -12.94 10.77
N PRO A 201 -29.85 -14.09 10.96
CA PRO A 201 -29.78 -15.07 9.88
C PRO A 201 -31.15 -15.49 9.36
N SER A 202 -31.25 -15.65 8.04
CA SER A 202 -32.48 -16.13 7.43
C SER A 202 -32.21 -16.76 6.08
N GLU A 203 -33.00 -17.77 5.76
CA GLU A 203 -32.89 -18.44 4.48
C GLU A 203 -33.00 -17.41 3.36
N PHE A 204 -32.02 -17.40 2.46
CA PHE A 204 -31.99 -16.51 1.31
C PHE A 204 -32.32 -17.21 -0.02
N ARG A 205 -31.81 -18.41 -0.27
CA ARG A 205 -32.17 -19.07 -1.53
C ARG A 205 -31.90 -20.57 -1.45
N ARG A 206 -32.90 -21.36 -1.78
CA ARG A 206 -32.76 -22.80 -1.89
CA ARG A 206 -32.76 -22.80 -1.89
C ARG A 206 -32.35 -23.12 -3.33
N ILE A 207 -31.19 -23.74 -3.50
CA ILE A 207 -30.58 -23.90 -4.82
C ILE A 207 -30.72 -25.33 -5.31
N GLU A 208 -31.26 -25.49 -6.52
CA GLU A 208 -31.20 -26.79 -7.19
C GLU A 208 -29.74 -27.13 -7.43
N SER A 209 -29.27 -28.21 -6.85
CA SER A 209 -27.84 -28.42 -6.81
C SER A 209 -27.28 -28.65 -8.21
N PRO A 210 -26.16 -28.01 -8.56
CA PRO A 210 -25.52 -28.30 -9.84
C PRO A 210 -24.77 -29.60 -9.88
N LEU A 211 -24.67 -30.32 -8.75
CA LEU A 211 -23.98 -31.60 -8.67
C LEU A 211 -25.01 -32.69 -8.43
N LYS A 212 -24.75 -33.86 -8.98
CA LYS A 212 -25.68 -34.97 -8.93
C LYS A 212 -25.30 -36.02 -7.90
N HIS A 213 -24.22 -35.83 -7.16
CA HIS A 213 -23.83 -36.81 -6.15
C HIS A 213 -23.48 -36.11 -4.85
N GLN A 214 -23.32 -36.92 -3.80
CA GLN A 214 -23.10 -36.50 -2.43
C GLN A 214 -22.21 -35.28 -2.30
N HIS A 215 -22.76 -34.23 -1.69
CA HIS A 215 -21.97 -33.04 -1.38
C HIS A 215 -20.96 -33.33 -0.26
N ARG A 216 -19.80 -32.68 -0.36
CA ARG A 216 -18.72 -32.96 0.58
C ARG A 216 -18.02 -31.72 1.14
N CYS A 217 -17.85 -30.67 0.34
CA CYS A 217 -17.14 -29.48 0.80
C CYS A 217 -17.64 -28.26 0.04
N VAL A 218 -17.47 -27.09 0.63
CA VAL A 218 -17.99 -25.86 0.03
C VAL A 218 -17.18 -24.70 0.56
N ALA A 219 -16.94 -23.72 -0.31
CA ALA A 219 -16.16 -22.53 0.03
C ALA A 219 -16.72 -21.32 -0.72
N ILE A 220 -16.92 -20.23 0.01
CA ILE A 220 -17.44 -18.98 -0.57
C ILE A 220 -16.28 -18.22 -1.19
N PHE A 221 -16.54 -17.57 -2.33
CA PHE A 221 -15.55 -16.69 -2.94
C PHE A 221 -16.15 -15.31 -3.13
N LYS A 222 -15.29 -14.34 -3.39
CA LYS A 222 -15.68 -12.94 -3.39
C LYS A 222 -15.45 -12.33 -4.75
N ASP A 223 -16.20 -11.26 -5.02
CA ASP A 223 -16.04 -10.57 -6.28
C ASP A 223 -14.82 -9.66 -6.18
N LYS A 224 -14.60 -8.87 -7.22
CA LYS A 224 -13.42 -8.03 -7.31
C LYS A 224 -13.48 -6.88 -6.30
N GLN A 225 -14.66 -6.60 -5.74
CA GLN A 225 -14.84 -5.58 -4.70
C GLN A 225 -14.86 -6.16 -3.28
N ASN A 226 -14.49 -7.43 -3.10
CA ASN A 226 -14.36 -8.15 -1.83
C ASN A 226 -15.70 -8.54 -1.19
N LYS A 227 -16.83 -8.36 -1.86
CA LYS A 227 -18.10 -8.87 -1.31
C LYS A 227 -18.31 -10.33 -1.69
N PRO A 228 -18.78 -11.18 -0.75
CA PRO A 228 -19.08 -12.57 -1.11
C PRO A 228 -20.07 -12.64 -2.26
N THR A 229 -19.75 -13.47 -3.26
CA THR A 229 -20.48 -13.44 -4.51
C THR A 229 -20.84 -14.80 -5.05
N GLY A 230 -20.36 -15.88 -4.43
CA GLY A 230 -20.64 -17.21 -4.90
C GLY A 230 -19.92 -18.20 -4.02
N PHE A 231 -19.97 -19.48 -4.41
CA PHE A 231 -19.23 -20.50 -3.70
C PHE A 231 -18.78 -21.58 -4.68
N ALA A 232 -17.78 -22.34 -4.27
CA ALA A 232 -17.36 -23.54 -4.97
C ALA A 232 -17.78 -24.73 -4.14
N LEU A 233 -18.25 -25.79 -4.80
CA LEU A 233 -18.83 -26.95 -4.14
C LEU A 233 -18.28 -28.26 -4.71
N GLY A 234 -17.76 -29.13 -3.84
CA GLY A 234 -17.16 -30.40 -4.25
C GLY A 234 -18.01 -31.59 -3.84
N SER A 235 -18.01 -32.62 -4.67
CA SER A 235 -18.78 -33.82 -4.42
C SER A 235 -17.85 -35.03 -4.29
N ILE A 236 -18.44 -36.21 -4.02
CA ILE A 236 -17.66 -37.44 -4.01
C ILE A 236 -17.34 -37.95 -5.41
N GLU A 237 -17.75 -37.25 -6.46
CA GLU A 237 -17.69 -37.74 -7.85
C GLU A 237 -16.71 -36.94 -8.71
N GLY A 238 -15.54 -36.60 -8.17
CA GLY A 238 -14.50 -35.92 -8.92
C GLY A 238 -14.98 -34.75 -9.75
N ARG A 239 -15.66 -33.81 -9.09
CA ARG A 239 -16.36 -32.73 -9.77
C ARG A 239 -16.46 -31.56 -8.80
N VAL A 240 -16.30 -30.35 -9.32
CA VAL A 240 -16.46 -29.14 -8.53
C VAL A 240 -17.37 -28.22 -9.31
N ALA A 241 -18.33 -27.59 -8.61
CA ALA A 241 -19.22 -26.61 -9.20
C ALA A 241 -18.79 -25.20 -8.79
N ILE A 242 -18.85 -24.28 -9.75
CA ILE A 242 -18.68 -22.85 -9.50
C ILE A 242 -20.06 -22.22 -9.61
N HIS A 243 -20.53 -21.61 -8.54
CA HIS A 243 -21.88 -21.03 -8.54
C HIS A 243 -21.84 -19.59 -8.09
N TYR A 244 -22.18 -18.67 -9.00
CA TYR A 244 -22.39 -17.27 -8.66
C TYR A 244 -23.83 -17.10 -8.18
N ILE A 245 -24.01 -16.27 -7.13
CA ILE A 245 -25.33 -16.04 -6.58
C ILE A 245 -26.23 -15.37 -7.61
N ASN A 246 -25.73 -14.31 -8.25
CA ASN A 246 -26.57 -13.46 -9.10
C ASN A 246 -25.81 -13.03 -10.35
N PRO A 247 -25.36 -13.98 -11.16
CA PRO A 247 -24.60 -13.61 -12.37
C PRO A 247 -25.52 -13.16 -13.48
N PRO A 248 -25.00 -12.44 -14.47
CA PRO A 248 -25.85 -12.02 -15.60
C PRO A 248 -26.29 -13.17 -16.50
N ASN A 249 -25.45 -14.18 -16.71
CA ASN A 249 -25.80 -15.30 -17.58
C ASN A 249 -25.57 -16.61 -16.86
N PRO A 250 -26.48 -17.02 -15.98
CA PRO A 250 -26.24 -18.22 -15.16
C PRO A 250 -25.98 -19.51 -15.95
N ALA A 251 -26.66 -19.71 -17.09
CA ALA A 251 -26.37 -20.86 -17.97
C ALA A 251 -24.91 -20.93 -18.27
N LYS A 252 -24.32 -19.81 -18.29
CA LYS A 252 -23.03 -19.68 -18.85
C LYS A 252 -22.00 -19.30 -17.78
N ASP A 253 -22.36 -18.53 -16.75
CA ASP A 253 -21.42 -18.09 -15.71
C ASP A 253 -21.17 -19.17 -14.64
N ASN A 254 -22.17 -20.02 -14.37
CA ASN A 254 -22.04 -21.19 -13.50
C ASN A 254 -21.63 -22.41 -14.31
N PHE A 255 -20.76 -23.24 -13.73
CA PHE A 255 -20.27 -24.41 -14.47
C PHE A 255 -19.72 -25.44 -13.50
N THR A 256 -19.44 -26.63 -14.03
CA THR A 256 -18.79 -27.66 -13.26
C THR A 256 -17.56 -28.15 -14.02
N PHE A 257 -16.54 -28.57 -13.29
CA PHE A 257 -15.34 -29.11 -13.92
C PHE A 257 -14.93 -30.38 -13.20
N LYS A 258 -14.24 -31.26 -13.94
CA LYS A 258 -13.77 -32.51 -13.41
C LYS A 258 -12.40 -32.35 -12.76
N CYS A 259 -12.15 -33.11 -11.70
CA CYS A 259 -10.89 -33.02 -10.98
C CYS A 259 -10.72 -34.28 -10.15
N HIS A 260 -9.49 -34.51 -9.68
CA HIS A 260 -9.14 -35.68 -8.85
C HIS A 260 -9.60 -36.99 -9.47
N ARG A 261 -9.17 -37.19 -10.72
CA ARG A 261 -9.37 -38.41 -11.49
C ARG A 261 -8.02 -38.90 -12.01
N SER A 262 -7.90 -40.20 -12.26
CA SER A 262 -6.70 -40.76 -12.86
C SER A 262 -6.55 -40.30 -14.30
N ASN A 263 -5.32 -40.28 -14.78
CA ASN A 263 -5.14 -39.89 -16.17
C ASN A 263 -4.82 -41.06 -17.11
N THR A 265 -1.40 -39.26 -19.92
CA THR A 265 -1.44 -40.62 -20.46
C THR A 265 -2.73 -40.85 -21.25
N ASN A 266 -2.58 -41.45 -22.42
CA ASN A 266 -3.67 -41.80 -23.32
C ASN A 266 -4.10 -43.24 -23.13
N THR A 267 -4.22 -43.68 -21.87
CA THR A 267 -4.60 -45.05 -21.56
C THR A 267 -6.06 -45.29 -21.87
N SER A 268 -6.42 -46.58 -22.00
CA SER A 268 -7.81 -46.96 -22.21
C SER A 268 -8.38 -47.73 -21.03
N ALA A 269 -7.64 -47.83 -19.94
CA ALA A 269 -8.22 -48.30 -18.71
C ALA A 269 -9.38 -47.40 -18.29
N PRO A 270 -10.33 -47.92 -17.54
CA PRO A 270 -11.40 -47.06 -17.04
C PRO A 270 -10.80 -45.98 -16.15
N GLN A 271 -11.42 -44.81 -16.16
CA GLN A 271 -10.95 -43.71 -15.33
C GLN A 271 -11.39 -43.90 -13.89
N ASP A 272 -10.45 -43.73 -12.95
CA ASP A 272 -10.78 -43.75 -11.53
C ASP A 272 -11.25 -42.36 -11.10
N ILE A 273 -12.37 -42.31 -10.38
CA ILE A 273 -12.94 -41.06 -9.88
C ILE A 273 -12.83 -41.04 -8.36
N TYR A 274 -12.26 -39.96 -7.81
CA TYR A 274 -12.05 -39.80 -6.38
C TYR A 274 -12.87 -38.65 -5.79
N ALA A 275 -13.10 -38.74 -4.48
CA ALA A 275 -13.86 -37.70 -3.80
C ALA A 275 -13.01 -36.42 -3.67
N VAL A 276 -13.67 -35.27 -3.79
CA VAL A 276 -13.09 -33.98 -3.47
C VAL A 276 -13.30 -33.74 -1.99
N ASN A 277 -12.22 -33.55 -1.23
CA ASN A 277 -12.30 -33.53 0.24
C ASN A 277 -12.33 -32.13 0.82
N GLY A 278 -11.63 -31.19 0.22
CA GLY A 278 -11.60 -29.83 0.73
C GLY A 278 -11.39 -28.86 -0.41
N ILE A 279 -11.90 -27.64 -0.21
CA ILE A 279 -11.71 -26.51 -1.11
C ILE A 279 -11.41 -25.28 -0.27
N ALA A 280 -10.44 -24.49 -0.72
CA ALA A 280 -10.24 -23.22 -0.06
C ALA A 280 -9.76 -22.21 -1.11
N PHE A 281 -10.20 -20.97 -0.95
CA PHE A 281 -9.80 -19.90 -1.85
C PHE A 281 -8.59 -19.17 -1.30
N HIS A 282 -7.67 -18.80 -2.16
CA HIS A 282 -6.54 -17.99 -1.74
C HIS A 282 -7.05 -16.61 -1.32
N PRO A 283 -6.72 -16.13 -0.13
CA PRO A 283 -7.36 -14.89 0.34
C PRO A 283 -6.95 -13.69 -0.47
N VAL A 284 -5.86 -13.74 -1.21
CA VAL A 284 -5.42 -12.60 -2.00
C VAL A 284 -5.76 -12.75 -3.48
N HIS A 285 -5.55 -13.93 -4.05
CA HIS A 285 -5.64 -14.09 -5.49
C HIS A 285 -7.03 -14.47 -6.01
N GLY A 286 -7.95 -14.97 -5.17
CA GLY A 286 -9.25 -15.41 -5.62
C GLY A 286 -9.25 -16.73 -6.37
N THR A 287 -8.08 -17.31 -6.61
CA THR A 287 -7.91 -18.68 -7.05
C THR A 287 -8.21 -19.66 -5.92
N LEU A 288 -8.25 -20.94 -6.27
CA LEU A 288 -8.67 -21.96 -5.31
C LEU A 288 -7.80 -23.20 -5.40
N ALA A 289 -7.78 -23.93 -4.29
CA ALA A 289 -7.15 -25.23 -4.19
C ALA A 289 -8.21 -26.28 -3.87
N THR A 290 -8.00 -27.48 -4.40
CA THR A 290 -8.82 -28.64 -4.07
C THR A 290 -7.90 -29.76 -3.62
N VAL A 291 -8.36 -30.57 -2.67
CA VAL A 291 -7.60 -31.72 -2.20
C VAL A 291 -8.54 -32.93 -2.24
N GLY A 292 -8.02 -34.07 -2.66
CA GLY A 292 -8.86 -35.21 -2.99
C GLY A 292 -8.43 -36.52 -2.36
N SER A 293 -9.38 -37.46 -2.42
CA SER A 293 -9.17 -38.86 -2.08
C SER A 293 -8.06 -39.52 -2.89
N ASP A 294 -7.61 -38.91 -3.98
CA ASP A 294 -6.52 -39.45 -4.76
C ASP A 294 -5.14 -39.06 -4.22
N GLY A 295 -5.07 -38.38 -3.09
CA GLY A 295 -3.79 -37.99 -2.55
C GLY A 295 -3.12 -36.88 -3.31
N ARG A 296 -3.89 -36.04 -3.98
CA ARG A 296 -3.34 -34.96 -4.76
C ARG A 296 -4.03 -33.67 -4.37
N PHE A 297 -3.29 -32.57 -4.50
CA PHE A 297 -3.93 -31.27 -4.51
C PHE A 297 -3.75 -30.63 -5.87
N SER A 298 -4.71 -29.79 -6.26
CA SER A 298 -4.68 -29.05 -7.50
C SER A 298 -5.06 -27.60 -7.21
N PHE A 299 -4.46 -26.68 -7.96
CA PHE A 299 -4.77 -25.25 -7.88
C PHE A 299 -5.49 -24.83 -9.15
N TRP A 300 -6.51 -23.97 -9.01
CA TRP A 300 -7.39 -23.63 -10.13
C TRP A 300 -7.67 -22.13 -10.17
N ASP A 301 -7.93 -21.64 -11.39
CA ASP A 301 -8.41 -20.29 -11.62
C ASP A 301 -9.81 -20.41 -12.24
N LYS A 302 -10.84 -20.06 -11.47
CA LYS A 302 -12.20 -20.26 -11.95
C LYS A 302 -12.67 -19.18 -12.91
N ASP A 303 -11.88 -18.10 -13.10
CA ASP A 303 -12.23 -17.08 -14.08
C ASP A 303 -11.62 -17.39 -15.44
N ALA A 304 -10.31 -17.69 -15.46
CA ALA A 304 -9.67 -18.20 -16.65
C ALA A 304 -10.11 -19.62 -16.94
N ARG A 305 -10.71 -20.32 -15.96
CA ARG A 305 -11.13 -21.72 -16.10
C ARG A 305 -9.96 -22.64 -16.47
N THR A 306 -8.91 -22.60 -15.65
CA THR A 306 -7.71 -23.37 -15.93
C THR A 306 -7.23 -24.09 -14.69
N LYS A 307 -6.33 -25.04 -14.91
CA LYS A 307 -5.67 -25.76 -13.83
C LYS A 307 -4.25 -25.21 -13.72
N LEU A 308 -3.93 -24.62 -12.58
CA LEU A 308 -2.63 -23.99 -12.40
C LEU A 308 -1.58 -24.99 -11.94
N LYS A 309 -1.97 -26.06 -11.27
CA LYS A 309 -1.02 -27.05 -10.78
C LYS A 309 -1.79 -28.27 -10.29
N THR A 310 -1.18 -29.42 -10.44
CA THR A 310 -1.57 -30.61 -9.71
C THR A 310 -0.32 -31.17 -9.06
N SER A 311 -0.48 -31.65 -7.83
CA SER A 311 0.65 -32.15 -7.06
C SER A 311 1.01 -33.56 -7.49
N GLU A 312 2.18 -34.00 -7.04
CA GLU A 312 2.48 -35.41 -7.03
C GLU A 312 1.48 -36.14 -6.14
N GLN A 313 1.36 -37.45 -6.36
CA GLN A 313 0.40 -38.23 -5.59
C GLN A 313 1.01 -38.66 -4.25
N LEU A 314 0.28 -38.43 -3.17
CA LEU A 314 0.70 -38.88 -1.84
C LEU A 314 0.29 -40.34 -1.62
N ASP A 315 0.92 -40.97 -0.61
CA ASP A 315 0.64 -42.37 -0.36
C ASP A 315 -0.70 -42.62 0.34
N GLN A 316 -1.48 -41.59 0.64
CA GLN A 316 -2.82 -41.75 1.19
C GLN A 316 -3.61 -40.51 0.83
N PRO A 317 -4.94 -40.52 1.08
CA PRO A 317 -5.75 -39.33 0.75
C PRO A 317 -5.26 -38.06 1.43
N ILE A 318 -5.57 -36.94 0.82
CA ILE A 318 -5.43 -35.64 1.45
C ILE A 318 -6.80 -35.28 2.02
N SER A 319 -6.88 -35.14 3.34
CA SER A 319 -8.18 -35.12 4.00
C SER A 319 -8.71 -33.72 4.27
N ALA A 320 -7.86 -32.71 4.27
CA ALA A 320 -8.27 -31.36 4.65
C ALA A 320 -7.19 -30.39 4.17
N CYS A 321 -7.57 -29.10 4.06
CA CYS A 321 -6.63 -28.05 3.67
C CYS A 321 -7.15 -26.67 4.07
N CYS A 322 -6.26 -25.69 4.03
CA CYS A 322 -6.65 -24.30 4.27
C CYS A 322 -5.44 -23.40 4.06
N PHE A 323 -5.70 -22.10 3.96
CA PHE A 323 -4.69 -21.06 3.86
C PHE A 323 -4.59 -20.30 5.17
N ASN A 324 -3.45 -19.65 5.38
CA ASN A 324 -3.29 -18.70 6.46
C ASN A 324 -3.88 -17.37 6.02
N HIS A 325 -3.77 -16.34 6.85
CA HIS A 325 -4.60 -15.16 6.63
C HIS A 325 -4.17 -14.41 5.36
N ASN A 326 -2.88 -14.34 5.04
CA ASN A 326 -2.47 -13.64 3.83
C ASN A 326 -2.24 -14.57 2.65
N GLY A 327 -2.37 -15.88 2.82
CA GLY A 327 -2.22 -16.78 1.70
C GLY A 327 -0.80 -17.24 1.45
N ASN A 328 0.16 -16.84 2.29
CA ASN A 328 1.53 -17.28 2.10
C ASN A 328 1.71 -18.73 2.47
N ILE A 329 0.82 -19.29 3.29
CA ILE A 329 0.95 -20.68 3.72
C ILE A 329 -0.27 -21.45 3.26
N PHE A 330 -0.03 -22.54 2.56
CA PHE A 330 -1.04 -23.54 2.22
C PHE A 330 -0.79 -24.76 3.10
N ALA A 331 -1.80 -25.18 3.84
CA ALA A 331 -1.69 -26.35 4.71
C ALA A 331 -2.58 -27.44 4.19
N TYR A 332 -2.06 -28.66 4.12
CA TYR A 332 -2.86 -29.80 3.71
C TYR A 332 -2.49 -30.99 4.58
N ALA A 333 -3.48 -31.85 4.82
CA ALA A 333 -3.33 -32.98 5.73
C ALA A 333 -3.41 -34.29 4.97
N SER A 334 -2.41 -35.15 5.21
CA SER A 334 -2.34 -36.48 4.62
C SER A 334 -2.95 -37.48 5.62
N SER A 335 -4.14 -37.95 5.33
CA SER A 335 -4.80 -38.85 6.28
C SER A 335 -5.79 -39.72 5.51
N TYR A 336 -5.98 -40.94 5.99
CA TYR A 336 -7.03 -41.77 5.42
C TYR A 336 -8.40 -41.15 5.69
N ASP A 337 -9.29 -41.23 4.70
CA ASP A 337 -10.59 -40.56 4.72
C ASP A 337 -11.76 -41.53 4.69
N TRP A 338 -11.50 -42.83 4.88
CA TRP A 338 -12.48 -43.91 4.85
C TRP A 338 -13.12 -44.09 3.48
N SER A 339 -12.51 -43.55 2.41
CA SER A 339 -13.13 -43.64 1.10
C SER A 339 -13.20 -45.07 0.57
N LYS A 340 -12.48 -46.00 1.17
CA LYS A 340 -12.60 -47.40 0.78
C LYS A 340 -13.11 -48.28 1.91
N GLY A 341 -13.64 -47.66 2.98
CA GLY A 341 -14.18 -48.41 4.10
C GLY A 341 -13.13 -48.81 5.12
N HIS A 342 -13.56 -49.56 6.12
CA HIS A 342 -12.66 -49.82 7.23
C HIS A 342 -11.51 -50.75 6.87
N GLU A 343 -11.66 -51.58 5.84
CA GLU A 343 -10.62 -52.56 5.56
C GLU A 343 -9.31 -51.92 5.13
N PHE A 344 -9.34 -50.67 4.70
CA PHE A 344 -8.14 -50.01 4.20
C PHE A 344 -7.53 -49.05 5.23
N TYR A 345 -8.01 -49.10 6.47
CA TYR A 345 -7.46 -48.27 7.54
C TYR A 345 -6.28 -48.99 8.21
N ASN A 346 -5.13 -48.33 8.25
CA ASN A 346 -3.98 -48.85 8.96
C ASN A 346 -3.76 -47.96 10.18
N PRO A 347 -4.06 -48.46 11.39
CA PRO A 347 -4.21 -47.59 12.56
C PRO A 347 -2.95 -46.93 13.08
N GLN A 348 -1.75 -47.27 12.62
CA GLN A 348 -1.01 -46.23 11.89
C GLN A 348 0.15 -46.68 11.00
N LYS A 349 -0.11 -46.45 9.73
CA LYS A 349 0.57 -45.42 8.95
C LYS A 349 0.41 -44.01 9.59
N LYS A 350 1.42 -43.14 9.36
CA LYS A 350 1.84 -42.04 10.26
C LYS A 350 0.99 -40.90 9.67
N ASN A 351 0.46 -39.94 10.40
CA ASN A 351 -0.30 -38.88 9.70
C ASN A 351 0.51 -37.59 9.56
N TYR A 352 0.18 -36.75 8.57
CA TYR A 352 0.99 -35.57 8.30
C TYR A 352 0.15 -34.32 8.06
N ILE A 353 0.74 -33.17 8.41
CA ILE A 353 0.30 -31.86 7.93
C ILE A 353 1.48 -31.19 7.23
N PHE A 354 1.29 -30.79 5.98
CA PHE A 354 2.34 -30.16 5.20
C PHE A 354 2.03 -28.67 4.99
N LEU A 355 3.07 -27.86 5.03
CA LEU A 355 2.95 -26.44 4.74
C LEU A 355 3.73 -26.16 3.47
N ARG A 356 3.10 -25.42 2.56
CA ARG A 356 3.71 -25.07 1.29
C ARG A 356 3.44 -23.59 1.05
N ASN A 357 4.47 -22.85 0.65
CA ASN A 357 4.29 -21.45 0.28
C ASN A 357 3.87 -21.39 -1.19
N ALA A 358 2.57 -21.39 -1.42
CA ALA A 358 2.02 -21.51 -2.76
C ALA A 358 1.51 -20.18 -3.31
N ALA A 359 2.00 -19.05 -2.80
CA ALA A 359 1.45 -17.76 -3.21
C ALA A 359 1.62 -17.53 -4.71
N GLU A 360 2.86 -17.67 -5.23
CA GLU A 360 3.08 -17.45 -6.66
C GLU A 360 2.50 -18.58 -7.50
N GLU A 361 2.40 -19.79 -6.95
CA GLU A 361 1.77 -20.87 -7.68
C GLU A 361 0.28 -20.64 -7.89
N LEU A 362 -0.36 -19.84 -7.04
CA LEU A 362 -1.78 -19.56 -7.17
C LEU A 362 -2.07 -18.20 -7.79
N LYS A 363 -1.05 -17.45 -8.20
CA LYS A 363 -1.27 -16.14 -8.82
C LYS A 363 -1.80 -16.34 -10.24
N PRO A 364 -2.87 -15.64 -10.63
CA PRO A 364 -3.39 -15.80 -11.99
C PRO A 364 -2.38 -15.34 -13.03
N ARG A 365 -2.50 -15.88 -14.25
CA ARG A 365 -1.42 -15.76 -15.22
C ARG A 365 -1.61 -14.56 -16.13
N ASN A 366 -0.48 -13.90 -16.44
CA ASN A 366 -0.30 -12.66 -17.23
C ASN A 366 0.16 -11.56 -16.28
N THR B 12 -25.16 -51.23 10.06
CA THR B 12 -24.25 -50.10 10.17
C THR B 12 -22.79 -50.46 9.91
N GLY B 13 -21.94 -49.44 9.79
CA GLY B 13 -20.53 -49.64 9.51
C GLY B 13 -20.28 -49.98 8.06
N THR B 14 -19.04 -50.40 7.79
CA THR B 14 -18.66 -50.80 6.44
C THR B 14 -18.35 -52.29 6.36
N THR B 15 -19.34 -53.13 6.69
CA THR B 15 -19.10 -54.55 6.69
C THR B 15 -19.11 -55.14 5.29
N ILE B 16 -19.96 -54.60 4.39
CA ILE B 16 -19.98 -55.05 3.00
C ILE B 16 -18.69 -54.63 2.30
N LYS B 17 -18.04 -55.59 1.66
CA LYS B 17 -16.73 -55.31 1.07
C LYS B 17 -16.82 -54.19 0.04
N PHE B 18 -15.82 -53.32 0.07
CA PHE B 18 -15.74 -52.25 -0.91
C PHE B 18 -15.52 -52.82 -2.30
N ASN B 19 -16.31 -52.38 -3.24
CA ASN B 19 -16.16 -52.72 -4.65
C ASN B 19 -16.49 -51.48 -5.48
N PRO B 20 -15.51 -50.88 -6.15
CA PRO B 20 -15.75 -49.60 -6.80
C PRO B 20 -16.74 -49.76 -7.94
N PRO B 21 -17.88 -49.08 -7.87
CA PRO B 21 -18.88 -49.20 -8.92
C PRO B 21 -18.41 -48.62 -10.25
N THR B 22 -18.96 -49.17 -11.33
CA THR B 22 -18.55 -48.74 -12.66
C THR B 22 -19.61 -47.82 -13.24
N GLY B 23 -19.18 -46.90 -14.07
CA GLY B 23 -20.08 -46.01 -14.78
C GLY B 23 -19.45 -45.51 -16.05
N THR B 24 -20.05 -44.50 -16.69
CA THR B 24 -19.51 -43.88 -17.88
C THR B 24 -19.53 -42.37 -17.75
N ASP B 25 -18.59 -41.74 -18.44
CA ASP B 25 -18.42 -40.31 -18.42
C ASP B 25 -17.92 -39.89 -19.80
N THR B 26 -17.61 -38.62 -19.95
CA THR B 26 -17.16 -38.10 -21.24
C THR B 26 -15.79 -37.46 -21.14
N MET B 27 -15.09 -37.46 -22.27
CA MET B 27 -13.76 -36.88 -22.38
C MET B 27 -13.55 -36.39 -23.80
N VAL B 28 -12.59 -35.48 -23.96
CA VAL B 28 -12.35 -34.89 -25.26
C VAL B 28 -10.92 -35.16 -25.72
N SER B 33 -15.57 -35.41 -28.15
CA SER B 33 -16.37 -36.02 -27.10
C SER B 33 -16.56 -37.54 -27.32
N THR B 34 -16.10 -38.35 -26.36
CA THR B 34 -16.29 -39.79 -26.41
C THR B 34 -16.64 -40.30 -25.01
N ASN B 35 -17.69 -41.11 -24.94
CA ASN B 35 -18.02 -41.81 -23.70
C ASN B 35 -16.90 -42.77 -23.31
N ILE B 36 -16.55 -42.79 -22.02
CA ILE B 36 -15.49 -43.63 -21.49
C ILE B 36 -16.03 -44.34 -20.26
N SER B 37 -15.42 -45.48 -19.94
CA SER B 37 -15.78 -46.22 -18.75
C SER B 37 -15.03 -45.67 -17.55
N THR B 38 -15.68 -45.76 -16.40
CA THR B 38 -15.13 -45.22 -15.17
C THR B 38 -15.28 -46.25 -14.05
N LYS B 39 -14.44 -46.08 -13.03
CA LYS B 39 -14.54 -46.79 -11.77
C LYS B 39 -14.63 -45.72 -10.67
N HIS B 40 -15.71 -45.74 -9.90
CA HIS B 40 -15.94 -44.77 -8.80
C HIS B 40 -15.22 -45.27 -7.54
N GLN B 41 -14.05 -44.70 -7.24
CA GLN B 41 -13.24 -45.14 -6.11
C GLN B 41 -13.66 -44.50 -4.80
N CYS B 42 -14.94 -44.59 -4.48
CA CYS B 42 -15.45 -44.05 -3.24
C CYS B 42 -16.58 -44.94 -2.78
N ILE B 43 -16.46 -45.46 -1.56
CA ILE B 43 -17.35 -46.52 -1.10
C ILE B 43 -18.79 -46.04 -1.07
N THR B 44 -19.02 -44.76 -0.78
CA THR B 44 -20.40 -44.26 -0.77
C THR B 44 -20.99 -44.13 -2.17
N ALA B 45 -20.26 -44.52 -3.21
CA ALA B 45 -20.84 -44.64 -4.55
C ALA B 45 -21.61 -45.93 -4.77
N MET B 46 -21.38 -46.98 -3.97
CA MET B 46 -22.20 -48.19 -4.07
C MET B 46 -23.62 -47.94 -3.57
N LYS B 47 -24.57 -48.66 -4.18
CA LYS B 47 -25.97 -48.56 -3.78
C LYS B 47 -26.13 -48.90 -2.30
N GLU B 48 -25.27 -49.75 -1.78
CA GLU B 48 -25.41 -50.20 -0.40
C GLU B 48 -24.96 -49.14 0.59
N TYR B 49 -24.17 -48.17 0.18
CA TYR B 49 -23.64 -47.19 1.10
C TYR B 49 -24.04 -45.75 0.75
N GLU B 50 -24.96 -45.55 -0.20
CA GLU B 50 -25.14 -44.21 -0.74
C GLU B 50 -25.90 -43.29 0.21
N SER B 51 -26.64 -43.82 1.16
CA SER B 51 -27.45 -42.95 2.00
C SER B 51 -26.66 -42.37 3.17
N LYS B 52 -25.36 -42.65 3.30
CA LYS B 52 -24.54 -42.15 4.39
C LYS B 52 -23.28 -41.51 3.83
N SER B 53 -22.70 -40.60 4.61
CA SER B 53 -21.43 -39.96 4.28
C SER B 53 -20.23 -40.79 4.75
N LEU B 54 -19.07 -40.46 4.20
CA LEU B 54 -17.83 -41.05 4.67
C LEU B 54 -17.70 -40.89 6.19
N GLU B 55 -17.97 -39.69 6.69
CA GLU B 55 -17.77 -39.48 8.12
C GLU B 55 -18.79 -40.25 8.94
N GLU B 56 -20.04 -40.30 8.46
CA GLU B 56 -21.05 -41.08 9.16
C GLU B 56 -20.62 -42.54 9.24
N LEU B 57 -20.15 -43.11 8.13
CA LEU B 57 -19.75 -44.51 8.15
C LEU B 57 -18.56 -44.74 9.08
N ARG B 58 -17.60 -43.81 9.07
CA ARG B 58 -16.42 -43.98 9.92
C ARG B 58 -16.81 -43.96 11.39
N LEU B 59 -17.69 -43.04 11.78
CA LEU B 59 -18.13 -43.02 13.17
C LEU B 59 -18.80 -44.33 13.54
N GLU B 60 -19.61 -44.88 12.64
CA GLU B 60 -20.21 -46.18 12.93
C GLU B 60 -19.15 -47.25 13.12
N ASP B 61 -18.12 -47.28 12.27
CA ASP B 61 -17.07 -48.28 12.45
C ASP B 61 -16.32 -48.04 13.76
N TYR B 62 -16.07 -46.77 14.09
CA TYR B 62 -15.37 -46.45 15.35
C TYR B 62 -16.18 -46.91 16.56
N GLN B 63 -17.49 -46.72 16.52
CA GLN B 63 -18.33 -47.11 17.65
C GLN B 63 -18.44 -48.61 17.79
N ALA B 64 -18.18 -49.36 16.73
CA ALA B 64 -18.15 -50.82 16.77
C ALA B 64 -16.74 -51.37 17.03
N ASN B 65 -15.74 -50.51 17.18
CA ASN B 65 -14.33 -50.90 17.24
C ASN B 65 -13.90 -51.70 16.02
N ARG B 66 -14.53 -51.41 14.88
CA ARG B 66 -14.17 -51.99 13.58
C ARG B 66 -13.18 -51.05 12.87
N LYS B 67 -11.93 -51.07 13.36
CA LYS B 67 -10.88 -50.24 12.76
C LYS B 67 -9.83 -51.13 12.05
N ASN C 25 2.05 3.81 -13.18
CA ASN C 25 3.21 4.50 -12.63
C ASN C 25 4.49 3.73 -12.98
N HIS C 26 4.53 2.45 -12.58
CA HIS C 26 5.69 1.61 -12.87
C HIS C 26 5.67 1.09 -14.30
N ASN C 27 4.48 0.94 -14.88
CA ASN C 27 4.29 0.45 -16.24
C ASN C 27 3.45 1.46 -17.03
N PRO C 28 3.99 2.66 -17.28
CA PRO C 28 3.19 3.70 -17.95
C PRO C 28 2.77 3.37 -19.37
N MET C 29 3.47 2.48 -20.08
CA MET C 29 3.03 2.13 -21.42
C MET C 29 2.01 1.01 -21.43
N LYS C 30 1.63 0.50 -20.25
CA LYS C 30 0.62 -0.54 -20.14
C LYS C 30 0.97 -1.76 -21.00
N ASP C 31 2.22 -2.17 -20.91
CA ASP C 31 2.72 -3.34 -21.63
C ASP C 31 2.59 -4.59 -20.76
N ILE C 32 2.86 -5.74 -21.39
CA ILE C 32 2.76 -7.03 -20.72
C ILE C 32 3.92 -7.23 -19.76
N GLU C 33 3.61 -7.53 -18.50
CA GLU C 33 4.62 -7.81 -17.48
C GLU C 33 4.95 -9.30 -17.46
N VAL C 34 6.23 -9.62 -17.51
CA VAL C 34 6.67 -11.00 -17.34
C VAL C 34 6.49 -11.38 -15.89
N THR C 35 5.82 -12.50 -15.66
CA THR C 35 5.52 -12.93 -14.30
C THR C 35 6.76 -13.52 -13.63
N SER C 36 6.86 -13.27 -12.32
CA SER C 36 7.98 -13.73 -11.48
C SER C 36 9.31 -13.16 -11.99
N SER C 37 9.43 -11.84 -11.83
CA SER C 37 10.64 -11.13 -12.22
C SER C 37 11.78 -11.41 -11.23
N PRO C 38 13.04 -11.22 -11.67
CA PRO C 38 14.17 -11.41 -10.76
C PRO C 38 14.09 -10.46 -9.58
N ASP C 39 14.80 -10.84 -8.51
CA ASP C 39 14.73 -10.12 -7.23
C ASP C 39 15.61 -8.89 -7.17
N ASP C 40 16.59 -8.78 -8.07
CA ASP C 40 17.51 -7.65 -8.16
C ASP C 40 17.61 -7.18 -9.61
N SER C 41 18.39 -6.13 -9.83
CA SER C 41 18.44 -5.43 -11.11
C SER C 41 18.78 -6.37 -12.26
N ILE C 42 18.04 -6.21 -13.37
CA ILE C 42 18.23 -7.02 -14.57
C ILE C 42 19.31 -6.36 -15.41
N GLY C 43 20.37 -7.12 -15.71
CA GLY C 43 21.50 -6.58 -16.46
C GLY C 43 21.53 -6.94 -17.95
N CYS C 44 20.73 -7.91 -18.38
CA CYS C 44 20.85 -8.43 -19.73
C CYS C 44 19.63 -9.25 -20.07
N LEU C 45 19.28 -9.26 -21.36
CA LEU C 45 18.16 -10.04 -21.89
C LEU C 45 18.58 -10.69 -23.21
N SER C 46 17.94 -11.81 -23.51
CA SER C 46 18.25 -12.50 -24.76
C SER C 46 17.10 -13.42 -25.12
N PHE C 47 16.58 -13.28 -26.34
CA PHE C 47 15.51 -14.10 -26.87
C PHE C 47 16.06 -15.29 -27.62
N SER C 48 15.23 -16.32 -27.72
CA SER C 48 15.61 -17.56 -28.37
C SER C 48 15.79 -17.35 -29.88
N PRO C 49 16.65 -18.16 -30.51
CA PRO C 49 16.84 -18.06 -31.97
C PRO C 49 15.67 -18.66 -32.72
N PRO C 50 15.59 -18.45 -34.03
CA PRO C 50 14.47 -19.02 -34.80
C PRO C 50 14.56 -20.54 -34.97
N THR C 51 15.74 -21.15 -34.77
CA THR C 51 15.81 -22.61 -34.79
C THR C 51 14.93 -23.26 -33.73
N LEU C 52 14.54 -22.50 -32.70
CA LEU C 52 13.74 -23.01 -31.61
C LEU C 52 12.29 -22.61 -31.81
N PRO C 53 11.34 -23.54 -31.86
CA PRO C 53 9.93 -23.15 -31.99
C PRO C 53 9.46 -22.33 -30.80
N GLY C 54 8.58 -21.37 -31.07
CA GLY C 54 8.07 -20.51 -30.02
C GLY C 54 9.09 -19.43 -29.65
N ASN C 55 8.90 -18.87 -28.46
CA ASN C 55 9.78 -17.81 -27.99
C ASN C 55 10.13 -18.03 -26.52
N PHE C 56 11.43 -17.98 -26.23
CA PHE C 56 11.93 -18.13 -24.88
C PHE C 56 12.86 -16.97 -24.56
N LEU C 57 12.66 -16.36 -23.40
CA LEU C 57 13.42 -15.20 -22.97
C LEU C 57 14.38 -15.59 -21.85
N ILE C 58 15.60 -15.08 -21.92
CA ILE C 58 16.60 -15.27 -20.85
C ILE C 58 16.87 -13.91 -20.19
N ALA C 59 17.03 -13.90 -18.87
CA ALA C 59 17.43 -12.70 -18.17
C ALA C 59 18.47 -13.05 -17.14
N GLY C 60 19.49 -12.20 -17.02
CA GLY C 60 20.48 -12.31 -15.95
C GLY C 60 20.29 -11.13 -15.02
N SER C 61 20.52 -11.35 -13.72
CA SER C 61 20.28 -10.32 -12.73
C SER C 61 21.45 -10.20 -11.76
N TRP C 62 21.42 -9.13 -10.98
CA TRP C 62 22.43 -8.81 -9.99
C TRP C 62 22.23 -9.57 -8.68
N ALA C 63 21.24 -10.44 -8.63
CA ALA C 63 21.06 -11.42 -7.57
C ALA C 63 21.75 -12.75 -7.88
N ASN C 64 22.61 -12.79 -8.90
CA ASN C 64 23.48 -13.91 -9.26
C ASN C 64 22.77 -14.98 -10.06
N ASP C 65 21.51 -14.79 -10.46
CA ASP C 65 20.79 -15.83 -11.17
C ASP C 65 20.61 -15.50 -12.64
N VAL C 66 20.31 -16.54 -13.42
CA VAL C 66 19.85 -16.41 -14.78
C VAL C 66 18.55 -17.20 -14.88
N ARG C 67 17.55 -16.61 -15.53
CA ARG C 67 16.22 -17.19 -15.60
C ARG C 67 15.78 -17.33 -17.04
N CYS C 68 14.84 -18.26 -17.24
CA CYS C 68 14.27 -18.55 -18.54
C CYS C 68 12.76 -18.61 -18.42
N TRP C 69 12.08 -17.85 -19.29
CA TRP C 69 10.63 -17.88 -19.41
C TRP C 69 10.25 -18.29 -20.83
N GLU C 70 9.11 -18.96 -20.95
CA GLU C 70 8.49 -19.17 -22.25
C GLU C 70 7.48 -18.04 -22.49
N VAL C 71 7.62 -17.35 -23.61
CA VAL C 71 6.64 -16.35 -24.04
C VAL C 71 5.66 -16.99 -25.01
N GLN C 72 4.37 -16.89 -24.69
CA GLN C 72 3.31 -17.45 -25.51
C GLN C 72 2.61 -16.38 -26.35
N ASP C 73 1.97 -16.82 -27.43
CA ASP C 73 1.23 -15.88 -28.27
C ASP C 73 0.12 -15.19 -27.48
N SER C 74 -0.41 -15.87 -26.47
CA SER C 74 -1.40 -15.28 -25.57
C SER C 74 -0.83 -14.12 -24.77
N GLY C 75 0.49 -13.99 -24.71
CA GLY C 75 1.11 -13.02 -23.86
C GLY C 75 1.56 -13.62 -22.54
N GLN C 76 1.23 -14.87 -22.28
CA GLN C 76 1.52 -15.41 -20.97
C GLN C 76 3.00 -15.76 -20.91
N THR C 77 3.53 -15.69 -19.70
CA THR C 77 4.93 -15.98 -19.47
C THR C 77 4.99 -17.10 -18.44
N ILE C 78 5.74 -18.15 -18.76
CA ILE C 78 5.81 -19.31 -17.89
C ILE C 78 7.24 -19.42 -17.38
N PRO C 79 7.49 -19.19 -16.09
CA PRO C 79 8.83 -19.40 -15.54
C PRO C 79 9.22 -20.87 -15.74
N LYS C 80 10.32 -21.10 -16.47
CA LYS C 80 10.69 -22.46 -16.85
C LYS C 80 11.82 -23.03 -16.02
N ALA C 81 12.93 -22.31 -15.88
CA ALA C 81 14.07 -22.84 -15.14
C ALA C 81 15.00 -21.71 -14.74
N GLN C 82 15.92 -22.02 -13.84
CA GLN C 82 16.88 -21.07 -13.28
C GLN C 82 18.24 -21.74 -13.11
N GLN C 83 19.30 -20.97 -13.31
CA GLN C 83 20.64 -21.39 -12.98
C GLN C 83 21.29 -20.31 -12.16
N MET C 84 22.34 -20.67 -11.44
CA MET C 84 22.95 -19.74 -10.50
C MET C 84 24.44 -19.62 -10.74
N HIS C 85 24.90 -18.38 -10.80
CA HIS C 85 26.31 -18.06 -10.69
C HIS C 85 26.64 -17.70 -9.24
N THR C 86 27.90 -17.36 -9.00
CA THR C 86 28.35 -16.92 -7.69
C THR C 86 28.47 -15.39 -7.63
N GLY C 87 28.23 -14.71 -8.75
CA GLY C 87 28.19 -13.29 -8.83
C GLY C 87 27.19 -12.84 -9.89
N PRO C 88 26.97 -11.53 -9.98
CA PRO C 88 25.95 -11.01 -10.91
C PRO C 88 26.21 -11.42 -12.36
N VAL C 89 25.12 -11.69 -13.06
CA VAL C 89 25.16 -12.17 -14.44
C VAL C 89 25.07 -10.96 -15.37
N LEU C 90 26.15 -10.68 -16.12
CA LEU C 90 26.24 -9.45 -16.90
C LEU C 90 25.81 -9.57 -18.35
N ASP C 91 25.80 -10.78 -18.92
CA ASP C 91 25.38 -10.96 -20.31
C ASP C 91 24.93 -12.40 -20.48
N VAL C 92 24.07 -12.61 -21.50
CA VAL C 92 23.54 -13.92 -21.85
C VAL C 92 23.34 -13.98 -23.36
N CYS C 93 23.34 -15.20 -23.90
CA CYS C 93 23.06 -15.41 -25.31
C CYS C 93 22.75 -16.87 -25.52
N TRP C 94 22.29 -17.18 -26.74
CA TRP C 94 21.87 -18.51 -27.16
C TRP C 94 22.85 -19.06 -28.19
N SER C 95 22.89 -20.38 -28.25
CA SER C 95 23.54 -21.14 -29.31
C SER C 95 22.64 -21.16 -30.55
N ASP C 96 23.25 -21.39 -31.71
CA ASP C 96 22.48 -21.26 -32.95
C ASP C 96 21.40 -22.31 -33.08
N ASP C 97 21.59 -23.51 -32.52
CA ASP C 97 20.51 -24.49 -32.62
C ASP C 97 19.49 -24.36 -31.48
N GLY C 98 19.64 -23.38 -30.61
CA GLY C 98 18.67 -23.15 -29.57
C GLY C 98 18.70 -24.11 -28.39
N SER C 99 19.70 -24.98 -28.30
CA SER C 99 19.72 -25.97 -27.22
C SER C 99 20.53 -25.51 -26.01
N LYS C 100 21.40 -24.52 -26.18
CA LYS C 100 22.24 -24.05 -25.10
C LYS C 100 21.99 -22.57 -24.85
N VAL C 101 22.07 -22.16 -23.59
CA VAL C 101 22.11 -20.77 -23.19
C VAL C 101 23.47 -20.55 -22.54
N PHE C 102 24.15 -19.46 -22.91
CA PHE C 102 25.44 -19.12 -22.36
C PHE C 102 25.33 -17.89 -21.46
N THR C 103 26.05 -17.92 -20.33
CA THR C 103 25.94 -16.92 -19.27
C THR C 103 27.31 -16.43 -18.83
N ALA C 104 27.43 -15.13 -18.61
CA ALA C 104 28.67 -14.52 -18.17
C ALA C 104 28.47 -13.73 -16.88
N SER C 105 29.39 -13.87 -15.93
CA SER C 105 29.15 -13.39 -14.58
C SER C 105 30.39 -12.72 -14.00
N CYS C 106 30.14 -11.88 -12.98
CA CYS C 106 31.21 -11.32 -12.17
C CYS C 106 32.00 -12.36 -11.39
N ASP C 107 31.50 -13.62 -11.31
CA ASP C 107 32.31 -14.66 -10.65
C ASP C 107 33.50 -15.15 -11.51
N LYS C 108 33.76 -14.45 -12.63
CA LYS C 108 34.90 -14.60 -13.52
C LYS C 108 34.79 -15.82 -14.43
N THR C 109 33.62 -16.43 -14.52
CA THR C 109 33.45 -17.62 -15.32
C THR C 109 32.29 -17.41 -16.29
N ALA C 110 32.16 -18.35 -17.22
CA ALA C 110 30.98 -18.45 -18.06
C ALA C 110 30.52 -19.90 -18.07
N LYS C 111 29.20 -20.09 -18.19
CA LYS C 111 28.60 -21.41 -18.19
C LYS C 111 27.93 -21.73 -19.52
N MET C 112 27.80 -23.02 -19.79
CA MET C 112 26.94 -23.52 -20.84
C MET C 112 25.76 -24.23 -20.20
N TRP C 113 24.57 -23.81 -20.56
CA TRP C 113 23.36 -24.23 -19.86
C TRP C 113 22.50 -24.99 -20.86
N ASP C 114 22.41 -26.30 -20.69
CA ASP C 114 21.55 -27.11 -21.53
C ASP C 114 20.15 -27.06 -20.95
N LEU C 115 19.21 -26.50 -21.71
CA LEU C 115 17.87 -26.33 -21.14
C LEU C 115 17.16 -27.67 -21.00
N SER C 116 17.34 -28.55 -21.98
CA SER C 116 16.60 -29.81 -21.98
C SER C 116 16.85 -30.60 -20.70
N SER C 117 18.09 -30.60 -20.21
CA SER C 117 18.44 -31.31 -18.99
C SER C 117 18.55 -30.41 -17.76
N ASN C 118 18.47 -29.09 -17.95
CA ASN C 118 18.65 -28.11 -16.87
C ASN C 118 19.96 -28.34 -16.13
N GLN C 119 21.00 -28.69 -16.88
CA GLN C 119 22.35 -28.79 -16.35
C GLN C 119 23.20 -27.70 -16.97
N ALA C 120 24.11 -27.16 -16.18
CA ALA C 120 25.03 -26.15 -16.64
C ALA C 120 26.43 -26.54 -16.19
N ILE C 121 27.40 -26.27 -17.06
CA ILE C 121 28.81 -26.55 -16.78
C ILE C 121 29.61 -25.30 -17.09
N GLN C 122 30.71 -25.12 -16.37
CA GLN C 122 31.62 -24.03 -16.70
C GLN C 122 32.30 -24.31 -18.03
N ILE C 123 32.38 -23.30 -18.88
CA ILE C 123 33.04 -23.41 -20.18
C ILE C 123 34.08 -22.32 -20.42
N ALA C 124 34.28 -21.40 -19.46
CA ALA C 124 35.22 -20.32 -19.65
C ALA C 124 35.73 -19.82 -18.31
N GLN C 125 36.94 -19.28 -18.33
CA GLN C 125 37.55 -18.76 -17.11
C GLN C 125 38.34 -17.52 -17.45
N HIS C 126 38.14 -16.45 -16.67
CA HIS C 126 38.90 -15.21 -16.77
C HIS C 126 39.46 -14.86 -15.40
N ASP C 127 40.28 -13.81 -15.34
CA ASP C 127 40.83 -13.30 -14.09
C ASP C 127 40.03 -12.12 -13.54
N ALA C 128 38.88 -11.84 -14.11
CA ALA C 128 38.05 -10.71 -13.71
C ALA C 128 36.65 -10.95 -14.27
N PRO C 129 35.66 -10.17 -13.84
CA PRO C 129 34.30 -10.39 -14.34
C PRO C 129 34.21 -10.48 -15.87
N VAL C 130 33.19 -11.22 -16.34
CA VAL C 130 32.96 -11.48 -17.76
C VAL C 130 31.77 -10.63 -18.19
N LYS C 131 32.03 -9.61 -19.02
CA LYS C 131 31.05 -8.59 -19.37
C LYS C 131 30.19 -8.98 -20.59
N THR C 132 30.79 -9.66 -21.57
CA THR C 132 30.12 -9.98 -22.82
C THR C 132 30.23 -11.47 -23.13
N ILE C 133 29.20 -12.01 -23.79
CA ILE C 133 29.26 -13.38 -24.27
C ILE C 133 28.47 -13.49 -25.57
N HIS C 134 29.03 -14.23 -26.54
CA HIS C 134 28.43 -14.37 -27.85
C HIS C 134 28.74 -15.74 -28.45
N TRP C 135 27.82 -16.23 -29.28
CA TRP C 135 28.00 -17.47 -30.03
C TRP C 135 28.37 -17.15 -31.47
N ILE C 136 29.48 -17.73 -31.95
CA ILE C 136 29.93 -17.52 -33.32
C ILE C 136 29.70 -18.81 -34.10
N LYS C 137 28.74 -18.77 -35.04
CA LYS C 137 28.47 -19.89 -35.95
C LYS C 137 29.15 -19.60 -37.27
N ALA C 138 30.30 -20.24 -37.52
CA ALA C 138 31.03 -20.03 -38.75
C ALA C 138 31.00 -21.26 -39.66
N PRO C 139 31.26 -21.08 -40.97
CA PRO C 139 31.37 -22.26 -41.86
C PRO C 139 32.36 -23.31 -41.36
N ASN C 140 33.50 -22.91 -40.79
CA ASN C 140 34.51 -23.87 -40.40
C ASN C 140 34.79 -23.92 -38.90
N TYR C 141 34.07 -23.18 -38.07
CA TYR C 141 34.24 -23.36 -36.63
C TYR C 141 33.03 -22.79 -35.92
N SER C 142 32.87 -23.21 -34.67
CA SER C 142 31.86 -22.64 -33.80
C SER C 142 32.48 -22.51 -32.42
N CYS C 143 32.16 -21.40 -31.74
CA CYS C 143 32.75 -21.16 -30.42
C CYS C 143 31.94 -20.09 -29.69
N VAL C 144 32.26 -19.95 -28.40
CA VAL C 144 31.76 -18.87 -27.55
C VAL C 144 32.86 -17.83 -27.46
N MET C 145 32.51 -16.57 -27.65
CA MET C 145 33.44 -15.47 -27.41
C MET C 145 33.10 -14.78 -26.10
N THR C 146 34.10 -14.57 -25.24
CA THR C 146 33.89 -13.86 -23.98
C THR C 146 34.81 -12.67 -23.92
N GLY C 147 34.27 -11.53 -23.48
CA GLY C 147 35.06 -10.33 -23.23
C GLY C 147 34.97 -9.97 -21.76
N SER C 148 36.12 -9.62 -21.17
CA SER C 148 36.22 -9.57 -19.72
C SER C 148 36.89 -8.28 -19.28
N TRP C 149 36.62 -7.89 -18.03
CA TRP C 149 37.39 -6.76 -17.53
C TRP C 149 38.85 -7.10 -17.32
N ASP C 150 39.28 -8.34 -17.53
CA ASP C 150 40.71 -8.62 -17.53
C ASP C 150 41.40 -8.19 -18.83
N LYS C 151 40.75 -7.39 -19.68
CA LYS C 151 41.35 -6.87 -20.90
C LYS C 151 41.69 -7.99 -21.88
N THR C 152 40.91 -9.06 -21.86
CA THR C 152 41.11 -10.14 -22.81
C THR C 152 39.79 -10.47 -23.47
N LEU C 153 39.91 -11.01 -24.67
CA LEU C 153 38.81 -11.57 -25.43
C LEU C 153 39.20 -12.99 -25.78
N LYS C 154 38.43 -13.97 -25.29
CA LYS C 154 38.81 -15.38 -25.40
C LYS C 154 37.72 -16.15 -26.13
N PHE C 155 38.11 -17.26 -26.74
CA PHE C 155 37.21 -18.06 -27.57
C PHE C 155 37.30 -19.51 -27.14
N TRP C 156 36.13 -20.15 -26.93
CA TRP C 156 36.02 -21.44 -26.24
C TRP C 156 35.18 -22.40 -27.08
N ASP C 157 35.63 -23.66 -27.18
CA ASP C 157 34.89 -24.64 -27.97
C ASP C 157 33.81 -25.38 -27.17
N THR C 158 33.63 -25.07 -25.89
CA THR C 158 32.68 -25.70 -24.95
C THR C 158 33.03 -27.15 -24.63
N ARG C 159 34.18 -27.64 -25.04
CA ARG C 159 34.63 -28.98 -24.65
C ARG C 159 35.91 -28.96 -23.85
N SER C 160 36.91 -28.23 -24.31
CA SER C 160 38.19 -28.09 -23.63
C SER C 160 38.19 -26.92 -22.65
N SER C 161 38.95 -27.08 -21.56
CA SER C 161 39.22 -25.97 -20.65
C SER C 161 40.30 -25.03 -21.18
N ASN C 162 41.02 -25.42 -22.20
CA ASN C 162 41.91 -24.42 -22.78
C ASN C 162 41.18 -23.63 -23.84
N PRO C 163 41.28 -22.30 -23.83
CA PRO C 163 40.63 -21.52 -24.88
C PRO C 163 41.20 -21.85 -26.26
N MET C 164 40.30 -21.91 -27.23
CA MET C 164 40.68 -21.96 -28.64
C MET C 164 41.56 -20.77 -29.02
N MET C 165 41.32 -19.62 -28.39
CA MET C 165 42.00 -18.39 -28.76
C MET C 165 41.97 -17.39 -27.61
N VAL C 166 43.07 -16.68 -27.41
CA VAL C 166 43.14 -15.56 -26.49
C VAL C 166 43.72 -14.37 -27.24
N LEU C 167 43.02 -13.25 -27.19
CA LEU C 167 43.48 -11.98 -27.71
C LEU C 167 43.55 -10.94 -26.59
N GLN C 168 44.49 -10.03 -26.71
CA GLN C 168 44.56 -8.87 -25.83
C GLN C 168 43.58 -7.80 -26.32
N LEU C 169 42.83 -7.19 -25.38
CA LEU C 169 42.06 -5.97 -25.63
C LEU C 169 42.84 -4.74 -25.16
N PRO C 170 42.58 -3.56 -25.72
CA PRO C 170 43.31 -2.37 -25.24
C PRO C 170 42.89 -1.88 -23.85
N GLU C 171 41.78 -2.37 -23.33
CA GLU C 171 41.28 -1.96 -22.02
C GLU C 171 40.16 -2.92 -21.65
N ARG C 172 39.54 -2.64 -20.50
CA ARG C 172 38.44 -3.45 -19.99
C ARG C 172 37.28 -3.49 -20.97
N CYS C 173 36.74 -4.69 -21.19
CA CYS C 173 35.64 -4.86 -22.13
C CYS C 173 34.33 -4.34 -21.52
N TYR C 174 33.64 -3.47 -22.27
CA TYR C 174 32.39 -2.88 -21.80
C TYR C 174 31.16 -3.33 -22.58
N CYS C 175 31.28 -3.58 -23.88
CA CYS C 175 30.19 -4.15 -24.65
C CYS C 175 30.76 -4.71 -25.93
N ALA C 176 29.99 -5.60 -26.56
CA ALA C 176 30.43 -6.25 -27.80
C ALA C 176 29.20 -6.73 -28.57
N ASP C 177 29.42 -7.07 -29.84
CA ASP C 177 28.36 -7.62 -30.68
C ASP C 177 28.96 -8.53 -31.73
N VAL C 178 28.14 -9.45 -32.23
CA VAL C 178 28.58 -10.36 -33.27
C VAL C 178 27.46 -10.58 -34.26
N ILE C 179 27.75 -10.40 -35.52
CA ILE C 179 26.94 -10.93 -36.61
C ILE C 179 27.95 -11.42 -37.62
N TYR C 180 28.10 -12.75 -37.71
CA TYR C 180 29.10 -13.29 -38.62
C TYR C 180 28.95 -12.62 -39.99
N PRO C 181 30.03 -12.19 -40.63
CA PRO C 181 31.40 -12.41 -40.16
C PRO C 181 32.01 -11.28 -39.35
N MET C 182 31.22 -10.41 -38.74
CA MET C 182 31.76 -9.26 -38.00
C MET C 182 31.55 -9.37 -36.49
N ALA C 183 32.54 -8.90 -35.73
CA ALA C 183 32.33 -8.60 -34.32
C ALA C 183 32.88 -7.21 -34.05
N VAL C 184 32.22 -6.50 -33.14
CA VAL C 184 32.70 -5.20 -32.69
C VAL C 184 32.78 -5.21 -31.16
N VAL C 185 33.89 -4.70 -30.63
CA VAL C 185 34.12 -4.66 -29.21
C VAL C 185 34.43 -3.22 -28.82
N ALA C 186 33.86 -2.77 -27.70
CA ALA C 186 34.14 -1.45 -27.20
C ALA C 186 34.66 -1.58 -25.78
N THR C 187 35.69 -0.80 -25.44
CA THR C 187 36.34 -0.94 -24.16
C THR C 187 36.35 0.39 -23.41
N ALA C 188 36.87 0.34 -22.19
CA ALA C 188 37.13 1.57 -21.45
C ALA C 188 38.11 2.44 -22.22
N GLU C 189 38.18 3.71 -21.84
CA GLU C 189 39.03 4.68 -22.49
C GLU C 189 38.70 4.82 -23.97
N ARG C 190 37.41 4.67 -24.30
CA ARG C 190 36.87 4.88 -25.63
C ARG C 190 37.49 3.96 -26.69
N GLY C 191 38.01 2.81 -26.28
CA GLY C 191 38.50 1.83 -27.23
C GLY C 191 37.36 1.23 -28.03
N LEU C 192 37.64 0.96 -29.31
CA LEU C 192 36.63 0.49 -30.26
C LEU C 192 37.34 -0.32 -31.33
N ILE C 193 37.01 -1.60 -31.46
CA ILE C 193 37.73 -2.48 -32.36
C ILE C 193 36.75 -3.38 -33.09
N VAL C 194 36.91 -3.46 -34.39
CA VAL C 194 36.13 -4.36 -35.22
C VAL C 194 36.98 -5.58 -35.58
N TYR C 195 36.38 -6.76 -35.49
CA TYR C 195 37.06 -8.00 -35.79
C TYR C 195 36.38 -8.69 -36.96
N GLN C 196 37.16 -9.35 -37.80
CA GLN C 196 36.58 -10.21 -38.81
C GLN C 196 36.69 -11.67 -38.35
N LEU C 197 35.74 -12.51 -38.81
CA LEU C 197 35.55 -13.85 -38.27
C LEU C 197 35.75 -14.97 -39.27
N GLU C 198 36.05 -14.68 -40.53
CA GLU C 198 36.21 -15.76 -41.52
C GLU C 198 37.45 -16.60 -41.24
N ASN C 199 37.27 -17.93 -41.24
CA ASN C 199 38.32 -18.92 -40.99
C ASN C 199 38.81 -18.90 -39.54
N GLN C 200 39.08 -17.71 -38.98
CA GLN C 200 39.56 -17.49 -37.61
C GLN C 200 39.38 -16.05 -37.22
N PRO C 201 38.90 -15.73 -36.01
CA PRO C 201 38.82 -14.32 -35.60
C PRO C 201 40.17 -13.65 -35.67
N SER C 202 40.17 -12.41 -36.15
CA SER C 202 41.38 -11.61 -36.15
C SER C 202 40.98 -10.15 -36.16
N GLU C 203 41.83 -9.33 -35.56
CA GLU C 203 41.61 -7.88 -35.58
C GLU C 203 41.51 -7.40 -37.02
N PHE C 204 40.45 -6.64 -37.29
CA PHE C 204 40.24 -6.05 -38.60
C PHE C 204 40.52 -4.55 -38.61
N ARG C 205 40.05 -3.80 -37.61
CA ARG C 205 40.37 -2.39 -37.58
C ARG C 205 40.13 -1.83 -36.18
N ARG C 206 41.03 -0.96 -35.76
CA ARG C 206 40.86 -0.20 -34.53
C ARG C 206 40.35 1.17 -34.92
N ILE C 207 39.11 1.45 -34.55
CA ILE C 207 38.40 2.65 -35.00
C ILE C 207 38.53 3.75 -33.96
N GLU C 208 38.95 4.93 -34.38
CA GLU C 208 38.91 6.11 -33.52
C GLU C 208 37.47 6.43 -33.14
N SER C 209 37.19 6.46 -31.85
CA SER C 209 35.79 6.46 -31.41
C SER C 209 35.09 7.74 -31.83
N PRO C 210 33.88 7.65 -32.40
CA PRO C 210 33.11 8.85 -32.73
C PRO C 210 32.47 9.53 -31.53
N LEU C 211 32.59 8.96 -30.35
CA LEU C 211 32.04 9.55 -29.15
C LEU C 211 33.16 9.98 -28.22
N LYS C 212 32.90 11.05 -27.47
CA LYS C 212 33.88 11.60 -26.57
C LYS C 212 33.70 11.12 -25.13
N HIS C 213 32.71 10.26 -24.85
CA HIS C 213 32.50 9.78 -23.49
C HIS C 213 32.37 8.25 -23.43
N GLN C 214 32.41 7.76 -22.19
CA GLN C 214 32.37 6.35 -21.84
C GLN C 214 31.39 5.58 -22.72
N HIS C 215 31.91 4.58 -23.43
CA HIS C 215 31.08 3.68 -24.21
C HIS C 215 30.26 2.79 -23.32
N ARG C 216 29.05 2.47 -23.77
CA ARG C 216 28.20 1.64 -22.92
C ARG C 216 27.51 0.49 -23.65
N CYS C 217 27.12 0.69 -24.91
CA CYS C 217 26.43 -0.37 -25.62
C CYS C 217 26.70 -0.24 -27.12
N VAL C 218 26.57 -1.36 -27.84
CA VAL C 218 26.89 -1.40 -29.26
C VAL C 218 26.06 -2.48 -29.94
N ALA C 219 25.62 -2.18 -31.15
CA ALA C 219 24.81 -3.12 -31.93
C ALA C 219 25.13 -2.97 -33.41
N ILE C 220 25.36 -4.09 -34.06
CA ILE C 220 25.72 -4.15 -35.48
C ILE C 220 24.44 -4.12 -36.31
N PHE C 221 24.49 -3.44 -37.46
CA PHE C 221 23.39 -3.46 -38.43
C PHE C 221 23.90 -3.85 -39.82
N LYS C 222 22.94 -4.18 -40.69
CA LYS C 222 23.24 -4.78 -41.99
C LYS C 222 22.75 -3.92 -43.14
N ASP C 223 23.33 -4.15 -44.31
CA ASP C 223 22.94 -3.43 -45.52
C ASP C 223 21.71 -4.09 -46.16
N LYS C 224 21.36 -3.66 -47.37
CA LYS C 224 20.14 -4.11 -48.02
C LYS C 224 20.23 -5.56 -48.45
N GLN C 225 21.45 -6.06 -48.66
CA GLN C 225 21.69 -7.45 -49.03
C GLN C 225 22.02 -8.32 -47.83
N ASN C 226 21.75 -7.84 -46.62
CA ASN C 226 21.86 -8.58 -45.37
C ASN C 226 23.28 -8.80 -44.84
N LYS C 227 24.31 -8.17 -45.43
CA LYS C 227 25.67 -8.24 -44.89
C LYS C 227 25.87 -7.22 -43.77
N PRO C 228 26.48 -7.60 -42.65
CA PRO C 228 26.79 -6.61 -41.62
C PRO C 228 27.69 -5.53 -42.20
N THR C 229 27.34 -4.28 -41.93
CA THR C 229 27.96 -3.15 -42.61
C THR C 229 28.35 -2.00 -41.68
N GLY C 230 27.94 -2.05 -40.41
CA GLY C 230 28.25 -0.98 -39.49
C GLY C 230 27.66 -1.30 -38.13
N PHE C 231 27.78 -0.33 -37.21
CA PHE C 231 27.21 -0.49 -35.89
C PHE C 231 26.73 0.85 -35.36
N ALA C 232 25.89 0.77 -34.35
CA ALA C 232 25.45 1.90 -33.56
C ALA C 232 26.10 1.79 -32.18
N LEU C 233 26.56 2.91 -31.63
CA LEU C 233 27.32 2.88 -30.38
C LEU C 233 26.78 3.93 -29.43
N GLY C 234 26.49 3.53 -28.20
CA GLY C 234 25.90 4.41 -27.19
C GLY C 234 26.87 4.75 -26.07
N SER C 235 26.81 6.01 -25.61
CA SER C 235 27.67 6.51 -24.54
C SER C 235 26.86 6.85 -23.30
N ILE C 236 27.56 7.24 -22.23
CA ILE C 236 26.89 7.70 -21.03
C ILE C 236 26.37 9.11 -21.18
N GLU C 237 26.60 9.75 -22.33
CA GLU C 237 26.37 11.18 -22.51
C GLU C 237 25.20 11.44 -23.45
N GLY C 238 24.13 10.65 -23.33
CA GLY C 238 22.93 10.87 -24.13
C GLY C 238 23.17 11.03 -25.62
N ARG C 239 23.84 10.06 -26.23
CA ARG C 239 24.26 10.21 -27.61
C ARG C 239 24.51 8.84 -28.21
N VAL C 240 24.13 8.67 -29.46
CA VAL C 240 24.39 7.43 -30.19
C VAL C 240 25.12 7.76 -31.48
N ALA C 241 26.17 7.00 -31.78
CA ALA C 241 26.93 7.13 -33.01
C ALA C 241 26.53 6.04 -33.99
N ILE C 242 26.36 6.43 -35.25
CA ILE C 242 26.13 5.51 -36.36
C ILE C 242 27.42 5.48 -37.17
N HIS C 243 28.00 4.29 -37.33
CA HIS C 243 29.27 4.16 -38.03
C HIS C 243 29.20 3.07 -39.08
N TYR C 244 29.31 3.45 -40.35
CA TYR C 244 29.48 2.49 -41.43
C TYR C 244 30.93 2.07 -41.52
N ILE C 245 31.14 0.77 -41.76
CA ILE C 245 32.50 0.25 -41.85
C ILE C 245 33.23 0.87 -43.04
N ASN C 246 32.57 0.95 -44.18
CA ASN C 246 33.23 1.37 -45.41
C ASN C 246 32.29 2.17 -46.28
N PRO C 247 31.81 3.31 -45.79
CA PRO C 247 30.90 4.14 -46.58
C PRO C 247 31.68 4.97 -47.59
N PRO C 248 31.00 5.52 -48.60
CA PRO C 248 31.70 6.40 -49.56
C PRO C 248 32.17 7.76 -49.02
N ASN C 249 31.41 8.45 -48.15
CA ASN C 249 31.81 9.76 -47.61
C ASN C 249 31.69 9.75 -46.09
N PRO C 250 32.67 9.17 -45.39
CA PRO C 250 32.52 8.98 -43.93
C PRO C 250 32.20 10.25 -43.17
N ALA C 251 32.69 11.42 -43.61
CA ALA C 251 32.36 12.66 -42.90
C ALA C 251 30.85 12.89 -42.87
N LYS C 252 30.16 12.59 -43.96
CA LYS C 252 28.72 12.79 -44.03
C LYS C 252 27.93 11.51 -43.70
N ASP C 253 28.43 10.34 -44.02
CA ASP C 253 27.62 9.13 -43.88
C ASP C 253 27.60 8.61 -42.44
N ASN C 254 28.67 8.84 -41.67
CA ASN C 254 28.70 8.57 -40.24
C ASN C 254 28.24 9.80 -39.47
N PHE C 255 27.48 9.59 -38.39
CA PHE C 255 26.97 10.74 -37.65
C PHE C 255 26.60 10.31 -36.24
N THR C 256 26.33 11.32 -35.41
CA THR C 256 25.84 11.10 -34.06
C THR C 256 24.58 11.92 -33.83
N PHE C 257 23.71 11.41 -32.99
CA PHE C 257 22.50 12.13 -32.61
C PHE C 257 22.27 12.06 -31.11
N LYS C 258 21.63 13.09 -30.56
CA LYS C 258 21.37 13.18 -29.15
C LYS C 258 20.08 12.42 -28.80
N CYS C 259 20.06 11.82 -27.61
CA CYS C 259 18.93 11.02 -27.18
C CYS C 259 18.95 10.91 -25.66
N HIS C 260 17.82 10.48 -25.11
CA HIS C 260 17.66 10.27 -23.66
C HIS C 260 18.09 11.48 -22.85
N ARG C 261 17.55 12.64 -23.24
CA ARG C 261 17.72 13.89 -22.53
C ARG C 261 16.34 14.47 -22.25
N SER C 262 16.25 15.28 -21.20
CA SER C 262 15.00 15.95 -20.90
C SER C 262 14.70 16.96 -22.02
N ASN C 263 13.44 17.04 -22.40
CA ASN C 263 13.08 17.90 -23.53
C ASN C 263 13.07 19.39 -23.18
N SER C 268 14.73 26.44 -19.78
CA SER C 268 13.68 27.17 -19.08
C SER C 268 13.71 26.52 -17.67
N ALA C 269 14.78 25.73 -17.63
CA ALA C 269 15.47 25.05 -16.54
C ALA C 269 16.57 24.22 -17.23
N PRO C 270 17.67 23.91 -16.55
CA PRO C 270 18.76 23.20 -17.26
C PRO C 270 18.35 21.82 -17.79
N GLN C 271 18.96 21.45 -18.93
CA GLN C 271 18.70 20.18 -19.59
C GLN C 271 19.46 19.02 -18.96
N ASP C 272 18.74 17.92 -18.71
CA ASP C 272 19.31 16.69 -18.16
C ASP C 272 19.80 15.74 -19.25
N ILE C 273 21.01 15.22 -19.08
CA ILE C 273 21.62 14.26 -19.99
C ILE C 273 21.75 12.92 -19.28
N TYR C 274 21.18 11.86 -19.87
CA TYR C 274 21.19 10.52 -19.30
C TYR C 274 21.99 9.55 -20.18
N ALA C 275 22.49 8.49 -19.54
CA ALA C 275 23.24 7.46 -20.24
C ALA C 275 22.33 6.57 -21.08
N VAL C 276 22.87 6.13 -22.22
CA VAL C 276 22.22 5.13 -23.06
C VAL C 276 22.66 3.74 -22.60
N ASN C 277 21.68 2.89 -22.27
CA ASN C 277 21.95 1.59 -21.66
C ASN C 277 21.89 0.43 -22.62
N GLY C 278 21.05 0.49 -23.64
CA GLY C 278 20.93 -0.61 -24.57
C GLY C 278 20.53 -0.13 -25.95
N ILE C 279 20.99 -0.88 -26.96
CA ILE C 279 20.63 -0.68 -28.36
C ILE C 279 20.39 -2.03 -29.01
N ALA C 280 19.34 -2.12 -29.82
CA ALA C 280 19.10 -3.32 -30.59
C ALA C 280 18.38 -2.92 -31.87
N PHE C 281 18.71 -3.61 -32.95
CA PHE C 281 18.09 -3.34 -34.24
C PHE C 281 16.92 -4.29 -34.46
N HIS C 282 15.83 -3.76 -34.99
CA HIS C 282 14.71 -4.60 -35.35
C HIS C 282 15.15 -5.51 -36.49
N PRO C 283 14.99 -6.83 -36.35
CA PRO C 283 15.61 -7.76 -37.30
C PRO C 283 15.06 -7.70 -38.71
N VAL C 284 13.89 -7.10 -38.92
CA VAL C 284 13.29 -7.01 -40.24
C VAL C 284 13.46 -5.63 -40.84
N HIS C 285 13.18 -4.58 -40.05
CA HIS C 285 13.11 -3.24 -40.59
C HIS C 285 14.44 -2.52 -40.60
N GLY C 286 15.40 -2.97 -39.78
CA GLY C 286 16.65 -2.25 -39.68
C GLY C 286 16.56 -0.95 -38.90
N THR C 287 15.37 -0.56 -38.46
CA THR C 287 15.26 0.53 -37.51
C THR C 287 15.79 0.07 -36.15
N LEU C 288 15.95 1.01 -35.22
CA LEU C 288 16.65 0.67 -33.98
C LEU C 288 15.92 1.23 -32.77
N ALA C 289 16.14 0.58 -31.64
CA ALA C 289 15.59 1.02 -30.37
C ALA C 289 16.74 1.38 -29.44
N THR C 290 16.52 2.40 -28.61
CA THR C 290 17.45 2.76 -27.55
C THR C 290 16.69 2.80 -26.22
N VAL C 291 17.37 2.47 -25.14
CA VAL C 291 16.81 2.57 -23.79
C VAL C 291 17.81 3.29 -22.91
N GLY C 292 17.32 4.14 -21.99
CA GLY C 292 18.18 5.07 -21.27
C GLY C 292 17.97 5.09 -19.76
N SER C 293 18.96 5.71 -19.09
CA SER C 293 18.90 6.01 -17.66
C SER C 293 17.74 6.93 -17.30
N ASP C 294 17.10 7.53 -18.30
CA ASP C 294 15.95 8.40 -18.10
C ASP C 294 14.65 7.61 -18.04
N GLY C 295 14.72 6.28 -18.02
CA GLY C 295 13.51 5.50 -17.96
C GLY C 295 12.65 5.55 -19.21
N ARG C 296 13.23 5.81 -20.37
CA ARG C 296 12.46 5.93 -21.59
C ARG C 296 13.09 5.05 -22.67
N PHE C 297 12.25 4.56 -23.59
CA PHE C 297 12.77 3.95 -24.81
C PHE C 297 12.38 4.78 -26.03
N SER C 298 13.21 4.72 -27.06
CA SER C 298 12.99 5.46 -28.29
C SER C 298 13.28 4.54 -29.48
N PHE C 299 12.51 4.74 -30.54
CA PHE C 299 12.67 4.03 -31.80
C PHE C 299 13.16 5.03 -32.83
N TRP C 300 14.08 4.58 -33.68
CA TRP C 300 14.76 5.46 -34.61
C TRP C 300 14.88 4.83 -35.98
N ASP C 301 14.91 5.67 -37.01
CA ASP C 301 15.22 5.26 -38.37
C ASP C 301 16.52 5.95 -38.73
N LYS C 302 17.61 5.19 -38.81
CA LYS C 302 18.90 5.84 -38.97
C LYS C 302 19.18 6.23 -40.42
N ASP C 303 18.36 5.79 -41.37
CA ASP C 303 18.54 6.21 -42.76
C ASP C 303 17.77 7.48 -43.05
N ALA C 304 16.52 7.57 -42.57
CA ALA C 304 15.80 8.83 -42.59
C ALA C 304 16.39 9.83 -41.58
N ARG C 305 17.20 9.36 -40.63
CA ARG C 305 17.74 10.18 -39.56
C ARG C 305 16.60 10.83 -38.77
N THR C 306 15.70 9.97 -38.27
CA THR C 306 14.52 10.42 -37.55
C THR C 306 14.26 9.56 -36.31
N LYS C 307 13.37 10.08 -35.45
CA LYS C 307 12.88 9.40 -34.25
C LYS C 307 11.45 8.92 -34.46
N LEU C 308 11.23 7.60 -34.30
CA LEU C 308 9.93 7.00 -34.58
C LEU C 308 8.96 7.04 -33.40
N LYS C 309 9.49 7.05 -32.17
CA LYS C 309 8.67 7.07 -30.95
C LYS C 309 9.57 7.33 -29.76
N THR C 310 9.02 7.97 -28.73
CA THR C 310 9.65 7.92 -27.42
C THR C 310 8.58 7.53 -26.41
N SER C 311 8.96 6.67 -25.47
CA SER C 311 8.01 6.16 -24.50
C SER C 311 7.73 7.20 -23.42
N GLU C 312 6.69 6.92 -22.64
CA GLU C 312 6.51 7.58 -21.37
C GLU C 312 7.65 7.22 -20.42
N GLN C 313 7.78 8.02 -19.37
CA GLN C 313 8.87 7.82 -18.44
C GLN C 313 8.51 6.76 -17.41
N LEU C 314 9.40 5.81 -17.20
CA LEU C 314 9.21 4.86 -16.12
C LEU C 314 9.78 5.46 -14.85
N ASP C 315 9.38 4.91 -13.71
CA ASP C 315 9.87 5.48 -12.46
C ASP C 315 11.29 5.06 -12.12
N GLN C 316 11.93 4.25 -12.94
CA GLN C 316 13.34 3.91 -12.77
C GLN C 316 13.93 3.63 -14.14
N PRO C 317 15.25 3.59 -14.26
CA PRO C 317 15.85 3.41 -15.58
C PRO C 317 15.42 2.13 -16.28
N ILE C 318 15.54 2.14 -17.60
CA ILE C 318 15.44 0.94 -18.41
C ILE C 318 16.86 0.43 -18.62
N SER C 319 17.15 -0.77 -18.13
CA SER C 319 18.54 -1.22 -18.04
C SER C 319 18.98 -2.08 -19.21
N ALA C 320 18.05 -2.68 -19.94
CA ALA C 320 18.36 -3.63 -21.00
C ALA C 320 17.14 -3.77 -21.88
N CYS C 321 17.37 -4.25 -23.10
CA CYS C 321 16.27 -4.47 -24.03
C CYS C 321 16.76 -5.47 -25.07
N CYS C 322 15.82 -5.97 -25.89
CA CYS C 322 16.12 -6.82 -27.03
C CYS C 322 14.82 -7.10 -27.78
N PHE C 323 14.96 -7.66 -28.99
CA PHE C 323 13.87 -8.16 -29.80
C PHE C 323 13.92 -9.68 -29.82
N ASN C 324 12.77 -10.31 -30.13
CA ASN C 324 12.80 -11.74 -30.41
C ASN C 324 13.23 -11.93 -31.86
N HIS C 325 13.24 -13.17 -32.33
CA HIS C 325 13.96 -13.47 -33.57
C HIS C 325 13.36 -12.78 -34.79
N ASN C 326 12.02 -12.70 -34.87
CA ASN C 326 11.37 -12.08 -36.02
C ASN C 326 10.97 -10.62 -35.79
N GLY C 327 11.17 -10.08 -34.58
CA GLY C 327 10.91 -8.68 -34.27
C GLY C 327 9.52 -8.31 -33.78
N ASN C 328 8.60 -9.27 -33.65
CA ASN C 328 7.25 -8.93 -33.19
C ASN C 328 7.19 -8.58 -31.71
N ILE C 329 8.21 -8.96 -30.93
CA ILE C 329 8.26 -8.69 -29.49
C ILE C 329 9.46 -7.82 -29.21
N PHE C 330 9.24 -6.69 -28.55
CA PHE C 330 10.31 -5.89 -27.98
C PHE C 330 10.23 -6.03 -26.47
N ALA C 331 11.31 -6.49 -25.85
CA ALA C 331 11.34 -6.70 -24.41
C ALA C 331 12.29 -5.71 -23.77
N TYR C 332 11.86 -5.05 -22.68
CA TYR C 332 12.71 -4.10 -21.97
C TYR C 332 12.55 -4.27 -20.46
N ALA C 333 13.63 -4.02 -19.73
CA ALA C 333 13.67 -4.31 -18.30
C ALA C 333 13.78 -3.00 -17.51
N SER C 334 12.91 -2.86 -16.51
CA SER C 334 12.92 -1.73 -15.61
C SER C 334 13.70 -2.11 -14.36
N SER C 335 14.90 -1.53 -14.22
CA SER C 335 15.78 -1.81 -13.09
C SER C 335 16.66 -0.60 -12.86
N TYR C 336 16.99 -0.34 -11.60
CA TYR C 336 17.98 0.68 -11.31
C TYR C 336 19.32 0.23 -11.90
N ASP C 337 20.09 1.18 -12.44
CA ASP C 337 21.30 0.88 -13.21
C ASP C 337 22.56 1.44 -12.57
N TRP C 338 22.49 1.85 -11.31
CA TRP C 338 23.58 2.48 -10.58
C TRP C 338 23.98 3.83 -11.19
N SER C 339 23.12 4.47 -11.99
CA SER C 339 23.57 5.71 -12.63
C SER C 339 23.73 6.87 -11.65
N LYS C 340 23.20 6.78 -10.44
CA LYS C 340 23.44 7.82 -9.45
C LYS C 340 24.18 7.27 -8.24
N GLY C 341 24.75 6.06 -8.35
CA GLY C 341 25.50 5.46 -7.26
C GLY C 341 24.62 4.71 -6.28
N HIS C 342 25.24 4.25 -5.19
CA HIS C 342 24.55 3.37 -4.26
C HIS C 342 23.45 4.06 -3.48
N GLU C 343 23.50 5.38 -3.33
CA GLU C 343 22.54 6.04 -2.46
C GLU C 343 21.12 6.02 -3.00
N PHE C 344 20.95 5.73 -4.30
CA PHE C 344 19.64 5.75 -4.93
C PHE C 344 19.10 4.35 -5.18
N TYR C 345 19.78 3.32 -4.72
CA TYR C 345 19.31 1.96 -4.92
C TYR C 345 18.31 1.63 -3.83
N ASN C 346 17.10 1.27 -4.24
CA ASN C 346 16.05 0.88 -3.31
C ASN C 346 15.77 -0.59 -3.49
N PRO C 347 16.27 -1.46 -2.59
CA PRO C 347 16.12 -2.91 -2.82
C PRO C 347 14.69 -3.39 -2.68
N GLN C 348 13.78 -2.53 -2.18
CA GLN C 348 12.36 -2.86 -2.14
C GLN C 348 11.70 -2.64 -3.47
N LYS C 349 12.25 -1.76 -4.31
CA LYS C 349 11.59 -1.46 -5.58
C LYS C 349 11.56 -2.70 -6.43
N LYS C 350 10.40 -3.01 -6.97
CA LYS C 350 10.26 -4.15 -7.86
C LYS C 350 11.06 -3.92 -9.13
N ASN C 351 11.54 -5.01 -9.70
CA ASN C 351 12.13 -5.00 -11.03
C ASN C 351 11.11 -5.62 -11.98
N TYR C 352 11.09 -5.15 -13.22
CA TYR C 352 10.11 -5.60 -14.20
C TYR C 352 10.77 -5.88 -15.53
N ILE C 353 10.20 -6.83 -16.28
CA ILE C 353 10.50 -7.05 -17.69
C ILE C 353 9.19 -6.91 -18.44
N PHE C 354 9.13 -6.00 -19.42
CA PHE C 354 7.93 -5.71 -20.17
C PHE C 354 8.05 -6.20 -21.62
N LEU C 355 6.93 -6.66 -22.18
CA LEU C 355 6.84 -7.05 -23.58
C LEU C 355 5.89 -6.11 -24.31
N ARG C 356 6.30 -5.67 -25.51
CA ARG C 356 5.50 -4.77 -26.35
C ARG C 356 5.55 -5.26 -27.80
N ASN C 357 4.41 -5.31 -28.47
CA ASN C 357 4.36 -5.69 -29.89
C ASN C 357 4.66 -4.45 -30.73
N ALA C 358 5.94 -4.18 -30.98
CA ALA C 358 6.36 -2.93 -31.60
C ALA C 358 6.79 -3.06 -33.06
N ALA C 359 6.35 -4.12 -33.76
CA ALA C 359 6.81 -4.31 -35.14
C ALA C 359 6.39 -3.14 -36.01
N GLU C 360 5.10 -2.78 -35.96
CA GLU C 360 4.63 -1.67 -36.77
C GLU C 360 5.12 -0.33 -36.22
N GLU C 361 5.32 -0.22 -34.92
CA GLU C 361 5.84 1.03 -34.40
C GLU C 361 7.25 1.32 -34.90
N LEU C 362 8.00 0.27 -35.26
CA LEU C 362 9.36 0.41 -35.74
C LEU C 362 9.44 0.33 -37.26
N LYS C 363 8.31 0.22 -37.95
CA LYS C 363 8.31 0.16 -39.39
C LYS C 363 8.64 1.52 -39.97
N PRO C 364 9.52 1.61 -40.95
CA PRO C 364 9.82 2.91 -41.57
C PRO C 364 8.60 3.47 -42.28
N ARG C 365 8.59 4.78 -42.44
CA ARG C 365 7.40 5.48 -42.91
C ARG C 365 7.55 5.80 -44.39
N ASN C 366 6.43 5.81 -45.09
CA ASN C 366 6.44 5.94 -46.55
C ASN C 366 5.79 7.24 -47.02
N THR D 12 36.81 0.77 -4.69
CA THR D 12 36.44 1.79 -3.73
C THR D 12 34.93 2.04 -3.66
N GLY D 13 34.18 1.65 -4.71
CA GLY D 13 32.74 1.87 -4.68
C GLY D 13 32.32 3.29 -5.02
N THR D 14 31.08 3.64 -4.63
CA THR D 14 30.53 4.97 -4.87
C THR D 14 30.46 5.75 -3.56
N THR D 15 31.62 5.96 -2.93
CA THR D 15 31.67 6.58 -1.61
C THR D 15 31.40 8.08 -1.68
N ILE D 16 31.93 8.77 -2.69
CA ILE D 16 31.64 10.19 -2.85
C ILE D 16 30.21 10.39 -3.33
N LYS D 17 29.52 11.35 -2.71
CA LYS D 17 28.12 11.58 -3.02
C LYS D 17 27.97 11.92 -4.50
N PHE D 18 26.88 11.44 -5.10
CA PHE D 18 26.60 11.82 -6.49
C PHE D 18 26.27 13.30 -6.59
N ASN D 19 26.88 13.97 -7.55
CA ASN D 19 26.58 15.34 -7.89
C ASN D 19 26.67 15.54 -9.41
N PRO D 20 25.55 15.82 -10.07
CA PRO D 20 25.56 15.83 -11.54
C PRO D 20 26.43 16.95 -12.06
N PRO D 21 27.44 16.63 -12.87
CA PRO D 21 28.29 17.68 -13.43
C PRO D 21 27.52 18.54 -14.41
N THR D 22 27.91 19.80 -14.44
CA THR D 22 27.25 20.82 -15.23
C THR D 22 28.06 21.17 -16.47
N GLY D 23 27.35 21.50 -17.55
CA GLY D 23 28.03 21.92 -18.76
C GLY D 23 27.17 22.82 -19.62
N THR D 24 27.62 23.07 -20.86
CA THR D 24 26.89 23.87 -21.83
C THR D 24 26.85 23.14 -23.16
N ASP D 25 25.78 23.39 -23.91
CA ASP D 25 25.51 22.72 -25.18
C ASP D 25 24.76 23.69 -26.09
N THR D 26 24.38 23.23 -27.27
CA THR D 26 23.64 24.09 -28.20
C THR D 26 22.34 23.45 -28.66
N ASN D 35 21.51 28.18 -27.15
CA ASN D 35 22.58 27.97 -26.16
C ASN D 35 21.98 27.61 -24.80
N ILE D 36 22.35 26.45 -24.24
CA ILE D 36 21.71 25.92 -23.03
C ILE D 36 22.71 25.37 -22.01
N SER D 37 22.27 25.35 -20.75
CA SER D 37 22.98 24.70 -19.66
C SER D 37 22.55 23.24 -19.56
N THR D 38 23.47 22.39 -19.09
CA THR D 38 23.19 20.95 -19.01
C THR D 38 23.60 20.39 -17.66
N LYS D 39 22.91 19.31 -17.27
CA LYS D 39 23.27 18.50 -16.11
C LYS D 39 23.43 17.06 -16.54
N HIS D 40 24.61 16.50 -16.29
CA HIS D 40 24.96 15.11 -16.64
C HIS D 40 24.50 14.15 -15.55
N GLN D 41 23.35 13.52 -15.73
CA GLN D 41 22.77 12.65 -14.72
C GLN D 41 23.33 11.23 -14.73
N CYS D 42 24.65 11.10 -14.66
CA CYS D 42 25.28 9.78 -14.59
C CYS D 42 26.56 9.90 -13.78
N ILE D 43 26.69 9.07 -12.74
CA ILE D 43 27.78 9.27 -11.78
C ILE D 43 29.15 9.10 -12.43
N THR D 44 29.28 8.23 -13.44
CA THR D 44 30.60 8.11 -14.04
C THR D 44 31.00 9.33 -14.87
N ALA D 45 30.13 10.35 -14.97
CA ALA D 45 30.57 11.61 -15.58
C ALA D 45 31.32 12.48 -14.59
N MET D 46 31.16 12.25 -13.28
CA MET D 46 31.96 13.01 -12.33
C MET D 46 33.42 12.65 -12.53
N LYS D 47 34.30 13.64 -12.43
CA LYS D 47 35.70 13.37 -12.68
C LYS D 47 36.26 12.34 -11.71
N GLU D 48 35.61 12.20 -10.54
CA GLU D 48 36.05 11.24 -9.54
C GLU D 48 35.69 9.81 -9.90
N TYR D 49 34.73 9.61 -10.77
CA TYR D 49 34.25 8.27 -11.11
C TYR D 49 34.48 7.94 -12.60
N GLU D 50 35.17 8.79 -13.34
CA GLU D 50 35.15 8.67 -14.79
C GLU D 50 35.96 7.49 -15.31
N SER D 51 36.88 6.96 -14.51
CA SER D 51 37.72 5.86 -14.95
C SER D 51 37.08 4.49 -14.71
N LYS D 52 35.85 4.43 -14.22
CA LYS D 52 35.18 3.15 -13.98
C LYS D 52 33.80 3.19 -14.63
N SER D 53 33.28 2.01 -14.96
CA SER D 53 31.92 1.95 -15.49
C SER D 53 30.92 1.80 -14.32
N LEU D 54 29.64 2.06 -14.65
CA LEU D 54 28.58 1.84 -13.68
C LEU D 54 28.67 0.44 -13.09
N GLU D 55 28.84 -0.55 -13.94
CA GLU D 55 28.83 -1.93 -13.48
C GLU D 55 30.05 -2.24 -12.60
N GLU D 56 31.20 -1.67 -12.95
CA GLU D 56 32.38 -1.82 -12.08
C GLU D 56 32.14 -1.23 -10.72
N LEU D 57 31.52 -0.04 -10.68
CA LEU D 57 31.24 0.62 -9.42
C LEU D 57 30.20 -0.15 -8.63
N ARG D 58 29.18 -0.66 -9.33
CA ARG D 58 28.14 -1.40 -8.64
C ARG D 58 28.70 -2.66 -8.01
N LEU D 59 29.54 -3.40 -8.74
CA LEU D 59 30.12 -4.59 -8.15
C LEU D 59 30.96 -4.22 -6.94
N GLU D 60 31.73 -3.13 -7.04
CA GLU D 60 32.53 -2.72 -5.89
C GLU D 60 31.66 -2.46 -4.67
N ASP D 61 30.53 -1.80 -4.87
CA ASP D 61 29.62 -1.55 -3.76
C ASP D 61 29.04 -2.84 -3.21
N TYR D 62 28.66 -3.77 -4.08
CA TYR D 62 28.10 -5.04 -3.64
C TYR D 62 29.08 -5.82 -2.79
N GLN D 63 30.36 -5.81 -3.15
CA GLN D 63 31.35 -6.53 -2.36
C GLN D 63 31.60 -5.85 -1.02
N ALA D 64 31.29 -4.57 -0.91
CA ALA D 64 31.38 -3.85 0.36
C ALA D 64 30.06 -3.88 1.13
N ASN D 65 29.00 -4.45 0.54
CA ASN D 65 27.64 -4.39 1.07
C ASN D 65 27.21 -2.93 1.29
N ARG D 66 27.78 -2.03 0.50
CA ARG D 66 27.39 -0.62 0.54
C ARG D 66 26.27 -0.45 -0.48
N LYS D 67 25.08 -0.91 -0.10
CA LYS D 67 23.94 -0.74 -0.99
C LYS D 67 22.93 0.24 -0.36
N ASP E 24 9.71 -1.80 5.52
CA ASP E 24 9.76 -2.81 6.57
C ASP E 24 11.04 -2.61 7.38
N ASN E 25 10.97 -2.87 8.68
CA ASN E 25 12.04 -2.63 9.66
C ASN E 25 12.15 -1.15 10.02
N HIS E 26 11.36 -0.27 9.40
CA HIS E 26 11.43 1.14 9.77
C HIS E 26 10.68 1.43 11.07
N ASN E 27 9.62 0.67 11.35
CA ASN E 27 8.85 0.76 12.59
C ASN E 27 8.73 -0.65 13.18
N PRO E 28 9.84 -1.24 13.64
CA PRO E 28 9.76 -2.62 14.16
C PRO E 28 8.90 -2.75 15.40
N MET E 29 8.69 -1.68 16.17
CA MET E 29 7.84 -1.74 17.35
C MET E 29 6.36 -1.54 17.02
N LYS E 30 6.03 -1.28 15.75
CA LYS E 30 4.66 -1.05 15.29
C LYS E 30 3.98 0.06 16.10
N ASP E 31 4.71 1.15 16.32
CA ASP E 31 4.19 2.28 17.07
C ASP E 31 3.52 3.30 16.15
N ILE E 32 2.87 4.29 16.78
CA ILE E 32 2.18 5.33 16.04
C ILE E 32 3.20 6.24 15.37
N GLU E 33 3.05 6.44 14.06
CA GLU E 33 3.89 7.30 13.25
C GLU E 33 3.33 8.73 13.20
N VAL E 34 4.19 9.71 13.49
CA VAL E 34 3.79 11.10 13.32
C VAL E 34 3.72 11.43 11.84
N THR E 35 2.59 11.98 11.39
CA THR E 35 2.44 12.33 9.98
C THR E 35 3.11 13.66 9.67
N SER E 36 3.66 13.74 8.44
CA SER E 36 4.42 14.87 7.91
C SER E 36 5.64 15.17 8.79
N SER E 37 6.51 14.17 8.90
CA SER E 37 7.73 14.29 9.68
C SER E 37 8.75 15.17 8.95
N PRO E 38 9.69 15.76 9.67
CA PRO E 38 10.67 16.65 9.04
C PRO E 38 11.48 15.95 7.96
N ASP E 39 12.07 16.76 7.09
CA ASP E 39 12.76 16.23 5.91
C ASP E 39 14.18 15.79 6.20
N ASP E 40 14.76 16.20 7.32
CA ASP E 40 16.13 15.86 7.68
C ASP E 40 16.15 15.39 9.14
N SER E 41 17.34 14.99 9.62
CA SER E 41 17.43 14.32 10.92
C SER E 41 16.84 15.19 12.03
N ILE E 42 16.06 14.55 12.90
CA ILE E 42 15.38 15.22 14.00
C ILE E 42 16.34 15.32 15.18
N GLY E 43 16.62 16.53 15.62
CA GLY E 43 17.59 16.70 16.68
C GLY E 43 17.00 16.84 18.08
N CYS E 44 15.70 17.05 18.20
CA CYS E 44 15.13 17.39 19.50
C CYS E 44 13.62 17.20 19.47
N LEU E 45 13.07 16.84 20.63
CA LEU E 45 11.64 16.67 20.82
C LEU E 45 11.24 17.31 22.13
N SER E 46 9.98 17.75 22.22
CA SER E 46 9.47 18.35 23.43
C SER E 46 7.96 18.40 23.39
N PHE E 47 7.33 17.88 24.43
CA PHE E 47 5.88 17.90 24.55
C PHE E 47 5.41 19.13 25.34
N SER E 48 4.13 19.48 25.15
CA SER E 48 3.58 20.66 25.80
C SER E 48 3.49 20.46 27.31
N PRO E 49 3.54 21.56 28.08
CA PRO E 49 3.44 21.44 29.54
C PRO E 49 2.01 21.13 29.96
N PRO E 50 1.80 20.72 31.22
CA PRO E 50 0.44 20.35 31.64
C PRO E 50 -0.50 21.52 31.77
N THR E 51 0.02 22.75 31.86
CA THR E 51 -0.85 23.91 31.82
C THR E 51 -1.62 24.01 30.51
N LEU E 52 -1.19 23.30 29.46
CA LEU E 52 -1.82 23.38 28.15
C LEU E 52 -2.74 22.19 27.95
N PRO E 53 -4.04 22.38 27.67
CA PRO E 53 -4.92 21.23 27.47
C PRO E 53 -4.48 20.41 26.27
N GLY E 54 -4.62 19.09 26.38
CA GLY E 54 -4.22 18.25 25.28
C GLY E 54 -2.71 18.07 25.23
N ASN E 55 -2.24 17.65 24.06
CA ASN E 55 -0.83 17.37 23.86
C ASN E 55 -0.36 17.93 22.53
N PHE E 56 0.75 18.67 22.57
CA PHE E 56 1.36 19.22 21.35
C PHE E 56 2.84 18.86 21.33
N LEU E 57 3.32 18.38 20.18
CA LEU E 57 4.71 17.96 20.04
C LEU E 57 5.49 18.95 19.20
N ILE E 58 6.71 19.29 19.63
CA ILE E 58 7.63 20.13 18.88
C ILE E 58 8.84 19.31 18.45
N ALA E 59 9.33 19.55 17.24
CA ALA E 59 10.56 18.90 16.76
C ALA E 59 11.44 19.90 16.00
N GLY E 60 12.75 19.80 16.20
CA GLY E 60 13.70 20.57 15.41
C GLY E 60 14.52 19.63 14.54
N SER E 61 14.87 20.09 13.35
CA SER E 61 15.58 19.21 12.43
C SER E 61 16.77 19.93 11.83
N TRP E 62 17.62 19.14 11.19
CA TRP E 62 18.79 19.64 10.51
C TRP E 62 18.43 20.26 9.15
N ALA E 63 17.15 20.30 8.81
CA ALA E 63 16.64 21.08 7.70
C ALA E 63 16.33 22.51 8.12
N ASN E 64 16.74 22.91 9.32
CA ASN E 64 16.69 24.27 9.85
C ASN E 64 15.30 24.65 10.35
N ASP E 65 14.32 23.75 10.36
CA ASP E 65 12.96 24.12 10.73
C ASP E 65 12.58 23.60 12.13
N VAL E 66 11.50 24.17 12.65
CA VAL E 66 10.82 23.71 13.85
C VAL E 66 9.37 23.44 13.50
N ARG E 67 8.83 22.32 13.98
CA ARG E 67 7.46 21.95 13.70
C ARG E 67 6.68 21.69 14.98
N CYS E 68 5.37 21.85 14.89
CA CYS E 68 4.45 21.61 15.99
C CYS E 68 3.28 20.78 15.49
N TRP E 69 2.99 19.67 16.18
CA TRP E 69 1.83 18.84 15.90
C TRP E 69 0.92 18.83 17.12
N GLU E 70 -0.38 18.70 16.86
CA GLU E 70 -1.31 18.34 17.92
C GLU E 70 -1.45 16.82 17.92
N VAL E 71 -1.20 16.21 19.08
CA VAL E 71 -1.41 14.79 19.26
C VAL E 71 -2.79 14.61 19.87
N GLN E 72 -3.60 13.77 19.23
CA GLN E 72 -4.96 13.48 19.68
C GLN E 72 -5.04 12.15 20.40
N ASP E 73 -6.10 11.99 21.21
CA ASP E 73 -6.33 10.75 21.93
C ASP E 73 -6.50 9.58 20.99
N SER E 74 -7.04 9.82 19.79
CA SER E 74 -7.12 8.77 18.80
C SER E 74 -5.73 8.25 18.48
N GLY E 75 -4.72 8.96 18.94
CA GLY E 75 -3.34 8.62 18.71
C GLY E 75 -2.66 9.40 17.63
N GLN E 76 -3.35 10.31 16.96
CA GLN E 76 -2.91 10.54 15.60
C GLN E 76 -2.82 12.05 15.43
N THR E 77 -1.98 12.51 14.51
CA THR E 77 -1.27 13.77 14.70
C THR E 77 -1.61 14.80 13.62
N ILE E 78 -1.85 16.04 14.04
CA ILE E 78 -2.26 17.15 13.17
C ILE E 78 -1.15 18.19 13.10
N PRO E 79 -0.55 18.43 11.93
CA PRO E 79 0.42 19.53 11.77
C PRO E 79 -0.21 20.88 12.09
N LYS E 80 0.39 21.59 13.05
CA LYS E 80 -0.19 22.82 13.59
C LYS E 80 0.49 24.09 13.08
N ALA E 81 1.81 24.17 13.14
CA ALA E 81 2.53 25.36 12.70
C ALA E 81 3.98 24.98 12.49
N GLN E 82 4.69 25.86 11.81
CA GLN E 82 6.09 25.62 11.47
C GLN E 82 6.83 26.95 11.55
N GLN E 83 8.08 26.91 12.00
CA GLN E 83 8.97 28.08 11.95
C GLN E 83 10.32 27.69 11.35
N MET E 84 11.11 28.70 10.99
CA MET E 84 12.42 28.48 10.37
C MET E 84 13.54 29.28 11.00
N HIS E 85 14.63 28.58 11.30
CA HIS E 85 15.91 29.20 11.56
C HIS E 85 16.73 29.18 10.26
N THR E 86 17.93 29.71 10.31
CA THR E 86 18.87 29.62 9.20
C THR E 86 19.96 28.59 9.46
N GLY E 87 19.83 27.82 10.53
CA GLY E 87 20.71 26.73 10.80
C GLY E 87 19.94 25.62 11.48
N PRO E 88 20.58 24.45 11.63
CA PRO E 88 19.89 23.31 12.25
C PRO E 88 19.45 23.63 13.66
N VAL E 89 18.29 23.11 14.06
CA VAL E 89 17.71 23.38 15.36
C VAL E 89 18.14 22.28 16.33
N LEU E 90 18.91 22.65 17.33
CA LEU E 90 19.52 21.70 18.27
C LEU E 90 18.69 21.47 19.53
N ASP E 91 17.80 22.37 19.92
CA ASP E 91 17.06 22.14 21.14
C ASP E 91 15.79 22.96 21.09
N VAL E 92 14.78 22.48 21.83
CA VAL E 92 13.52 23.19 21.96
C VAL E 92 12.97 22.92 23.36
N CYS E 93 12.11 23.83 23.82
CA CYS E 93 11.39 23.66 25.08
C CYS E 93 10.21 24.61 25.08
N TRP E 94 9.36 24.48 26.09
CA TRP E 94 8.12 25.24 26.23
C TRP E 94 8.20 26.18 27.41
N SER E 95 7.40 27.24 27.34
CA SER E 95 7.21 28.06 28.54
C SER E 95 6.22 27.35 29.47
N ASP E 96 6.27 27.72 30.74
CA ASP E 96 5.50 26.97 31.73
C ASP E 96 4.00 27.11 31.51
N ASP E 97 3.54 28.22 30.91
CA ASP E 97 2.13 28.37 30.63
C ASP E 97 1.73 27.82 29.26
N GLY E 98 2.65 27.21 28.53
CA GLY E 98 2.31 26.60 27.27
C GLY E 98 2.07 27.55 26.11
N SER E 99 2.32 28.84 26.30
CA SER E 99 2.04 29.82 25.26
C SER E 99 3.23 30.14 24.38
N LYS E 100 4.44 29.85 24.84
CA LYS E 100 5.64 30.11 24.05
C LYS E 100 6.40 28.81 23.80
N VAL E 101 7.00 28.71 22.61
CA VAL E 101 7.97 27.67 22.30
C VAL E 101 9.30 28.38 22.05
N PHE E 102 10.37 27.86 22.66
CA PHE E 102 11.69 28.43 22.49
C PHE E 102 12.54 27.47 21.69
N THR E 103 13.34 28.02 20.78
CA THR E 103 14.05 27.23 19.78
C THR E 103 15.49 27.70 19.76
N ALA E 104 16.42 26.74 19.73
CA ALA E 104 17.84 27.02 19.74
C ALA E 104 18.46 26.42 18.49
N SER E 105 19.38 27.15 17.87
CA SER E 105 19.83 26.78 16.55
C SER E 105 21.33 26.98 16.36
N CYS E 106 21.85 26.26 15.36
CA CYS E 106 23.22 26.48 14.91
C CYS E 106 23.45 27.87 14.34
N ASP E 107 22.39 28.63 14.04
CA ASP E 107 22.65 29.99 13.56
C ASP E 107 23.07 30.94 14.67
N LYS E 108 23.38 30.43 15.87
CA LYS E 108 23.89 31.21 16.99
C LYS E 108 22.80 32.05 17.69
N THR E 109 21.52 31.80 17.43
CA THR E 109 20.43 32.55 18.04
C THR E 109 19.43 31.58 18.66
N ALA E 110 18.53 32.16 19.44
CA ALA E 110 17.34 31.47 19.90
C ALA E 110 16.13 32.38 19.69
N LYS E 111 14.98 31.77 19.42
CA LYS E 111 13.76 32.50 19.16
C LYS E 111 12.68 32.14 20.17
N MET E 112 11.72 33.04 20.32
CA MET E 112 10.49 32.78 21.05
C MET E 112 9.33 32.74 20.07
N TRP E 113 8.56 31.66 20.13
CA TRP E 113 7.53 31.34 19.15
C TRP E 113 6.18 31.35 19.86
N ASP E 114 5.35 32.35 19.56
CA ASP E 114 4.01 32.42 20.11
C ASP E 114 3.06 31.64 19.21
N LEU E 115 2.45 30.58 19.74
CA LEU E 115 1.63 29.72 18.90
C LEU E 115 0.33 30.41 18.50
N SER E 116 -0.31 31.15 19.41
CA SER E 116 -1.59 31.76 19.09
C SER E 116 -1.51 32.62 17.85
N SER E 117 -0.39 33.31 17.66
CA SER E 117 -0.14 34.16 16.51
C SER E 117 0.79 33.56 15.46
N ASN E 118 1.40 32.40 15.71
CA ASN E 118 2.33 31.77 14.77
C ASN E 118 3.54 32.64 14.41
N GLN E 119 4.11 33.25 15.41
CA GLN E 119 4.82 34.50 15.36
C GLN E 119 6.08 34.26 16.19
N ALA E 120 7.27 34.50 15.61
CA ALA E 120 8.51 34.23 16.32
C ALA E 120 9.50 35.39 16.23
N ILE E 121 10.19 35.67 17.34
CA ILE E 121 11.19 36.74 17.42
C ILE E 121 12.45 36.21 18.08
N GLN E 122 13.59 36.80 17.70
CA GLN E 122 14.85 36.45 18.36
C GLN E 122 14.84 36.96 19.80
N ILE E 123 15.27 36.12 20.73
CA ILE E 123 15.39 36.51 22.14
C ILE E 123 16.77 36.24 22.70
N ALA E 124 17.69 35.66 21.91
CA ALA E 124 19.00 35.33 22.43
C ALA E 124 20.01 35.34 21.29
N GLN E 125 21.25 35.65 21.63
CA GLN E 125 22.32 35.71 20.64
C GLN E 125 23.61 35.20 21.26
N HIS E 126 24.27 34.29 20.56
CA HIS E 126 25.57 33.74 20.97
C HIS E 126 26.57 33.92 19.83
N ASP E 127 27.84 33.59 20.13
CA ASP E 127 28.90 33.66 19.14
C ASP E 127 29.16 32.32 18.46
N ALA E 128 28.33 31.32 18.73
CA ALA E 128 28.47 29.99 18.18
C ALA E 128 27.13 29.29 18.32
N PRO E 129 26.97 28.11 17.71
CA PRO E 129 25.68 27.42 17.82
C PRO E 129 25.19 27.31 19.25
N VAL E 130 23.87 27.25 19.40
CA VAL E 130 23.19 27.20 20.69
C VAL E 130 22.68 25.79 20.87
N LYS E 131 23.29 25.06 21.80
CA LYS E 131 23.05 23.63 21.96
C LYS E 131 21.86 23.31 22.86
N THR E 132 21.66 24.09 23.91
CA THR E 132 20.61 23.80 24.88
C THR E 132 19.76 25.05 25.11
N ILE E 133 18.50 24.81 25.40
CA ILE E 133 17.61 25.89 25.79
C ILE E 133 16.62 25.37 26.84
N HIS E 134 16.35 26.19 27.86
CA HIS E 134 15.47 25.82 28.95
C HIS E 134 14.74 27.04 29.50
N TRP E 135 13.55 26.78 30.02
CA TRP E 135 12.71 27.77 30.69
C TRP E 135 12.82 27.59 32.20
N ILE E 136 13.12 28.67 32.92
CA ILE E 136 13.22 28.64 34.37
C ILE E 136 12.09 29.45 34.97
N LYS E 137 11.08 28.78 35.55
CA LYS E 137 10.05 29.49 36.30
C LYS E 137 10.41 29.36 37.76
N ALA E 138 10.86 30.46 38.35
CA ALA E 138 11.22 30.54 39.74
C ALA E 138 10.19 31.38 40.51
N PRO E 139 10.11 31.20 41.83
CA PRO E 139 9.17 32.02 42.64
C PRO E 139 9.26 33.52 42.40
N ASN E 140 10.46 34.04 42.11
CA ASN E 140 10.67 35.47 41.93
C ASN E 140 11.19 35.89 40.55
N TYR E 141 11.35 34.97 39.59
CA TYR E 141 11.72 35.39 38.24
C TYR E 141 11.41 34.29 37.23
N SER E 142 11.46 34.68 35.96
CA SER E 142 11.33 33.76 34.83
C SER E 142 12.35 34.15 33.76
N CYS E 143 12.99 33.16 33.15
CA CYS E 143 13.92 33.47 32.08
C CYS E 143 14.17 32.23 31.24
N VAL E 144 14.80 32.46 30.09
CA VAL E 144 15.27 31.40 29.22
C VAL E 144 16.76 31.23 29.48
N MET E 145 17.20 29.98 29.65
CA MET E 145 18.62 29.63 29.73
C MET E 145 19.08 29.08 28.39
N THR E 146 20.18 29.61 27.85
CA THR E 146 20.76 29.09 26.61
C THR E 146 22.20 28.68 26.88
N GLY E 147 22.57 27.50 26.39
CA GLY E 147 23.94 27.03 26.48
C GLY E 147 24.51 26.83 25.08
N SER E 148 25.75 27.28 24.88
CA SER E 148 26.29 27.42 23.54
C SER E 148 27.71 26.86 23.46
N TRP E 149 28.09 26.52 22.22
CA TRP E 149 29.46 26.15 21.94
C TRP E 149 30.41 27.33 22.01
N ASP E 150 29.92 28.55 22.25
CA ASP E 150 30.81 29.66 22.59
C ASP E 150 31.22 29.64 24.07
N LYS E 151 30.95 28.54 24.76
CA LYS E 151 31.35 28.35 26.18
C LYS E 151 30.65 29.35 27.10
N THR E 152 29.43 29.75 26.79
CA THR E 152 28.69 30.59 27.72
C THR E 152 27.34 29.95 28.01
N LEU E 153 26.82 30.33 29.15
CA LEU E 153 25.47 30.01 29.59
C LEU E 153 24.83 31.37 29.82
N LYS E 154 23.73 31.65 29.13
CA LYS E 154 23.12 32.97 29.19
C LYS E 154 21.65 32.84 29.58
N PHE E 155 21.12 33.92 30.16
CA PHE E 155 19.77 33.95 30.70
C PHE E 155 19.06 35.21 30.21
N TRP E 156 17.86 35.04 29.68
CA TRP E 156 17.19 36.09 28.91
C TRP E 156 15.76 36.24 29.40
N ASP E 157 15.31 37.49 29.53
CA ASP E 157 13.95 37.76 29.98
C ASP E 157 12.92 37.76 28.84
N THR E 158 13.31 37.56 27.59
CA THR E 158 12.47 37.58 26.40
C THR E 158 11.91 38.95 26.05
N ARG E 159 12.38 40.02 26.69
CA ARG E 159 12.00 41.38 26.30
C ARG E 159 13.20 42.21 25.87
N SER E 160 14.26 42.24 26.69
CA SER E 160 15.45 42.98 26.33
C SER E 160 16.35 42.11 25.45
N SER E 161 17.06 42.77 24.53
CA SER E 161 18.05 42.09 23.72
C SER E 161 19.36 41.87 24.46
N ASN E 162 19.57 42.53 25.60
CA ASN E 162 20.75 42.29 26.43
C ASN E 162 20.47 41.12 27.38
N PRO E 163 21.38 40.17 27.52
CA PRO E 163 21.15 39.08 28.46
C PRO E 163 21.01 39.60 29.89
N MET E 164 20.06 39.01 30.61
CA MET E 164 19.97 39.21 32.05
C MET E 164 21.25 38.76 32.76
N MET E 165 21.90 37.70 32.27
CA MET E 165 23.06 37.11 32.93
C MET E 165 23.90 36.34 31.92
N VAL E 166 25.21 36.42 32.05
CA VAL E 166 26.12 35.60 31.28
C VAL E 166 27.07 34.93 32.24
N LEU E 167 27.14 33.60 32.18
CA LEU E 167 28.09 32.82 32.97
C LEU E 167 29.03 32.10 32.02
N GLN E 168 30.29 32.05 32.40
CA GLN E 168 31.31 31.36 31.63
C GLN E 168 31.23 29.86 31.92
N LEU E 169 31.25 29.08 30.88
CA LEU E 169 31.39 27.64 31.04
C LEU E 169 32.84 27.24 30.86
N PRO E 170 33.28 26.11 31.43
CA PRO E 170 34.68 25.69 31.22
C PRO E 170 34.94 25.09 29.85
N GLU E 171 33.91 24.83 29.05
CA GLU E 171 34.06 24.30 27.70
C GLU E 171 32.71 24.41 27.01
N ARG E 172 32.69 23.95 25.76
CA ARG E 172 31.48 24.01 24.94
C ARG E 172 30.32 23.25 25.57
N CYS E 173 29.15 23.88 25.60
CA CYS E 173 28.00 23.24 26.23
C CYS E 173 27.53 22.08 25.36
N TYR E 174 27.34 20.90 25.97
CA TYR E 174 26.92 19.73 25.18
C TYR E 174 25.51 19.25 25.48
N CYS E 175 25.05 19.36 26.73
CA CYS E 175 23.66 19.05 27.10
C CYS E 175 23.39 19.66 28.47
N ALA E 176 22.11 19.81 28.79
CA ALA E 176 21.73 20.44 30.05
C ALA E 176 20.31 20.02 30.43
N ASP E 177 19.96 20.26 31.69
CA ASP E 177 18.61 20.02 32.13
C ASP E 177 18.30 21.00 33.27
N VAL E 178 17.01 21.25 33.49
CA VAL E 178 16.55 22.15 34.53
C VAL E 178 15.30 21.58 35.19
N ILE E 179 15.33 21.50 36.50
CA ILE E 179 14.14 21.36 37.33
C ILE E 179 14.41 22.28 38.51
N TYR E 180 13.74 23.44 38.55
CA TYR E 180 13.98 24.39 39.62
C TYR E 180 13.91 23.66 40.96
N PRO E 181 14.84 23.91 41.90
CA PRO E 181 15.89 24.93 41.82
C PRO E 181 17.25 24.44 41.30
N MET E 182 17.29 23.36 40.53
CA MET E 182 18.54 22.82 40.01
C MET E 182 18.68 22.96 38.50
N ALA E 183 19.90 23.21 38.05
CA ALA E 183 20.31 23.02 36.67
C ALA E 183 21.60 22.22 36.66
N VAL E 184 21.76 21.38 35.64
CA VAL E 184 23.02 20.68 35.41
C VAL E 184 23.41 20.90 33.96
N VAL E 185 24.70 21.17 33.73
CA VAL E 185 25.24 21.36 32.40
C VAL E 185 26.46 20.46 32.23
N ALA E 186 26.60 19.85 31.06
CA ALA E 186 27.79 19.06 30.79
C ALA E 186 28.45 19.60 29.54
N THR E 187 29.77 19.63 29.54
CA THR E 187 30.50 20.25 28.44
C THR E 187 31.55 19.29 27.86
N ALA E 188 32.20 19.75 26.79
CA ALA E 188 33.35 19.03 26.26
C ALA E 188 34.39 18.85 27.35
N GLU E 189 35.30 17.90 27.14
CA GLU E 189 36.34 17.53 28.10
C GLU E 189 35.71 17.08 29.42
N ARG E 190 34.54 16.46 29.33
CA ARG E 190 33.88 15.82 30.45
C ARG E 190 33.56 16.80 31.58
N GLY E 191 33.38 18.07 31.24
CA GLY E 191 32.93 19.03 32.23
C GLY E 191 31.49 18.78 32.65
N LEU E 192 31.22 19.05 33.92
CA LEU E 192 29.93 18.75 34.54
C LEU E 192 29.70 19.72 35.70
N ILE E 193 28.68 20.56 35.61
CA ILE E 193 28.48 21.59 36.61
C ILE E 193 27.01 21.64 36.99
N VAL E 194 26.75 21.66 38.29
CA VAL E 194 25.41 21.82 38.84
C VAL E 194 25.23 23.26 39.27
N TYR E 195 24.06 23.83 38.99
CA TYR E 195 23.72 25.20 39.32
C TYR E 195 22.54 25.23 40.26
N GLN E 196 22.53 26.19 41.16
CA GLN E 196 21.33 26.44 41.95
C GLN E 196 20.62 27.68 41.43
N LEU E 197 19.29 27.70 41.56
CA LEU E 197 18.47 28.68 40.90
C LEU E 197 17.68 29.59 41.84
N GLU E 198 17.81 29.42 43.15
CA GLU E 198 17.09 30.28 44.08
C GLU E 198 17.59 31.72 43.95
N ASN E 199 16.65 32.66 43.78
CA ASN E 199 16.92 34.09 43.65
C ASN E 199 17.63 34.46 42.34
N GLN E 200 18.69 33.77 42.01
CA GLN E 200 19.49 34.08 40.83
C GLN E 200 20.34 32.87 40.49
N PRO E 201 20.42 32.45 39.24
CA PRO E 201 21.26 31.30 38.91
C PRO E 201 22.70 31.55 39.36
N SER E 202 23.32 30.53 39.92
CA SER E 202 24.71 30.63 40.29
C SER E 202 25.32 29.22 40.34
N GLU E 203 26.63 29.17 40.06
CA GLU E 203 27.34 27.92 40.15
C GLU E 203 27.21 27.36 41.55
N PHE E 204 26.83 26.09 41.64
CA PHE E 204 26.73 25.39 42.90
C PHE E 204 27.85 24.38 43.10
N ARG E 205 28.16 23.56 42.10
CA ARG E 205 29.20 22.55 42.24
C ARG E 205 29.71 22.02 40.91
N ARG E 206 31.02 22.01 40.77
CA ARG E 206 31.67 21.37 39.63
C ARG E 206 31.98 19.94 40.03
N ILE E 207 31.42 18.98 39.31
CA ILE E 207 31.50 17.57 39.67
C ILE E 207 32.52 16.88 38.78
N GLU E 208 33.44 16.16 39.41
CA GLU E 208 34.30 15.26 38.65
C GLU E 208 33.47 14.16 38.00
N SER E 209 33.54 14.04 36.69
CA SER E 209 32.61 13.18 35.97
C SER E 209 32.82 11.70 36.29
N PRO E 210 31.75 10.95 36.53
CA PRO E 210 31.88 9.50 36.70
C PRO E 210 32.03 8.72 35.39
N LEU E 211 31.97 9.39 34.24
CA LEU E 211 32.08 8.75 32.95
C LEU E 211 33.42 9.12 32.34
N LYS E 212 34.01 8.19 31.62
CA LYS E 212 35.34 8.40 31.10
C LYS E 212 35.33 8.82 29.64
N HIS E 213 34.16 8.97 29.03
CA HIS E 213 34.09 9.41 27.66
C HIS E 213 33.10 10.54 27.49
N GLN E 214 33.20 11.17 26.31
CA GLN E 214 32.41 12.32 25.89
C GLN E 214 30.96 12.23 26.36
N HIS E 215 30.52 13.25 27.10
CA HIS E 215 29.13 13.36 27.54
C HIS E 215 28.23 13.70 26.38
N ARG E 216 26.96 13.17 26.41
CA ARG E 216 25.99 13.48 25.35
C ARG E 216 24.61 13.90 25.83
N CYS E 217 24.11 13.31 26.91
CA CYS E 217 22.76 13.65 27.36
C CYS E 217 22.68 13.54 28.88
N VAL E 218 21.72 14.26 29.44
CA VAL E 218 21.61 14.36 30.89
C VAL E 218 20.17 14.68 31.27
N ALA E 219 19.69 14.09 32.36
CA ALA E 219 18.33 14.34 32.82
C ALA E 219 18.30 14.30 34.34
N ILE E 220 17.66 15.30 34.94
CA ILE E 220 17.57 15.39 36.39
C ILE E 220 16.44 14.49 36.86
N PHE E 221 16.63 13.84 38.00
CA PHE E 221 15.52 13.10 38.60
C PHE E 221 15.26 13.63 40.00
N LYS E 222 14.13 13.24 40.56
CA LYS E 222 13.63 13.83 41.80
C LYS E 222 13.48 12.77 42.88
N ASP E 223 13.46 13.21 44.14
CA ASP E 223 13.27 12.26 45.25
C ASP E 223 11.77 12.01 45.46
N LYS E 224 11.44 11.27 46.52
CA LYS E 224 10.06 10.84 46.72
C LYS E 224 9.15 12.02 47.09
N GLN E 225 9.72 13.13 47.58
CA GLN E 225 8.97 14.34 47.88
C GLN E 225 9.01 15.34 46.72
N ASN E 226 9.46 14.90 45.55
CA ASN E 226 9.53 15.70 44.32
C ASN E 226 10.68 16.71 44.34
N LYS E 227 11.61 16.63 45.29
CA LYS E 227 12.76 17.53 45.25
C LYS E 227 13.80 16.99 44.27
N PRO E 228 14.35 17.83 43.38
CA PRO E 228 15.48 17.36 42.55
C PRO E 228 16.64 16.92 43.43
N THR E 229 17.18 15.74 43.14
CA THR E 229 18.17 15.13 44.00
C THR E 229 19.35 14.53 43.26
N GLY E 230 19.31 14.49 41.93
CA GLY E 230 20.40 13.93 41.17
C GLY E 230 20.11 13.97 39.69
N PHE E 231 21.01 13.38 38.91
CA PHE E 231 20.81 13.35 37.47
C PHE E 231 21.36 12.06 36.88
N ALA E 232 20.92 11.74 35.66
CA ALA E 232 21.49 10.65 34.88
C ALA E 232 22.26 11.26 33.73
N LEU E 233 23.42 10.68 33.46
CA LEU E 233 24.35 11.24 32.49
C LEU E 233 24.77 10.12 31.54
N GLY E 234 24.63 10.38 30.25
CA GLY E 234 24.97 9.41 29.21
C GLY E 234 26.20 9.86 28.46
N SER E 235 27.04 8.91 28.08
CA SER E 235 28.26 9.17 27.34
C SER E 235 28.15 8.57 25.94
N ILE E 236 29.18 8.79 25.11
CA ILE E 236 29.21 8.15 23.80
C ILE E 236 29.59 6.69 23.86
N GLU E 237 29.80 6.12 25.05
CA GLU E 237 30.43 4.82 25.22
C GLU E 237 29.49 3.80 25.85
N GLY E 238 28.22 3.80 25.46
CA GLY E 238 27.28 2.82 25.97
C GLY E 238 27.25 2.70 27.48
N ARG E 239 27.04 3.83 28.15
CA ARG E 239 27.13 3.86 29.61
C ARG E 239 26.32 5.03 30.13
N VAL E 240 25.63 4.83 31.24
CA VAL E 240 24.90 5.90 31.90
C VAL E 240 25.28 5.93 33.36
N ALA E 241 25.55 7.13 33.88
CA ALA E 241 25.89 7.30 35.29
C ALA E 241 24.68 7.84 36.05
N ILE E 242 24.47 7.31 37.26
CA ILE E 242 23.49 7.81 38.22
C ILE E 242 24.27 8.53 39.31
N HIS E 243 23.96 9.81 39.50
CA HIS E 243 24.68 10.65 40.45
C HIS E 243 23.69 11.38 41.38
N TYR E 244 23.69 11.01 42.65
CA TYR E 244 22.99 11.78 43.67
C TYR E 244 23.87 12.94 44.08
N ILE E 245 23.24 14.09 44.29
CA ILE E 245 23.99 15.27 44.71
C ILE E 245 24.63 15.06 46.08
N ASN E 246 23.85 14.54 47.04
CA ASN E 246 24.28 14.48 48.44
C ASN E 246 23.85 13.20 49.13
N PRO E 247 24.27 12.03 48.65
CA PRO E 247 23.87 10.77 49.30
C PRO E 247 24.72 10.50 50.53
N PRO E 248 24.28 9.61 51.42
CA PRO E 248 25.15 9.24 52.56
C PRO E 248 26.41 8.47 52.18
N ASN E 249 26.37 7.60 51.16
CA ASN E 249 27.53 6.80 50.75
C ASN E 249 27.72 6.86 49.26
N PRO E 250 28.34 7.95 48.76
CA PRO E 250 28.46 8.14 47.30
C PRO E 250 29.14 6.97 46.60
N ALA E 251 30.13 6.34 47.22
CA ALA E 251 30.79 5.21 46.59
C ALA E 251 29.77 4.13 46.25
N LYS E 252 28.79 3.91 47.12
CA LYS E 252 27.73 2.92 46.97
C LYS E 252 26.51 3.48 46.25
N ASP E 253 26.16 4.73 46.51
CA ASP E 253 24.87 5.24 46.05
C ASP E 253 24.92 5.72 44.60
N ASN E 254 26.08 6.19 44.15
CA ASN E 254 26.30 6.53 42.76
C ASN E 254 26.86 5.31 42.00
N PHE E 255 26.45 5.14 40.75
CA PHE E 255 26.91 4.00 39.96
C PHE E 255 26.70 4.26 38.48
N THR E 256 27.36 3.45 37.66
CA THR E 256 27.22 3.50 36.21
C THR E 256 26.81 2.13 35.69
N PHE E 257 26.05 2.11 34.60
CA PHE E 257 25.63 0.86 34.00
C PHE E 257 25.80 0.89 32.49
N LYS E 258 26.03 -0.29 31.91
CA LYS E 258 26.24 -0.42 30.47
C LYS E 258 24.90 -0.54 29.74
N CYS E 259 24.83 0.03 28.54
CA CYS E 259 23.60 0.05 27.77
C CYS E 259 23.92 0.32 26.30
N HIS E 260 22.94 0.08 25.45
CA HIS E 260 23.05 0.34 24.01
C HIS E 260 24.31 -0.26 23.43
N ARG E 261 24.49 -1.55 23.73
CA ARG E 261 25.55 -2.36 23.21
C ARG E 261 24.94 -3.56 22.50
N SER E 262 25.63 -4.04 21.50
CA SER E 262 25.16 -5.19 20.76
C SER E 262 25.23 -6.44 21.64
N ASN E 263 24.22 -7.29 21.50
CA ASN E 263 24.14 -8.51 22.27
C ASN E 263 25.16 -9.49 21.72
N SER E 268 29.98 -14.19 19.09
CA SER E 268 29.98 -14.16 17.64
C SER E 268 31.10 -13.27 17.06
N ALA E 269 30.82 -11.98 16.94
CA ALA E 269 31.68 -10.86 16.55
C ALA E 269 31.97 -9.96 17.75
N PRO E 270 32.99 -9.10 17.67
CA PRO E 270 33.25 -8.20 18.80
C PRO E 270 32.02 -7.39 19.12
N GLN E 271 31.89 -7.00 20.38
CA GLN E 271 30.69 -6.28 20.81
C GLN E 271 30.75 -4.84 20.33
N ASP E 272 29.66 -4.39 19.74
CA ASP E 272 29.55 -3.01 19.30
C ASP E 272 29.06 -2.15 20.46
N ILE E 273 29.72 -1.02 20.68
CA ILE E 273 29.36 -0.04 21.70
C ILE E 273 28.83 1.19 20.96
N TYR E 274 27.62 1.62 21.28
CA TYR E 274 27.03 2.79 20.62
C TYR E 274 26.81 3.92 21.62
N ALA E 275 26.73 5.12 21.08
CA ALA E 275 26.55 6.31 21.90
C ALA E 275 25.12 6.36 22.44
N VAL E 276 25.00 6.88 23.66
CA VAL E 276 23.70 7.15 24.28
C VAL E 276 23.25 8.53 23.81
N ASN E 277 22.07 8.59 23.21
CA ASN E 277 21.65 9.82 22.57
C ASN E 277 20.70 10.67 23.41
N GLY E 278 19.84 10.05 24.21
CA GLY E 278 18.91 10.80 25.03
C GLY E 278 18.53 10.03 26.28
N ILE E 279 18.16 10.77 27.32
CA ILE E 279 17.61 10.18 28.54
C ILE E 279 16.43 11.01 28.98
N ALA E 280 15.38 10.35 29.43
CA ALA E 280 14.26 11.09 29.99
C ALA E 280 13.64 10.26 31.10
N PHE E 281 13.17 10.95 32.14
CA PHE E 281 12.53 10.30 33.26
C PHE E 281 11.01 10.32 33.10
N HIS E 282 10.36 9.22 33.44
CA HIS E 282 8.92 9.18 33.42
C HIS E 282 8.39 10.13 34.48
N PRO E 283 7.54 11.09 34.13
CA PRO E 283 7.20 12.14 35.11
C PRO E 283 6.43 11.61 36.29
N VAL E 284 5.80 10.45 36.21
CA VAL E 284 5.08 9.89 37.35
C VAL E 284 5.85 8.74 37.99
N HIS E 285 6.48 7.85 37.19
CA HIS E 285 7.05 6.63 37.76
C HIS E 285 8.49 6.80 38.25
N GLY E 286 9.20 7.86 37.84
CA GLY E 286 10.55 8.03 38.27
C GLY E 286 11.54 7.08 37.66
N THR E 287 11.09 6.12 36.85
CA THR E 287 11.92 5.31 35.98
C THR E 287 12.38 6.15 34.79
N LEU E 288 13.29 5.61 33.97
CA LEU E 288 13.85 6.40 32.90
C LEU E 288 13.99 5.59 31.62
N ALA E 289 14.02 6.30 30.50
CA ALA E 289 14.22 5.73 29.19
C ALA E 289 15.53 6.26 28.59
N THR E 290 16.19 5.42 27.83
CA THR E 290 17.38 5.81 27.09
C THR E 290 17.21 5.46 25.62
N VAL E 291 17.79 6.24 24.75
CA VAL E 291 17.76 5.94 23.32
C VAL E 291 19.18 6.06 22.79
N GLY E 292 19.57 5.15 21.90
CA GLY E 292 20.96 5.01 21.52
C GLY E 292 21.19 5.01 20.03
N SER E 293 22.47 5.20 19.67
CA SER E 293 22.96 5.09 18.29
C SER E 293 22.76 3.70 17.70
N ASP E 294 22.43 2.72 18.52
CA ASP E 294 22.18 1.36 18.09
C ASP E 294 20.77 1.18 17.57
N GLY E 295 20.00 2.24 17.47
CA GLY E 295 18.64 2.10 16.97
C GLY E 295 17.69 1.44 17.94
N ARG E 296 17.96 1.54 19.23
CA ARG E 296 17.14 0.94 20.26
C ARG E 296 16.79 1.94 21.35
N PHE E 297 15.64 1.72 21.97
CA PHE E 297 15.33 2.37 23.24
C PHE E 297 15.25 1.31 24.33
N SER E 298 15.60 1.72 25.55
CA SER E 298 15.58 0.84 26.71
C SER E 298 14.93 1.58 27.87
N PHE E 299 14.20 0.84 28.70
CA PHE E 299 13.55 1.38 29.89
C PHE E 299 14.23 0.82 31.13
N TRP E 300 14.44 1.67 32.14
CA TRP E 300 15.24 1.32 33.31
C TRP E 300 14.62 1.84 34.61
N ASP E 301 14.90 1.12 35.70
CA ASP E 301 14.59 1.50 37.08
C ASP E 301 15.92 1.65 37.82
N LYS E 302 16.29 2.90 38.15
CA LYS E 302 17.58 3.19 38.78
C LYS E 302 17.62 2.93 40.27
N ASP E 303 16.48 2.61 40.88
CA ASP E 303 16.53 2.25 42.30
C ASP E 303 16.69 0.75 42.46
N ALA E 304 15.86 -0.04 41.76
CA ALA E 304 16.08 -1.47 41.72
C ALA E 304 17.33 -1.86 40.93
N ARG E 305 17.87 -0.94 40.13
CA ARG E 305 19.01 -1.18 39.25
C ARG E 305 18.72 -2.30 38.26
N THR E 306 17.63 -2.12 37.51
CA THR E 306 17.16 -3.14 36.60
C THR E 306 16.84 -2.55 35.23
N LYS E 307 16.75 -3.43 34.24
CA LYS E 307 16.37 -3.07 32.88
C LYS E 307 14.96 -3.58 32.63
N LEU E 308 14.04 -2.67 32.36
CA LEU E 308 12.65 -3.04 32.21
C LEU E 308 12.28 -3.49 30.80
N LYS E 309 13.00 -3.00 29.78
CA LYS E 309 12.69 -3.39 28.41
C LYS E 309 13.81 -2.90 27.51
N THR E 310 14.01 -3.64 26.42
CA THR E 310 14.77 -3.14 25.28
C THR E 310 13.96 -3.36 24.01
N SER E 311 13.97 -2.37 23.14
CA SER E 311 13.17 -2.42 21.93
C SER E 311 13.81 -3.30 20.88
N GLU E 312 13.04 -3.63 19.85
CA GLU E 312 13.63 -4.13 18.63
C GLU E 312 14.52 -3.05 18.00
N GLN E 313 15.43 -3.48 17.13
CA GLN E 313 16.39 -2.55 16.52
C GLN E 313 15.78 -1.84 15.31
N LEU E 314 15.90 -0.52 15.28
CA LEU E 314 15.45 0.20 14.11
C LEU E 314 16.55 0.22 13.04
N ASP E 315 16.18 0.57 11.80
CA ASP E 315 17.19 0.53 10.75
C ASP E 315 18.15 1.73 10.79
N GLN E 316 17.99 2.66 11.72
CA GLN E 316 18.94 3.75 11.88
C GLN E 316 18.87 4.18 13.34
N PRO E 317 19.81 5.03 13.80
CA PRO E 317 19.81 5.44 15.22
C PRO E 317 18.53 6.14 15.67
N ILE E 318 18.24 6.04 16.96
CA ILE E 318 17.20 6.86 17.58
C ILE E 318 17.89 8.09 18.16
N SER E 319 17.52 9.27 17.67
CA SER E 319 18.31 10.47 17.87
C SER E 319 17.83 11.32 19.05
N ALA E 320 16.59 11.14 19.50
CA ALA E 320 16.00 11.98 20.53
C ALA E 320 14.73 11.31 21.04
N CYS E 321 14.30 11.73 22.23
CA CYS E 321 13.06 11.20 22.80
C CYS E 321 12.54 12.18 23.85
N CYS E 322 11.32 11.92 24.31
CA CYS E 322 10.76 12.66 25.44
C CYS E 322 9.41 12.03 25.79
N PHE E 323 8.91 12.41 26.96
CA PHE E 323 7.59 12.03 27.44
C PHE E 323 6.65 13.23 27.37
N ASN E 324 5.36 12.96 27.29
CA ASN E 324 4.39 14.03 27.40
C ASN E 324 4.16 14.35 28.88
N HIS E 325 3.22 15.26 29.14
CA HIS E 325 3.20 15.87 30.47
C HIS E 325 2.86 14.86 31.56
N ASN E 326 1.95 13.93 31.30
CA ASN E 326 1.62 12.93 32.31
C ASN E 326 2.38 11.62 32.10
N GLY E 327 3.17 11.50 31.03
CA GLY E 327 3.95 10.31 30.78
C GLY E 327 3.24 9.20 30.02
N ASN E 328 1.99 9.41 29.60
CA ASN E 328 1.28 8.37 28.86
C ASN E 328 1.82 8.17 27.45
N ILE E 329 2.57 9.15 26.92
CA ILE E 329 3.13 9.10 25.57
C ILE E 329 4.64 9.17 25.67
N PHE E 330 5.30 8.20 25.06
CA PHE E 330 6.74 8.24 24.85
C PHE E 330 7.00 8.47 23.37
N ALA E 331 7.75 9.54 23.05
CA ALA E 331 8.05 9.90 21.68
C ALA E 331 9.52 9.69 21.44
N TYR E 332 9.86 9.04 20.32
CA TYR E 332 11.25 8.84 19.93
C TYR E 332 11.37 9.06 18.43
N ALA E 333 12.55 9.51 18.01
CA ALA E 333 12.81 9.90 16.63
C ALA E 333 13.82 8.96 15.97
N SER E 334 13.49 8.51 14.76
CA SER E 334 14.37 7.66 13.95
C SER E 334 15.13 8.57 12.98
N SER E 335 16.42 8.79 13.24
CA SER E 335 17.22 9.70 12.43
C SER E 335 18.68 9.35 12.54
N TYR E 336 19.41 9.59 11.46
CA TYR E 336 20.86 9.46 11.52
C TYR E 336 21.45 10.54 12.42
N ASP E 337 22.51 10.17 13.16
CA ASP E 337 23.09 11.03 14.18
C ASP E 337 24.53 11.39 13.89
N TRP E 338 25.03 11.11 12.69
CA TRP E 338 26.42 11.32 12.30
C TRP E 338 27.39 10.43 13.10
N SER E 339 26.90 9.36 13.72
CA SER E 339 27.77 8.57 14.58
C SER E 339 28.88 7.85 13.81
N LYS E 340 28.75 7.72 12.48
CA LYS E 340 29.79 7.13 11.66
C LYS E 340 30.34 8.12 10.64
N GLY E 341 30.08 9.40 10.82
CA GLY E 341 30.60 10.39 9.93
C GLY E 341 29.73 10.54 8.69
N HIS E 342 30.21 11.37 7.76
CA HIS E 342 29.38 11.71 6.61
C HIS E 342 29.23 10.55 5.62
N GLU E 343 30.17 9.61 5.58
CA GLU E 343 30.07 8.59 4.53
C GLU E 343 28.87 7.69 4.73
N PHE E 344 28.26 7.68 5.92
CA PHE E 344 27.13 6.79 6.18
C PHE E 344 25.80 7.54 6.16
N TYR E 345 25.81 8.82 5.83
CA TYR E 345 24.58 9.61 5.72
C TYR E 345 23.98 9.47 4.33
N ASN E 346 22.73 9.00 4.29
CA ASN E 346 21.94 8.93 3.06
C ASN E 346 20.72 9.84 3.11
N PRO E 347 20.74 11.02 2.47
CA PRO E 347 19.62 11.97 2.62
C PRO E 347 18.33 11.48 1.99
N GLN E 348 18.38 10.40 1.21
CA GLN E 348 17.16 9.83 0.66
C GLN E 348 16.42 8.96 1.67
N LYS E 349 17.07 8.58 2.75
CA LYS E 349 16.39 7.79 3.77
C LYS E 349 15.37 8.66 4.51
N LYS E 350 14.20 8.08 4.77
CA LYS E 350 13.14 8.72 5.53
C LYS E 350 13.52 8.93 7.01
N ASN E 351 12.98 9.99 7.62
CA ASN E 351 13.02 10.23 9.06
C ASN E 351 11.62 10.05 9.68
N TYR E 352 11.56 9.55 10.92
CA TYR E 352 10.29 9.23 11.56
C TYR E 352 10.27 9.70 13.01
N ILE E 353 9.06 9.98 13.52
CA ILE E 353 8.78 10.17 14.94
C ILE E 353 7.69 9.18 15.33
N PHE E 354 7.96 8.37 16.36
CA PHE E 354 7.03 7.35 16.83
C PHE E 354 6.49 7.72 18.21
N LEU E 355 5.23 7.41 18.42
CA LEU E 355 4.60 7.58 19.73
C LEU E 355 4.25 6.20 20.25
N ARG E 356 4.56 5.97 21.52
CA ARG E 356 4.30 4.69 22.16
C ARG E 356 3.66 4.94 23.52
N ASN E 357 2.57 4.23 23.79
CA ASN E 357 1.91 4.33 25.08
C ASN E 357 2.64 3.39 26.02
N ALA E 358 3.66 3.92 26.67
CA ALA E 358 4.54 3.12 27.51
C ALA E 358 4.33 3.36 28.99
N ALA E 359 3.15 3.86 29.39
CA ALA E 359 2.95 4.20 30.79
C ALA E 359 3.15 2.97 31.68
N GLU E 360 2.45 1.87 31.37
CA GLU E 360 2.57 0.67 32.19
C GLU E 360 3.93 0.00 32.02
N GLU E 361 4.56 0.14 30.85
CA GLU E 361 5.87 -0.45 30.61
C GLU E 361 6.95 0.16 31.50
N LEU E 362 6.77 1.40 31.95
CA LEU E 362 7.75 2.05 32.81
C LEU E 362 7.34 1.98 34.26
N LYS E 363 6.27 1.26 34.58
CA LYS E 363 5.88 1.08 35.97
C LYS E 363 6.86 0.12 36.64
N PRO E 364 7.41 0.47 37.80
CA PRO E 364 8.32 -0.46 38.50
C PRO E 364 7.57 -1.66 39.07
N ARG E 365 8.32 -2.75 39.27
CA ARG E 365 7.72 -4.03 39.67
C ARG E 365 7.98 -4.24 41.16
N THR F 12 38.65 19.88 9.64
CA THR F 12 37.22 20.20 9.55
C THR F 12 36.42 19.09 8.89
N GLY F 13 35.28 18.78 9.47
CA GLY F 13 34.40 17.77 8.93
C GLY F 13 34.86 16.35 9.23
N THR F 14 34.25 15.41 8.51
CA THR F 14 34.60 14.00 8.66
C THR F 14 35.30 13.48 7.42
N THR F 15 36.44 14.08 7.08
CA THR F 15 37.16 13.67 5.88
C THR F 15 37.99 12.39 6.12
N ILE F 16 38.52 12.21 7.34
CA ILE F 16 39.24 10.98 7.65
C ILE F 16 38.24 9.83 7.73
N LYS F 17 38.55 8.72 7.07
CA LYS F 17 37.60 7.62 7.02
C LYS F 17 37.27 7.11 8.41
N PHE F 18 35.98 6.82 8.63
CA PHE F 18 35.56 6.24 9.90
C PHE F 18 36.13 4.83 10.05
N ASN F 19 36.72 4.57 11.19
CA ASN F 19 37.16 3.24 11.55
C ASN F 19 36.94 3.04 13.05
N PRO F 20 36.01 2.18 13.45
CA PRO F 20 35.64 2.08 14.85
C PRO F 20 36.78 1.53 15.68
N PRO F 21 37.22 2.26 16.71
CA PRO F 21 38.33 1.78 17.52
C PRO F 21 37.97 0.50 18.23
N THR F 22 38.99 -0.36 18.41
CA THR F 22 38.83 -1.64 19.07
C THR F 22 39.33 -1.55 20.50
N GLY F 23 38.66 -2.29 21.39
CA GLY F 23 39.04 -2.35 22.78
C GLY F 23 38.59 -3.62 23.45
N THR F 24 38.67 -3.67 24.79
CA THR F 24 38.25 -4.82 25.57
C THR F 24 37.41 -4.40 26.77
N ASP F 25 36.52 -5.31 27.16
CA ASP F 25 35.61 -5.15 28.28
C ASP F 25 35.40 -6.53 28.89
N THR F 26 34.66 -6.57 30.00
CA THR F 26 34.30 -7.82 30.68
C THR F 26 32.78 -7.78 30.89
N MET F 27 32.04 -8.53 30.09
CA MET F 27 30.58 -8.50 30.20
C MET F 27 30.08 -9.66 31.05
N VAL F 28 28.98 -9.41 31.77
CA VAL F 28 28.37 -10.42 32.63
C VAL F 28 26.86 -10.48 32.37
N GLY F 31 24.37 -15.31 35.30
CA GLY F 31 25.43 -14.39 34.96
C GLY F 31 26.79 -15.05 35.04
N VAL F 32 27.58 -14.91 33.98
CA VAL F 32 28.95 -15.44 33.94
C VAL F 32 29.87 -14.37 33.34
N SER F 33 31.05 -14.23 33.94
CA SER F 33 32.01 -13.19 33.58
C SER F 33 32.82 -13.64 32.37
N THR F 34 32.78 -12.84 31.28
CA THR F 34 33.44 -13.20 30.03
C THR F 34 34.23 -12.03 29.45
N ASN F 35 35.52 -12.25 29.19
CA ASN F 35 36.38 -11.24 28.57
C ASN F 35 36.11 -11.16 27.07
N ILE F 36 35.84 -9.95 26.57
CA ILE F 36 35.41 -9.76 25.19
C ILE F 36 36.14 -8.60 24.53
N SER F 37 36.23 -8.66 23.22
CA SER F 37 36.71 -7.54 22.43
C SER F 37 35.55 -6.65 22.03
N THR F 38 35.81 -5.36 21.88
CA THR F 38 34.77 -4.42 21.52
C THR F 38 35.24 -3.52 20.40
N LYS F 39 34.27 -2.98 19.66
CA LYS F 39 34.50 -1.92 18.69
C LYS F 39 33.57 -0.77 19.04
N HIS F 40 34.15 0.42 19.19
CA HIS F 40 33.37 1.61 19.53
C HIS F 40 32.78 2.21 18.25
N GLN F 41 31.50 1.95 18.03
CA GLN F 41 30.82 2.43 16.83
C GLN F 41 30.40 3.89 16.93
N CYS F 42 31.34 4.78 17.24
CA CYS F 42 31.06 6.21 17.32
C CYS F 42 32.30 6.97 16.87
N ILE F 43 32.15 7.84 15.88
CA ILE F 43 33.32 8.43 15.22
C ILE F 43 34.10 9.32 16.17
N THR F 44 33.42 10.01 17.09
CA THR F 44 34.19 10.85 17.99
C THR F 44 35.01 10.03 18.98
N ALA F 45 34.93 8.70 18.93
CA ALA F 45 35.82 7.84 19.69
C ALA F 45 37.19 7.69 19.05
N MET F 46 37.31 7.94 17.76
CA MET F 46 38.60 7.95 17.07
C MET F 46 39.44 9.10 17.58
N LYS F 47 40.77 8.87 17.60
CA LYS F 47 41.69 9.90 18.09
C LYS F 47 41.58 11.19 17.29
N GLU F 48 41.29 11.09 16.01
CA GLU F 48 41.26 12.22 15.10
C GLU F 48 40.01 13.06 15.30
N TYR F 49 38.99 12.52 15.95
CA TYR F 49 37.75 13.25 16.12
C TYR F 49 37.44 13.53 17.58
N GLU F 50 38.36 13.23 18.49
CA GLU F 50 37.97 13.22 19.90
C GLU F 50 37.74 14.60 20.44
N SER F 51 38.19 15.64 19.76
CA SER F 51 38.03 16.99 20.26
C SER F 51 36.69 17.59 19.92
N LYS F 52 35.81 16.88 19.21
CA LYS F 52 34.52 17.43 18.79
C LYS F 52 33.38 16.46 19.08
N SER F 53 32.19 17.00 19.13
CA SER F 53 30.96 16.21 19.26
C SER F 53 30.43 15.79 17.89
N LEU F 54 29.53 14.82 17.90
CA LEU F 54 28.85 14.44 16.68
C LEU F 54 28.26 15.67 16.00
N GLU F 55 27.62 16.52 16.78
CA GLU F 55 26.94 17.66 16.18
C GLU F 55 27.91 18.68 15.60
N GLU F 56 29.02 18.95 16.30
CA GLU F 56 30.02 19.87 15.74
C GLU F 56 30.54 19.34 14.42
N LEU F 57 30.78 18.03 14.35
CA LEU F 57 31.25 17.44 13.12
C LEU F 57 30.19 17.52 12.04
N ARG F 58 28.93 17.25 12.39
CA ARG F 58 27.89 17.28 11.36
C ARG F 58 27.72 18.69 10.80
N LEU F 59 27.72 19.71 11.66
CA LEU F 59 27.58 21.07 11.17
C LEU F 59 28.75 21.46 10.28
N GLU F 60 29.96 21.09 10.67
CA GLU F 60 31.13 21.36 9.83
C GLU F 60 30.96 20.70 8.46
N ASP F 61 30.44 19.47 8.45
CA ASP F 61 30.20 18.80 7.17
C ASP F 61 29.14 19.53 6.35
N TYR F 62 28.06 19.96 7.00
CA TYR F 62 26.99 20.68 6.30
C TYR F 62 27.49 21.99 5.72
N GLN F 63 28.33 22.70 6.47
CA GLN F 63 28.81 23.99 6.01
C GLN F 63 29.73 23.83 4.83
N ALA F 64 30.37 22.68 4.71
CA ALA F 64 31.21 22.38 3.56
C ALA F 64 30.49 21.61 2.47
N ASN F 65 29.20 21.26 2.62
CA ASN F 65 28.54 20.34 1.70
C ASN F 65 29.19 18.97 1.63
N ARG F 66 29.78 18.52 2.72
CA ARG F 66 30.21 17.13 2.82
C ARG F 66 29.04 16.36 3.42
N LYS F 67 28.02 16.16 2.59
CA LYS F 67 26.83 15.46 3.02
C LYS F 67 26.77 14.07 2.37
N ASP G 24 -18.38 44.68 0.83
CA ASP G 24 -19.37 43.93 0.09
C ASP G 24 -19.95 42.80 0.92
N ASN G 25 -19.13 42.28 1.84
CA ASN G 25 -19.43 41.08 2.62
C ASN G 25 -20.12 39.99 1.81
N HIS G 26 -19.66 39.77 0.57
CA HIS G 26 -20.20 38.68 -0.22
C HIS G 26 -19.64 37.34 0.23
N ASN G 27 -18.45 37.37 0.85
CA ASN G 27 -17.71 36.19 1.29
C ASN G 27 -17.51 36.19 2.81
N PRO G 28 -18.58 36.02 3.59
CA PRO G 28 -18.45 36.14 5.05
C PRO G 28 -17.51 35.14 5.70
N MET G 29 -17.27 33.97 5.11
CA MET G 29 -16.32 33.01 5.68
C MET G 29 -14.90 33.18 5.17
N LYS G 30 -14.64 34.15 4.28
CA LYS G 30 -13.30 34.35 3.69
C LYS G 30 -12.78 33.05 3.05
N ASP G 31 -13.63 32.41 2.27
CA ASP G 31 -13.22 31.21 1.57
C ASP G 31 -12.65 31.60 0.20
N ILE G 32 -12.01 30.64 -0.47
CA ILE G 32 -11.44 30.93 -1.77
C ILE G 32 -12.58 31.10 -2.78
N GLU G 33 -12.59 32.24 -3.47
CA GLU G 33 -13.60 32.51 -4.48
C GLU G 33 -13.11 31.97 -5.82
N VAL G 34 -13.98 31.23 -6.51
CA VAL G 34 -13.69 30.81 -7.86
C VAL G 34 -13.78 32.02 -8.78
N THR G 35 -12.75 32.23 -9.60
CA THR G 35 -12.72 33.33 -10.57
C THR G 35 -13.52 32.98 -11.83
N SER G 36 -14.04 34.02 -12.47
CA SER G 36 -14.87 33.91 -13.68
C SER G 36 -16.12 33.07 -13.41
N SER G 37 -16.94 33.63 -12.53
CA SER G 37 -18.16 33.00 -12.08
C SER G 37 -19.21 32.96 -13.18
N PRO G 38 -20.15 32.03 -13.12
CA PRO G 38 -21.26 32.03 -14.07
C PRO G 38 -22.06 33.31 -13.94
N ASP G 39 -22.77 33.66 -15.01
CA ASP G 39 -23.47 34.95 -15.07
C ASP G 39 -24.84 34.90 -14.43
N ASP G 40 -25.39 33.73 -14.18
CA ASP G 40 -26.69 33.56 -13.58
C ASP G 40 -26.57 32.52 -12.47
N SER G 41 -27.69 32.24 -11.80
CA SER G 41 -27.68 31.39 -10.61
C SER G 41 -27.08 30.02 -10.90
N ILE G 42 -26.27 29.54 -9.97
CA ILE G 42 -25.60 28.25 -10.09
C ILE G 42 -26.53 27.13 -9.62
N GLY G 43 -26.79 26.17 -10.51
CA GLY G 43 -27.73 25.13 -10.16
C GLY G 43 -27.14 23.80 -9.70
N CYS G 44 -25.84 23.60 -9.93
CA CYS G 44 -25.24 22.29 -9.68
C CYS G 44 -23.74 22.43 -9.70
N LEU G 45 -23.08 21.59 -8.91
CA LEU G 45 -21.64 21.54 -8.85
C LEU G 45 -21.21 20.08 -8.81
N SER G 46 -20.01 19.80 -9.32
CA SER G 46 -19.47 18.45 -9.27
C SER G 46 -17.98 18.50 -9.54
N PHE G 47 -17.20 17.87 -8.66
CA PHE G 47 -15.75 17.77 -8.75
C PHE G 47 -15.34 16.51 -9.51
N SER G 48 -14.11 16.54 -10.02
CA SER G 48 -13.59 15.46 -10.84
C SER G 48 -13.39 14.17 -10.03
N PRO G 49 -13.44 13.01 -10.69
CA PRO G 49 -13.21 11.75 -10.00
C PRO G 49 -11.75 11.59 -9.63
N PRO G 50 -11.43 10.63 -8.75
CA PRO G 50 -10.02 10.42 -8.36
C PRO G 50 -9.16 9.83 -9.47
N THR G 51 -9.75 9.26 -10.51
CA THR G 51 -8.97 8.84 -11.68
C THR G 51 -8.26 10.00 -12.35
N LEU G 52 -8.71 11.22 -12.11
CA LEU G 52 -8.18 12.41 -12.76
C LEU G 52 -7.16 13.08 -11.87
N PRO G 53 -5.95 13.32 -12.37
CA PRO G 53 -4.96 14.02 -11.57
C PRO G 53 -5.45 15.43 -11.25
N GLY G 54 -5.13 15.91 -10.07
CA GLY G 54 -5.56 17.25 -9.73
C GLY G 54 -7.05 17.31 -9.40
N ASN G 55 -7.60 18.51 -9.49
CA ASN G 55 -9.00 18.74 -9.18
C ASN G 55 -9.63 19.65 -10.21
N PHE G 56 -10.80 19.26 -10.71
CA PHE G 56 -11.55 20.04 -11.68
C PHE G 56 -12.99 20.17 -11.21
N LEU G 57 -13.54 21.38 -11.29
CA LEU G 57 -14.90 21.67 -10.86
C LEU G 57 -15.78 21.99 -12.07
N ILE G 58 -17.00 21.44 -12.09
CA ILE G 58 -17.99 21.77 -13.11
C ILE G 58 -19.13 22.54 -12.42
N ALA G 59 -19.69 23.52 -13.12
CA ALA G 59 -20.87 24.22 -12.63
C ALA G 59 -21.84 24.45 -13.77
N GLY G 60 -23.13 24.30 -13.48
CA GLY G 60 -24.19 24.64 -14.41
C GLY G 60 -24.96 25.84 -13.89
N SER G 61 -25.46 26.66 -14.80
CA SER G 61 -26.11 27.90 -14.39
C SER G 61 -27.42 28.08 -15.14
N TRP G 62 -28.20 29.05 -14.70
CA TRP G 62 -29.46 29.34 -15.38
C TRP G 62 -29.25 30.22 -16.61
N ALA G 63 -28.00 30.53 -16.94
CA ALA G 63 -27.66 31.18 -18.20
C ALA G 63 -27.39 30.19 -19.35
N ASN G 64 -27.69 28.90 -19.14
CA ASN G 64 -27.65 27.79 -20.12
C ASN G 64 -26.25 27.21 -20.34
N ASP G 65 -25.24 27.64 -19.58
CA ASP G 65 -23.87 27.21 -19.80
C ASP G 65 -23.40 26.24 -18.72
N VAL G 66 -22.30 25.56 -19.06
CA VAL G 66 -21.53 24.74 -18.13
C VAL G 66 -20.09 25.20 -18.24
N ARG G 67 -19.43 25.34 -17.09
CA ARG G 67 -18.06 25.79 -17.06
C ARG G 67 -17.23 24.76 -16.31
N CYS G 68 -15.94 24.76 -16.61
CA CYS G 68 -14.98 23.88 -15.98
C CYS G 68 -13.74 24.68 -15.63
N TRP G 69 -13.36 24.64 -14.37
CA TRP G 69 -12.13 25.25 -13.88
C TRP G 69 -11.24 24.17 -13.33
N GLU G 70 -9.95 24.42 -13.39
CA GLU G 70 -8.99 23.64 -12.63
C GLU G 70 -8.77 24.33 -11.29
N VAL G 71 -8.94 23.58 -10.22
CA VAL G 71 -8.56 24.06 -8.90
C VAL G 71 -7.14 23.63 -8.64
N GLN G 72 -6.27 24.60 -8.38
CA GLN G 72 -4.87 24.36 -8.09
C GLN G 72 -4.66 24.39 -6.59
N ASP G 73 -3.59 23.72 -6.15
CA ASP G 73 -3.31 23.67 -4.71
C ASP G 73 -3.14 25.06 -4.12
N SER G 74 -2.70 26.03 -4.93
CA SER G 74 -2.63 27.41 -4.47
C SER G 74 -4.01 27.97 -4.16
N GLY G 75 -5.05 27.33 -4.65
CA GLY G 75 -6.39 27.86 -4.53
C GLY G 75 -6.88 28.57 -5.77
N GLN G 76 -6.03 28.70 -6.79
CA GLN G 76 -6.44 29.49 -7.94
C GLN G 76 -7.28 28.63 -8.84
N THR G 77 -8.15 29.28 -9.59
CA THR G 77 -9.05 28.56 -10.47
C THR G 77 -8.81 29.03 -11.89
N ILE G 78 -8.54 28.09 -12.78
CA ILE G 78 -8.20 28.40 -14.16
C ILE G 78 -9.35 27.95 -15.05
N PRO G 79 -10.05 28.89 -15.68
CA PRO G 79 -11.10 28.51 -16.64
C PRO G 79 -10.54 27.63 -17.73
N LYS G 80 -11.11 26.44 -17.88
CA LYS G 80 -10.60 25.48 -18.85
C LYS G 80 -11.47 25.44 -20.10
N ALA G 81 -12.77 25.26 -19.95
CA ALA G 81 -13.64 25.24 -21.11
C ALA G 81 -15.07 25.47 -20.65
N GLN G 82 -15.92 25.82 -21.60
CA GLN G 82 -17.31 26.10 -21.29
C GLN G 82 -18.12 25.58 -22.47
N GLN G 83 -19.30 25.05 -22.17
CA GLN G 83 -20.23 24.57 -23.17
C GLN G 83 -21.59 25.20 -22.91
N MET G 84 -22.47 25.12 -23.88
CA MET G 84 -23.78 25.74 -23.75
C MET G 84 -24.89 24.78 -24.09
N HIS G 85 -25.92 24.79 -23.26
CA HIS G 85 -27.21 24.27 -23.64
C HIS G 85 -28.04 25.44 -24.14
N THR G 86 -29.27 25.16 -24.53
CA THR G 86 -30.23 26.21 -24.87
C THR G 86 -31.27 26.41 -23.78
N GLY G 87 -31.10 25.74 -22.65
CA GLY G 87 -31.92 25.98 -21.49
C GLY G 87 -31.04 25.80 -20.27
N PRO G 88 -31.55 26.20 -19.11
CA PRO G 88 -30.73 26.16 -17.88
C PRO G 88 -30.24 24.76 -17.56
N VAL G 89 -29.04 24.69 -17.01
CA VAL G 89 -28.38 23.42 -16.71
C VAL G 89 -28.74 23.00 -15.29
N LEU G 90 -29.45 21.87 -15.15
CA LEU G 90 -29.96 21.46 -13.85
C LEU G 90 -29.07 20.47 -13.10
N ASP G 91 -28.17 19.76 -13.79
CA ASP G 91 -27.30 18.80 -13.13
C ASP G 91 -26.10 18.51 -14.02
N VAL G 92 -25.02 18.07 -13.39
CA VAL G 92 -23.78 17.69 -14.07
C VAL G 92 -23.15 16.55 -13.27
N CYS G 93 -22.35 15.73 -13.95
CA CYS G 93 -21.59 14.65 -13.32
C CYS G 93 -20.48 14.21 -14.28
N TRP G 94 -19.58 13.37 -13.77
CA TRP G 94 -18.38 12.97 -14.47
C TRP G 94 -18.44 11.51 -14.85
N SER G 95 -17.70 11.14 -15.90
CA SER G 95 -17.50 9.72 -16.12
C SER G 95 -16.40 9.19 -15.18
N ASP G 96 -16.43 7.88 -14.94
CA ASP G 96 -15.56 7.32 -13.90
C ASP G 96 -14.08 7.51 -14.21
N ASP G 97 -13.71 7.54 -15.49
CA ASP G 97 -12.32 7.74 -15.84
C ASP G 97 -11.94 9.22 -15.95
N GLY G 98 -12.85 10.12 -15.64
CA GLY G 98 -12.53 11.53 -15.66
C GLY G 98 -12.46 12.18 -17.02
N SER G 99 -12.81 11.48 -18.10
CA SER G 99 -12.67 12.02 -19.46
C SER G 99 -13.93 12.66 -20.02
N LYS G 100 -15.10 12.37 -19.45
CA LYS G 100 -16.36 12.92 -19.93
C LYS G 100 -17.06 13.70 -18.82
N VAL G 101 -17.76 14.75 -19.21
CA VAL G 101 -18.67 15.46 -18.34
C VAL G 101 -20.07 15.35 -18.93
N PHE G 102 -21.05 15.01 -18.11
CA PHE G 102 -22.43 14.92 -18.55
C PHE G 102 -23.26 16.08 -17.99
N THR G 103 -24.17 16.59 -18.81
CA THR G 103 -24.91 17.79 -18.51
C THR G 103 -26.39 17.55 -18.79
N ALA G 104 -27.26 18.00 -17.88
CA ALA G 104 -28.70 17.83 -18.02
C ALA G 104 -29.35 19.22 -17.98
N SER G 105 -30.31 19.44 -18.87
CA SER G 105 -30.79 20.79 -19.12
C SER G 105 -32.30 20.81 -19.27
N CYS G 106 -32.86 22.01 -19.06
CA CYS G 106 -34.26 22.30 -19.37
C CYS G 106 -34.55 22.23 -20.86
N ASP G 107 -33.53 22.20 -21.73
CA ASP G 107 -33.83 22.00 -23.15
C ASP G 107 -34.23 20.57 -23.48
N LYS G 108 -34.46 19.76 -22.44
CA LYS G 108 -34.96 18.39 -22.53
C LYS G 108 -33.89 17.41 -22.99
N THR G 109 -32.63 17.82 -23.01
CA THR G 109 -31.59 16.94 -23.52
C THR G 109 -30.51 16.79 -22.46
N ALA G 110 -29.61 15.82 -22.68
CA ALA G 110 -28.37 15.73 -21.93
C ALA G 110 -27.24 15.52 -22.93
N LYS G 111 -26.08 16.09 -22.61
CA LYS G 111 -24.93 16.03 -23.50
C LYS G 111 -23.81 15.24 -22.83
N MET G 112 -22.94 14.71 -23.69
CA MET G 112 -21.66 14.17 -23.27
C MET G 112 -20.58 15.09 -23.79
N TRP G 113 -19.70 15.54 -22.89
CA TRP G 113 -18.75 16.62 -23.15
C TRP G 113 -17.37 16.04 -22.96
N ASP G 114 -16.63 15.90 -24.07
CA ASP G 114 -15.25 15.44 -23.99
C ASP G 114 -14.34 16.63 -23.71
N LEU G 115 -13.70 16.62 -22.54
CA LEU G 115 -12.95 17.80 -22.10
C LEU G 115 -11.67 17.99 -22.92
N SER G 116 -10.94 16.91 -23.21
CA SER G 116 -9.68 17.06 -23.93
C SER G 116 -9.90 17.69 -25.30
N SER G 117 -10.98 17.34 -25.98
CA SER G 117 -11.25 17.90 -27.30
C SER G 117 -12.24 19.08 -27.28
N ASN G 118 -12.86 19.36 -26.13
CA ASN G 118 -13.86 20.43 -25.96
C ASN G 118 -15.03 20.30 -26.95
N GLN G 119 -15.42 19.07 -27.24
CA GLN G 119 -16.58 18.81 -28.08
C GLN G 119 -17.67 18.14 -27.26
N ALA G 120 -18.90 18.47 -27.55
CA ALA G 120 -20.02 17.91 -26.83
C ALA G 120 -21.03 17.38 -27.83
N ILE G 121 -21.61 16.23 -27.50
CA ILE G 121 -22.64 15.60 -28.32
C ILE G 121 -23.81 15.26 -27.41
N GLN G 122 -25.01 15.30 -27.97
CA GLN G 122 -26.20 14.89 -27.24
C GLN G 122 -26.20 13.37 -27.07
N ILE G 123 -26.56 12.92 -25.86
CA ILE G 123 -26.62 11.49 -25.57
C ILE G 123 -27.96 11.06 -24.99
N ALA G 124 -28.89 11.99 -24.76
CA ALA G 124 -30.14 11.64 -24.13
C ALA G 124 -31.22 12.64 -24.54
N GLN G 125 -32.47 12.18 -24.52
CA GLN G 125 -33.63 12.98 -24.89
C GLN G 125 -34.82 12.65 -23.99
N HIS G 126 -35.50 13.67 -23.47
CA HIS G 126 -36.71 13.53 -22.69
C HIS G 126 -37.81 14.41 -23.26
N ASP G 127 -39.03 14.25 -22.73
CA ASP G 127 -40.17 15.04 -23.16
C ASP G 127 -40.43 16.24 -22.25
N ALA G 128 -39.51 16.52 -21.34
CA ALA G 128 -39.60 17.59 -20.37
C ALA G 128 -38.19 17.84 -19.86
N PRO G 129 -37.97 18.93 -19.10
CA PRO G 129 -36.61 19.21 -18.59
C PRO G 129 -36.00 18.00 -17.89
N VAL G 130 -34.66 17.93 -17.91
CA VAL G 130 -33.92 16.81 -17.36
C VAL G 130 -33.29 17.31 -16.07
N LYS G 131 -33.79 16.82 -14.94
CA LYS G 131 -33.41 17.34 -13.62
C LYS G 131 -32.15 16.67 -13.05
N THR G 132 -31.95 15.37 -13.28
CA THR G 132 -30.83 14.67 -12.67
C THR G 132 -30.07 13.90 -13.74
N ILE G 133 -28.76 13.77 -13.53
CA ILE G 133 -27.90 12.95 -14.38
C ILE G 133 -26.80 12.34 -13.52
N HIS G 134 -26.53 11.06 -13.76
CA HIS G 134 -25.58 10.26 -12.99
C HIS G 134 -24.94 9.22 -13.89
N TRP G 135 -23.70 8.85 -13.54
CA TRP G 135 -22.94 7.80 -14.22
C TRP G 135 -22.97 6.53 -13.39
N ILE G 136 -23.33 5.42 -14.02
CA ILE G 136 -23.39 4.12 -13.36
C ILE G 136 -22.25 3.28 -13.91
N LYS G 137 -21.24 3.04 -13.09
CA LYS G 137 -20.16 2.12 -13.43
C LYS G 137 -20.40 0.82 -12.68
N ALA G 138 -20.91 -0.17 -13.38
CA ALA G 138 -21.16 -1.48 -12.80
C ALA G 138 -20.14 -2.47 -13.31
N PRO G 139 -19.95 -3.60 -12.63
CA PRO G 139 -19.00 -4.60 -13.14
C PRO G 139 -19.22 -4.98 -14.59
N ASN G 140 -20.47 -5.10 -15.05
CA ASN G 140 -20.70 -5.57 -16.42
C ASN G 140 -21.40 -4.56 -17.30
N TYR G 141 -21.61 -3.33 -16.84
CA TYR G 141 -22.14 -2.31 -17.74
C TYR G 141 -21.83 -0.93 -17.19
N SER G 142 -21.88 0.05 -18.07
CA SER G 142 -21.83 1.45 -17.68
C SER G 142 -22.79 2.22 -18.58
N CYS G 143 -23.46 3.21 -18.01
CA CYS G 143 -24.43 4.00 -18.75
C CYS G 143 -24.64 5.31 -17.99
N VAL G 144 -25.39 6.20 -18.62
CA VAL G 144 -25.82 7.44 -18.00
C VAL G 144 -27.25 7.24 -17.50
N MET G 145 -27.52 7.67 -16.27
CA MET G 145 -28.87 7.75 -15.74
C MET G 145 -29.36 9.20 -15.83
N THR G 146 -30.56 9.39 -16.39
CA THR G 146 -31.19 10.69 -16.42
C THR G 146 -32.58 10.60 -15.81
N GLY G 147 -32.90 11.54 -14.95
CA GLY G 147 -34.24 11.63 -14.37
C GLY G 147 -34.88 12.92 -14.82
N SER G 148 -36.17 12.86 -15.17
CA SER G 148 -36.78 13.99 -15.88
C SER G 148 -38.12 14.37 -15.28
N TRP G 149 -38.52 15.62 -15.55
CA TRP G 149 -39.89 16.04 -15.21
C TRP G 149 -40.94 15.39 -16.10
N ASP G 150 -40.55 14.61 -17.12
CA ASP G 150 -41.53 13.78 -17.83
C ASP G 150 -41.84 12.47 -17.09
N LYS G 151 -41.44 12.38 -15.82
CA LYS G 151 -41.77 11.23 -14.96
C LYS G 151 -41.13 9.94 -15.48
N THR G 152 -39.99 10.04 -16.13
CA THR G 152 -39.29 8.85 -16.54
C THR G 152 -37.86 8.93 -16.05
N LEU G 153 -37.27 7.75 -15.89
CA LEU G 153 -35.89 7.56 -15.52
C LEU G 153 -35.31 6.71 -16.64
N LYS G 154 -34.29 7.23 -17.33
CA LYS G 154 -33.74 6.60 -18.53
C LYS G 154 -32.26 6.33 -18.37
N PHE G 155 -31.78 5.34 -19.12
CA PHE G 155 -30.40 4.88 -19.05
C PHE G 155 -29.83 4.81 -20.46
N TRP G 156 -28.63 5.35 -20.67
CA TRP G 156 -28.06 5.58 -22.00
C TRP G 156 -26.64 5.04 -22.10
N ASP G 157 -26.32 4.34 -23.18
CA ASP G 157 -24.97 3.81 -23.29
C ASP G 157 -23.99 4.82 -23.88
N THR G 158 -24.46 6.04 -24.18
CA THR G 158 -23.70 7.13 -24.78
C THR G 158 -23.29 6.87 -26.22
N ARG G 159 -23.76 5.79 -26.85
CA ARG G 159 -23.50 5.56 -28.26
C ARG G 159 -24.76 5.57 -29.11
N SER G 160 -25.78 4.81 -28.70
CA SER G 160 -27.03 4.75 -29.43
C SER G 160 -27.96 5.88 -29.03
N SER G 161 -28.80 6.29 -29.99
CA SER G 161 -29.85 7.26 -29.71
C SER G 161 -31.02 6.65 -28.96
N ASN G 162 -31.11 5.30 -28.91
CA ASN G 162 -32.13 4.65 -28.11
C ASN G 162 -31.65 4.42 -26.68
N PRO G 163 -32.46 4.73 -25.68
CA PRO G 163 -32.08 4.37 -24.31
C PRO G 163 -31.97 2.86 -24.18
N MET G 164 -30.92 2.43 -23.44
CA MET G 164 -30.79 1.04 -23.02
C MET G 164 -31.98 0.57 -22.20
N MET G 165 -32.60 1.48 -21.43
CA MET G 165 -33.66 1.19 -20.47
C MET G 165 -34.51 2.43 -20.21
N VAL G 166 -35.83 2.22 -20.05
CA VAL G 166 -36.77 3.24 -19.62
C VAL G 166 -37.62 2.70 -18.47
N LEU G 167 -37.66 3.41 -17.33
CA LEU G 167 -38.59 3.07 -16.25
C LEU G 167 -39.52 4.23 -15.96
N GLN G 168 -40.76 3.88 -15.63
CA GLN G 168 -41.74 4.87 -15.24
C GLN G 168 -41.50 5.31 -13.80
N LEU G 169 -41.54 6.64 -13.56
CA LEU G 169 -41.48 7.19 -12.21
C LEU G 169 -42.88 7.51 -11.73
N PRO G 170 -43.13 7.52 -10.42
CA PRO G 170 -44.48 7.86 -9.94
C PRO G 170 -44.80 9.33 -10.06
N GLU G 171 -43.84 10.18 -10.38
CA GLU G 171 -44.06 11.61 -10.49
C GLU G 171 -42.82 12.24 -11.10
N ARG G 172 -42.85 13.58 -11.21
CA ARG G 172 -41.72 14.32 -11.74
C ARG G 172 -40.48 14.12 -10.87
N CYS G 173 -39.36 13.90 -11.53
CA CYS G 173 -38.11 13.66 -10.81
C CYS G 173 -37.57 14.95 -10.22
N TYR G 174 -37.27 14.93 -8.94
CA TYR G 174 -36.75 16.11 -8.25
C TYR G 174 -35.31 15.98 -7.82
N CYS G 175 -34.86 14.79 -7.41
CA CYS G 175 -33.43 14.60 -7.13
C CYS G 175 -33.12 13.12 -7.12
N ALA G 176 -31.83 12.82 -7.27
CA ALA G 176 -31.39 11.43 -7.29
C ALA G 176 -29.92 11.39 -6.91
N ASP G 177 -29.46 10.17 -6.61
CA ASP G 177 -28.06 9.89 -6.31
C ASP G 177 -27.77 8.44 -6.66
N VAL G 178 -26.49 8.15 -6.92
CA VAL G 178 -26.03 6.82 -7.28
C VAL G 178 -24.71 6.56 -6.58
N ILE G 179 -24.61 5.43 -5.90
CA ILE G 179 -23.31 4.86 -5.55
C ILE G 179 -23.47 3.38 -5.79
N TYR G 180 -22.87 2.87 -6.88
CA TYR G 180 -23.08 1.47 -7.23
C TYR G 180 -22.88 0.59 -6.00
N PRO G 181 -23.78 -0.37 -5.73
CA PRO G 181 -24.91 -0.77 -6.56
C PRO G 181 -26.23 -0.14 -6.19
N MET G 182 -26.25 1.01 -5.55
CA MET G 182 -27.50 1.65 -5.16
C MET G 182 -27.78 2.92 -5.95
N ALA G 183 -29.06 3.13 -6.27
CA ALA G 183 -29.56 4.44 -6.67
C ALA G 183 -30.84 4.76 -5.88
N VAL G 184 -31.08 6.05 -5.68
CA VAL G 184 -32.28 6.53 -5.01
CA VAL G 184 -32.26 6.57 -4.98
C VAL G 184 -32.82 7.73 -5.79
N VAL G 185 -34.14 7.75 -5.95
CA VAL G 185 -34.82 8.82 -6.67
C VAL G 185 -35.93 9.36 -5.78
N ALA G 186 -36.09 10.68 -5.77
CA ALA G 186 -37.19 11.32 -5.07
C ALA G 186 -37.97 12.18 -6.06
N THR G 187 -39.30 12.15 -5.93
CA THR G 187 -40.16 12.83 -6.87
C THR G 187 -41.09 13.79 -6.15
N ALA G 188 -41.87 14.52 -6.94
CA ALA G 188 -42.98 15.28 -6.40
C ALA G 188 -43.95 14.32 -5.74
N GLU G 189 -44.84 14.87 -4.92
CA GLU G 189 -45.82 14.07 -4.19
C GLU G 189 -45.13 13.04 -3.31
N ARG G 190 -43.97 13.42 -2.78
CA ARG G 190 -43.24 12.64 -1.78
C ARG G 190 -42.89 11.25 -2.28
N GLY G 191 -42.76 11.07 -3.60
CA GLY G 191 -42.31 9.80 -4.12
C GLY G 191 -40.86 9.55 -3.76
N LEU G 192 -40.55 8.30 -3.44
CA LEU G 192 -39.22 7.94 -2.97
C LEU G 192 -38.98 6.47 -3.31
N ILE G 193 -38.00 6.19 -4.18
CA ILE G 193 -37.75 4.84 -4.68
C ILE G 193 -36.26 4.53 -4.66
N VAL G 194 -35.91 3.35 -4.15
CA VAL G 194 -34.53 2.86 -4.14
C VAL G 194 -34.39 1.83 -5.25
N TYR G 195 -33.28 1.89 -5.97
CA TYR G 195 -33.02 0.97 -7.06
C TYR G 195 -31.76 0.19 -6.77
N GLN G 196 -31.73 -1.08 -7.19
CA GLN G 196 -30.51 -1.87 -7.18
C GLN G 196 -29.96 -1.94 -8.60
N LEU G 197 -28.64 -2.08 -8.70
CA LEU G 197 -27.95 -1.91 -9.96
C LEU G 197 -27.16 -3.11 -10.49
N GLU G 198 -27.10 -4.22 -9.75
CA GLU G 198 -26.37 -5.38 -10.22
C GLU G 198 -27.04 -5.92 -11.48
N ASN G 199 -26.20 -6.15 -12.52
CA ASN G 199 -26.60 -6.69 -13.81
C ASN G 199 -27.44 -5.75 -14.68
N GLN G 200 -28.50 -5.15 -14.13
CA GLN G 200 -29.43 -4.26 -14.83
C GLN G 200 -30.14 -3.50 -13.75
N PRO G 201 -30.35 -2.19 -13.87
CA PRO G 201 -31.13 -1.49 -12.86
C PRO G 201 -32.52 -2.10 -12.71
N SER G 202 -33.01 -2.15 -11.47
CA SER G 202 -34.38 -2.56 -11.19
C SER G 202 -34.84 -1.96 -9.86
N GLU G 203 -36.13 -1.69 -9.79
CA GLU G 203 -36.73 -1.18 -8.58
C GLU G 203 -36.45 -2.14 -7.43
N PHE G 204 -35.96 -1.60 -6.32
CA PHE G 204 -35.66 -2.39 -5.12
C PHE G 204 -36.67 -2.19 -4.00
N ARG G 205 -37.09 -0.96 -3.73
CA ARG G 205 -38.12 -0.70 -2.73
C ARG G 205 -38.66 0.70 -2.94
N ARG G 206 -39.98 0.83 -2.97
CA ARG G 206 -40.64 2.12 -2.86
C ARG G 206 -40.82 2.43 -1.38
N ILE G 207 -40.30 3.56 -0.94
CA ILE G 207 -40.25 3.90 0.47
C ILE G 207 -41.30 4.95 0.79
N GLU G 208 -42.14 4.64 1.76
CA GLU G 208 -43.05 5.64 2.32
C GLU G 208 -42.20 6.74 2.91
N SER G 209 -42.34 7.96 2.39
CA SER G 209 -41.36 9.00 2.67
C SER G 209 -41.41 9.41 4.13
N PRO G 210 -40.24 9.56 4.78
CA PRO G 210 -40.18 10.06 6.15
C PRO G 210 -40.40 11.55 6.29
N LEU G 211 -40.59 12.29 5.19
CA LEU G 211 -40.86 13.71 5.21
C LEU G 211 -42.25 13.96 4.67
N LYS G 212 -42.90 15.00 5.18
CA LYS G 212 -44.24 15.29 4.76
C LYS G 212 -44.32 16.45 3.77
N HIS G 213 -43.20 17.03 3.36
CA HIS G 213 -43.23 18.15 2.43
C HIS G 213 -42.27 17.90 1.29
N GLN G 214 -42.41 18.75 0.27
CA GLN G 214 -41.68 18.66 -0.99
C GLN G 214 -40.22 18.26 -0.81
N HIS G 215 -39.84 17.16 -1.46
CA HIS G 215 -38.47 16.68 -1.51
C HIS G 215 -37.61 17.58 -2.40
N ARG G 216 -36.32 17.67 -2.07
CA ARG G 216 -35.47 18.57 -2.85
C ARG G 216 -34.08 18.05 -3.14
N CYS G 217 -33.48 17.32 -2.20
CA CYS G 217 -32.11 16.85 -2.36
C CYS G 217 -31.94 15.53 -1.61
N VAL G 218 -30.99 14.72 -2.06
CA VAL G 218 -30.79 13.39 -1.47
C VAL G 218 -29.35 12.96 -1.72
N ALA G 219 -28.76 12.26 -0.74
CA ALA G 219 -27.39 11.82 -0.88
C ALA G 219 -27.22 10.47 -0.19
N ILE G 220 -26.59 9.52 -0.85
CA ILE G 220 -26.36 8.20 -0.30
C ILE G 220 -25.13 8.22 0.60
N PHE G 221 -25.18 7.49 1.69
CA PHE G 221 -24.02 7.33 2.55
C PHE G 221 -23.73 5.85 2.71
N LYS G 222 -22.55 5.55 3.25
CA LYS G 222 -22.03 4.20 3.29
C LYS G 222 -21.77 3.75 4.73
N ASP G 223 -21.72 2.43 4.92
CA ASP G 223 -21.47 1.81 6.21
C ASP G 223 -19.96 1.75 6.50
N LYS G 224 -19.55 1.02 7.54
CA LYS G 224 -18.15 1.05 7.93
C LYS G 224 -17.28 0.39 6.87
N GLN G 225 -17.85 -0.56 6.12
CA GLN G 225 -17.12 -1.33 5.12
C GLN G 225 -17.26 -0.73 3.73
N ASN G 226 -17.73 0.51 3.63
CA ASN G 226 -17.80 1.28 2.39
C ASN G 226 -18.93 0.82 1.46
N LYS G 227 -19.84 -0.04 1.92
CA LYS G 227 -21.02 -0.39 1.12
C LYS G 227 -22.09 0.69 1.29
N PRO G 228 -22.70 1.16 0.21
CA PRO G 228 -23.83 2.08 0.37
C PRO G 228 -24.93 1.42 1.20
N THR G 229 -25.43 2.16 2.18
CA THR G 229 -26.30 1.57 3.21
C THR G 229 -27.52 2.41 3.55
N GLY G 230 -27.65 3.62 3.03
CA GLY G 230 -28.81 4.45 3.32
C GLY G 230 -28.64 5.79 2.63
N PHE G 231 -29.58 6.68 2.87
CA PHE G 231 -29.49 8.01 2.30
C PHE G 231 -30.02 9.03 3.27
N ALA G 232 -29.65 10.29 3.04
CA ALA G 232 -30.17 11.46 3.73
C ALA G 232 -31.00 12.26 2.75
N LEU G 233 -32.14 12.76 3.21
CA LEU G 233 -33.13 13.41 2.34
C LEU G 233 -33.60 14.72 2.97
N GLY G 234 -33.54 15.82 2.22
CA GLY G 234 -33.94 17.13 2.70
C GLY G 234 -35.19 17.64 1.99
N SER G 235 -36.04 18.36 2.71
CA SER G 235 -37.27 18.91 2.16
C SER G 235 -37.21 20.44 2.15
N ILE G 236 -38.28 21.05 1.65
CA ILE G 236 -38.36 22.50 1.64
C ILE G 236 -38.65 23.03 3.03
N GLU G 237 -38.80 22.15 4.01
CA GLU G 237 -39.32 22.53 5.30
C GLU G 237 -38.26 22.43 6.40
N GLY G 238 -37.04 22.84 6.09
CA GLY G 238 -35.96 22.84 7.07
C GLY G 238 -35.82 21.56 7.87
N ARG G 239 -35.66 20.43 7.17
CA ARG G 239 -35.66 19.13 7.80
C ARG G 239 -34.88 18.18 6.90
N VAL G 240 -34.13 17.27 7.51
CA VAL G 240 -33.40 16.22 6.82
C VAL G 240 -33.74 14.91 7.49
N ALA G 241 -33.99 13.89 6.68
CA ALA G 241 -34.26 12.54 7.14
C ALA G 241 -33.03 11.67 6.95
N ILE G 242 -32.74 10.82 7.92
CA ILE G 242 -31.73 9.79 7.78
C ILE G 242 -32.47 8.47 7.65
N HIS G 243 -32.25 7.76 6.54
CA HIS G 243 -32.94 6.49 6.27
C HIS G 243 -31.90 5.43 5.98
N TYR G 244 -31.82 4.45 6.87
CA TYR G 244 -31.07 3.24 6.59
C TYR G 244 -31.95 2.29 5.78
N ILE G 245 -31.34 1.61 4.81
CA ILE G 245 -32.11 0.68 3.97
C ILE G 245 -32.65 -0.47 4.81
N ASN G 246 -31.81 -1.05 5.66
CA ASN G 246 -32.15 -2.27 6.40
C ASN G 246 -31.56 -2.23 7.81
N PRO G 247 -31.95 -1.27 8.64
CA PRO G 247 -31.40 -1.20 10.00
C PRO G 247 -32.10 -2.21 10.90
N PRO G 248 -31.47 -2.61 12.01
CA PRO G 248 -32.14 -3.59 12.89
C PRO G 248 -33.41 -3.08 13.57
N ASN G 249 -33.49 -1.80 13.94
CA ASN G 249 -34.66 -1.24 14.60
C ASN G 249 -35.05 0.06 13.94
N PRO G 250 -35.76 0.01 12.81
CA PRO G 250 -36.03 1.24 12.04
C PRO G 250 -36.68 2.38 12.82
N ALA G 251 -37.55 2.11 13.79
CA ALA G 251 -38.17 3.18 14.56
C ALA G 251 -37.12 4.06 15.24
N LYS G 252 -36.04 3.43 15.72
CA LYS G 252 -34.93 4.06 16.42
C LYS G 252 -33.83 4.52 15.46
N ASP G 253 -33.54 3.72 14.42
CA ASP G 253 -32.37 3.96 13.61
C ASP G 253 -32.61 5.02 12.54
N ASN G 254 -33.83 5.10 12.02
CA ASN G 254 -34.18 6.19 11.12
C ASN G 254 -34.79 7.33 11.93
N PHE G 255 -34.43 8.55 11.56
CA PHE G 255 -34.89 9.75 12.27
C PHE G 255 -34.79 10.94 11.33
N THR G 256 -35.40 12.05 11.79
CA THR G 256 -35.37 13.34 11.11
C THR G 256 -34.89 14.42 12.08
N PHE G 257 -34.23 15.42 11.54
CA PHE G 257 -33.77 16.51 12.38
C PHE G 257 -34.04 17.84 11.68
N LYS G 258 -34.27 18.88 12.49
CA LYS G 258 -34.55 20.21 11.97
C LYS G 258 -33.25 20.95 11.71
N CYS G 259 -33.23 21.76 10.66
CA CYS G 259 -32.03 22.47 10.26
C CYS G 259 -32.47 23.62 9.38
N HIS G 260 -31.56 24.56 9.15
CA HIS G 260 -31.78 25.74 8.32
C HIS G 260 -33.04 26.49 8.73
N ARG G 261 -33.13 26.78 10.04
CA ARG G 261 -34.16 27.65 10.57
C ARG G 261 -33.48 28.73 11.40
N SER G 262 -34.03 29.94 11.37
CA SER G 262 -33.47 30.98 12.22
C SER G 262 -33.86 30.67 13.66
N ASN G 263 -32.88 30.64 14.56
CA ASN G 263 -33.08 30.26 15.96
C ASN G 263 -34.28 30.93 16.63
N SER G 268 -39.61 36.46 21.67
CA SER G 268 -40.31 35.52 20.82
C SER G 268 -40.80 36.12 19.52
N ALA G 269 -40.19 35.69 18.44
CA ALA G 269 -40.68 35.86 17.08
C ALA G 269 -40.88 34.47 16.49
N PRO G 270 -41.72 34.34 15.47
CA PRO G 270 -41.86 33.04 14.81
C PRO G 270 -40.53 32.56 14.25
N GLN G 271 -40.37 31.22 14.21
CA GLN G 271 -39.16 30.64 13.63
C GLN G 271 -39.25 30.67 12.11
N ASP G 272 -38.19 31.15 11.45
CA ASP G 272 -38.14 31.14 9.99
C ASP G 272 -37.64 29.78 9.54
N ILE G 273 -38.37 29.13 8.63
CA ILE G 273 -37.99 27.82 8.11
C ILE G 273 -37.65 27.96 6.63
N TYR G 274 -36.44 27.55 6.25
CA TYR G 274 -35.95 27.65 4.88
C TYR G 274 -35.74 26.25 4.31
N ALA G 275 -35.74 26.17 2.98
CA ALA G 275 -35.56 24.90 2.29
C ALA G 275 -34.12 24.40 2.36
N VAL G 276 -33.97 23.08 2.41
CA VAL G 276 -32.66 22.45 2.23
C VAL G 276 -32.45 22.26 0.73
N ASN G 277 -31.37 22.84 0.22
CA ASN G 277 -31.09 22.89 -1.21
C ASN G 277 -30.11 21.84 -1.67
N GLY G 278 -29.16 21.49 -0.84
CA GLY G 278 -28.16 20.52 -1.19
C GLY G 278 -27.71 19.79 0.06
N ILE G 279 -27.32 18.54 -0.15
CA ILE G 279 -26.73 17.70 0.88
C ILE G 279 -25.65 16.86 0.21
N ALA G 280 -24.51 16.70 0.86
CA ALA G 280 -23.47 15.83 0.33
C ALA G 280 -22.69 15.23 1.49
N PHE G 281 -22.26 13.99 1.33
CA PHE G 281 -21.53 13.31 2.38
C PHE G 281 -20.03 13.45 2.17
N HIS G 282 -19.31 13.68 3.26
CA HIS G 282 -17.87 13.75 3.17
C HIS G 282 -17.34 12.36 2.85
N PRO G 283 -16.55 12.20 1.77
CA PRO G 283 -16.22 10.85 1.29
C PRO G 283 -15.33 10.05 2.23
N VAL G 284 -14.62 10.66 3.16
CA VAL G 284 -13.75 9.94 4.09
C VAL G 284 -14.38 9.82 5.48
N HIS G 285 -14.99 10.90 5.98
CA HIS G 285 -15.48 10.90 7.36
C HIS G 285 -16.90 10.38 7.49
N GLY G 286 -17.70 10.36 6.43
CA GLY G 286 -19.08 9.91 6.57
C GLY G 286 -19.98 10.91 7.26
N THR G 287 -19.45 12.05 7.67
CA THR G 287 -20.23 13.20 8.08
C THR G 287 -20.83 13.85 6.84
N LEU G 288 -21.74 14.81 7.05
CA LEU G 288 -22.45 15.39 5.91
C LEU G 288 -22.57 16.91 6.02
N ALA G 289 -22.73 17.55 4.87
CA ALA G 289 -22.98 18.97 4.77
C ALA G 289 -24.35 19.20 4.16
N THR G 290 -25.02 20.27 4.61
CA THR G 290 -26.28 20.75 4.05
C THR G 290 -26.16 22.23 3.72
N VAL G 291 -26.86 22.67 2.68
CA VAL G 291 -26.89 24.08 2.31
C VAL G 291 -28.33 24.48 2.07
N GLY G 292 -28.71 25.69 2.54
CA GLY G 292 -30.09 26.06 2.63
C GLY G 292 -30.39 27.44 2.05
N SER G 293 -31.69 27.67 1.86
CA SER G 293 -32.21 28.98 1.46
C SER G 293 -31.90 30.08 2.47
N ASP G 294 -31.45 29.75 3.67
CA ASP G 294 -31.12 30.78 4.65
C ASP G 294 -29.72 31.35 4.44
N GLY G 295 -29.01 30.96 3.38
CA GLY G 295 -27.68 31.45 3.13
C GLY G 295 -26.61 30.92 4.05
N ARG G 296 -26.82 29.72 4.60
CA ARG G 296 -25.88 29.09 5.52
C ARG G 296 -25.63 27.65 5.11
N PHE G 297 -24.44 27.15 5.40
CA PHE G 297 -24.18 25.71 5.35
C PHE G 297 -23.91 25.20 6.75
N SER G 298 -24.21 23.92 6.98
CA SER G 298 -24.00 23.27 8.27
C SER G 298 -23.38 21.89 8.06
N PHE G 299 -22.53 21.48 9.00
CA PHE G 299 -21.88 20.17 8.97
C PHE G 299 -22.43 19.32 10.09
N TRP G 300 -22.64 18.03 9.81
CA TRP G 300 -23.35 17.19 10.73
C TRP G 300 -22.67 15.84 10.85
N ASP G 301 -22.88 15.21 12.01
CA ASP G 301 -22.52 13.83 12.28
C ASP G 301 -23.81 13.06 12.53
N LYS G 302 -24.23 12.22 11.57
CA LYS G 302 -25.53 11.57 11.73
C LYS G 302 -25.48 10.35 12.64
N ASP G 303 -24.31 9.92 13.08
CA ASP G 303 -24.19 8.82 14.03
C ASP G 303 -24.20 9.33 15.46
N ALA G 304 -23.38 10.35 15.74
CA ALA G 304 -23.45 11.03 17.02
C ALA G 304 -24.72 11.86 17.16
N ARG G 305 -25.38 12.14 16.03
CA ARG G 305 -26.57 12.99 15.99
C ARG G 305 -26.29 14.39 16.53
N THR G 306 -25.26 15.03 15.98
CA THR G 306 -24.79 16.33 16.42
C THR G 306 -24.55 17.23 15.22
N LYS G 307 -24.46 18.52 15.50
CA LYS G 307 -24.15 19.54 14.50
C LYS G 307 -22.74 20.03 14.77
N LEU G 308 -21.87 19.88 13.77
CA LEU G 308 -20.46 20.19 13.94
C LEU G 308 -20.13 21.65 13.69
N LYS G 309 -20.91 22.33 12.84
CA LYS G 309 -20.67 23.72 12.50
C LYS G 309 -21.88 24.26 11.75
N THR G 310 -22.14 25.55 11.93
CA THR G 310 -22.98 26.31 11.00
C THR G 310 -22.23 27.59 10.65
N SER G 311 -22.29 27.97 9.37
CA SER G 311 -21.55 29.12 8.88
C SER G 311 -22.24 30.42 9.26
N GLU G 312 -21.50 31.51 9.04
CA GLU G 312 -22.11 32.82 8.92
C GLU G 312 -23.05 32.85 7.72
N GLN G 313 -23.98 33.79 7.75
CA GLN G 313 -24.99 33.91 6.71
C GLN G 313 -24.49 34.71 5.52
N LEU G 314 -24.65 34.16 4.33
CA LEU G 314 -24.34 34.89 3.11
C LEU G 314 -25.54 35.73 2.70
N ASP G 315 -25.29 36.70 1.83
CA ASP G 315 -26.31 37.64 1.38
C ASP G 315 -27.27 37.02 0.37
N GLN G 316 -27.14 35.73 0.11
CA GLN G 316 -28.05 35.01 -0.77
C GLN G 316 -28.18 33.59 -0.30
N PRO G 317 -29.20 32.86 -0.72
CA PRO G 317 -29.29 31.44 -0.38
C PRO G 317 -28.10 30.69 -0.97
N ILE G 318 -27.74 29.58 -0.34
CA ILE G 318 -26.73 28.68 -0.90
C ILE G 318 -27.43 27.59 -1.71
N SER G 319 -27.13 27.55 -3.00
CA SER G 319 -27.95 26.80 -3.96
C SER G 319 -27.41 25.40 -4.28
N ALA G 320 -26.13 25.14 -4.03
CA ALA G 320 -25.54 23.86 -4.44
C ALA G 320 -24.24 23.69 -3.69
N CYS G 321 -23.80 22.44 -3.60
CA CYS G 321 -22.53 22.13 -2.95
C CYS G 321 -22.05 20.77 -3.41
N CYS G 322 -20.81 20.46 -3.06
CA CYS G 322 -20.22 19.15 -3.32
C CYS G 322 -18.83 19.12 -2.68
N PHE G 323 -18.29 17.91 -2.57
CA PHE G 323 -16.92 17.70 -2.12
C PHE G 323 -16.07 17.29 -3.32
N ASN G 324 -14.76 17.48 -3.19
CA ASN G 324 -13.85 16.89 -4.15
C ASN G 324 -13.60 15.43 -3.76
N HIS G 325 -12.74 14.74 -4.52
CA HIS G 325 -12.72 13.27 -4.43
C HIS G 325 -12.26 12.80 -3.06
N ASN G 326 -11.28 13.47 -2.46
CA ASN G 326 -10.77 13.05 -1.16
C ASN G 326 -11.37 13.81 0.01
N GLY G 327 -12.24 14.80 -0.24
CA GLY G 327 -12.90 15.53 0.83
C GLY G 327 -12.16 16.73 1.36
N ASN G 328 -11.00 17.08 0.79
CA ASN G 328 -10.25 18.24 1.26
C ASN G 328 -10.87 19.56 0.85
N ILE G 329 -11.70 19.58 -0.19
CA ILE G 329 -12.29 20.80 -0.71
C ILE G 329 -13.80 20.66 -0.62
N PHE G 330 -14.45 21.59 0.06
CA PHE G 330 -15.89 21.70 0.07
C PHE G 330 -16.25 22.92 -0.77
N ALA G 331 -17.11 22.73 -1.78
CA ALA G 331 -17.51 23.81 -2.67
C ALA G 331 -18.98 24.14 -2.49
N TYR G 332 -19.31 25.41 -2.41
CA TYR G 332 -20.71 25.79 -2.30
C TYR G 332 -20.97 27.02 -3.17
N ALA G 333 -22.22 27.15 -3.62
CA ALA G 333 -22.61 28.21 -4.55
C ALA G 333 -23.54 29.21 -3.87
N SER G 334 -23.20 30.50 -4.00
CA SER G 334 -24.02 31.60 -3.52
C SER G 334 -24.84 32.12 -4.70
N SER G 335 -26.12 31.73 -4.76
CA SER G 335 -27.00 32.06 -5.86
C SER G 335 -28.44 32.08 -5.37
N TYR G 336 -29.25 32.96 -5.93
CA TYR G 336 -30.68 32.93 -5.66
C TYR G 336 -31.28 31.64 -6.23
N ASP G 337 -32.24 31.07 -5.48
CA ASP G 337 -32.81 29.76 -5.75
C ASP G 337 -34.30 29.83 -6.05
N TRP G 338 -34.83 31.03 -6.29
CA TRP G 338 -36.25 31.25 -6.50
C TRP G 338 -37.08 30.90 -5.27
N SER G 339 -36.46 30.84 -4.09
CA SER G 339 -37.19 30.40 -2.91
C SER G 339 -38.27 31.39 -2.49
N LYS G 340 -38.23 32.64 -2.97
CA LYS G 340 -39.31 33.58 -2.70
C LYS G 340 -39.97 34.06 -3.98
N GLY G 341 -39.74 33.37 -5.11
CA GLY G 341 -40.37 33.72 -6.37
C GLY G 341 -39.61 34.78 -7.15
N HIS G 342 -40.22 35.23 -8.24
CA HIS G 342 -39.52 36.14 -9.14
C HIS G 342 -39.33 37.52 -8.54
N GLU G 343 -40.12 37.89 -7.52
CA GLU G 343 -40.06 39.22 -6.94
C GLU G 343 -38.76 39.50 -6.20
N PHE G 344 -38.03 38.46 -5.78
CA PHE G 344 -36.79 38.63 -5.02
C PHE G 344 -35.55 38.30 -5.84
N TYR G 345 -35.71 38.12 -7.15
CA TYR G 345 -34.58 37.85 -8.02
C TYR G 345 -33.89 39.16 -8.39
N ASN G 346 -32.59 39.23 -8.10
CA ASN G 346 -31.80 40.43 -8.37
C ASN G 346 -30.69 40.17 -9.41
N PRO G 347 -30.85 40.58 -10.67
CA PRO G 347 -29.85 40.23 -11.70
C PRO G 347 -28.58 41.08 -11.68
N GLN G 348 -28.59 42.29 -11.08
CA GLN G 348 -27.57 42.62 -10.07
C GLN G 348 -26.78 41.47 -9.58
N LYS G 349 -27.35 40.76 -8.63
CA LYS G 349 -26.50 40.23 -7.60
C LYS G 349 -25.53 39.24 -8.21
N LYS G 350 -24.24 39.43 -7.96
CA LYS G 350 -23.23 38.52 -8.47
C LYS G 350 -23.44 37.15 -7.83
N ASN G 351 -23.12 36.11 -8.59
CA ASN G 351 -23.15 34.76 -8.08
C ASN G 351 -21.73 34.31 -7.81
N TYR G 352 -21.57 33.48 -6.78
CA TYR G 352 -20.23 33.08 -6.34
C TYR G 352 -20.18 31.59 -6.07
N ILE G 353 -19.00 31.02 -6.29
CA ILE G 353 -18.67 29.66 -5.88
C ILE G 353 -17.49 29.77 -4.93
N PHE G 354 -17.65 29.27 -3.71
CA PHE G 354 -16.61 29.33 -2.71
C PHE G 354 -16.03 27.96 -2.49
N LEU G 355 -14.72 27.90 -2.22
CA LEU G 355 -14.05 26.67 -1.87
C LEU G 355 -13.54 26.79 -0.45
N ARG G 356 -13.75 25.74 0.35
CA ARG G 356 -13.35 25.70 1.74
C ARG G 356 -12.70 24.36 2.06
N ASN G 357 -11.56 24.42 2.75
CA ASN G 357 -10.82 23.24 3.18
C ASN G 357 -11.45 22.76 4.48
N ALA G 358 -12.47 21.91 4.37
CA ALA G 358 -13.29 21.56 5.52
C ALA G 358 -12.98 20.17 6.07
N ALA G 359 -11.81 19.62 5.73
CA ALA G 359 -11.50 18.25 6.11
C ALA G 359 -11.49 18.06 7.63
N GLU G 360 -10.80 18.94 8.37
CA GLU G 360 -10.80 18.81 9.82
C GLU G 360 -12.12 19.24 10.44
N GLU G 361 -12.79 20.23 9.85
CA GLU G 361 -14.05 20.67 10.41
C GLU G 361 -15.14 19.61 10.32
N LEU G 362 -15.02 18.67 9.39
CA LEU G 362 -16.02 17.64 9.22
C LEU G 362 -15.64 16.34 9.88
N LYS G 363 -14.50 16.30 10.55
CA LYS G 363 -14.06 15.11 11.23
C LYS G 363 -14.89 14.90 12.50
N PRO G 364 -15.35 13.68 12.76
CA PRO G 364 -16.10 13.44 14.00
C PRO G 364 -15.18 13.61 15.20
N ARG G 365 -15.78 13.94 16.35
CA ARG G 365 -14.97 14.33 17.50
C ARG G 365 -15.35 13.54 18.76
N ASN G 366 -14.47 13.65 19.77
CA ASN G 366 -14.60 13.04 21.10
C ASN G 366 -14.51 11.51 20.98
N THR H 12 -49.48 28.93 -13.62
CA THR H 12 -48.25 29.20 -14.38
C THR H 12 -47.44 30.42 -13.90
N GLY H 13 -46.17 30.18 -13.53
CA GLY H 13 -45.27 31.22 -13.05
C GLY H 13 -45.52 31.61 -11.59
N THR H 14 -44.87 32.72 -11.17
CA THR H 14 -45.08 33.17 -9.80
C THR H 14 -45.80 34.52 -9.76
N THR H 15 -46.98 34.59 -10.35
CA THR H 15 -47.69 35.87 -10.36
C THR H 15 -48.34 36.17 -9.00
N ILE H 16 -48.78 35.14 -8.27
CA ILE H 16 -49.31 35.39 -6.94
C ILE H 16 -48.16 35.79 -6.01
N LYS H 17 -48.27 36.95 -5.38
CA LYS H 17 -47.17 37.47 -4.58
C LYS H 17 -46.87 36.56 -3.38
N PHE H 18 -45.58 36.43 -3.07
CA PHE H 18 -45.10 35.58 -1.99
C PHE H 18 -45.60 36.05 -0.62
N ASN H 19 -46.13 35.12 0.15
CA ASN H 19 -46.48 35.36 1.54
C ASN H 19 -46.19 34.13 2.39
N PRO H 20 -45.25 34.22 3.32
CA PRO H 20 -44.78 33.02 4.02
C PRO H 20 -45.88 32.45 4.91
N PRO H 21 -46.24 31.18 4.69
CA PRO H 21 -47.27 30.55 5.53
C PRO H 21 -46.80 30.35 6.98
N THR H 22 -47.76 30.47 7.89
CA THR H 22 -47.51 30.41 9.33
C THR H 22 -47.98 29.08 9.91
N GLY H 23 -47.25 28.59 10.89
CA GLY H 23 -47.65 27.37 11.56
C GLY H 23 -47.14 27.31 12.97
N THR H 24 -47.22 26.13 13.59
CA THR H 24 -46.72 25.95 14.94
C THR H 24 -45.87 24.68 15.01
N ASP H 25 -44.87 24.72 15.89
CA ASP H 25 -43.93 23.62 16.06
C ASP H 25 -43.48 23.62 17.52
N THR H 26 -42.55 22.73 17.84
CA THR H 26 -42.02 22.59 19.18
C THR H 26 -40.51 22.77 19.18
N MET H 27 -39.98 23.18 20.33
CA MET H 27 -38.55 23.41 20.49
C MET H 27 -38.09 23.02 21.88
N SER H 33 -40.61 20.90 25.88
CA SER H 33 -41.52 21.04 24.75
C SER H 33 -42.18 22.43 24.72
N THR H 34 -41.48 23.41 24.13
CA THR H 34 -42.07 24.71 23.85
C THR H 34 -43.06 24.60 22.70
N ASN H 35 -44.02 25.51 22.65
CA ASN H 35 -44.84 25.70 21.45
C ASN H 35 -44.43 27.02 20.82
N ILE H 36 -44.09 26.98 19.53
CA ILE H 36 -43.57 28.15 18.84
C ILE H 36 -44.29 28.28 17.50
N SER H 37 -44.38 29.52 17.04
CA SER H 37 -44.93 29.85 15.74
C SER H 37 -43.83 29.83 14.69
N THR H 38 -44.22 29.55 13.45
CA THR H 38 -43.27 29.42 12.37
C THR H 38 -43.70 30.23 11.16
N LYS H 39 -42.72 30.63 10.36
CA LYS H 39 -42.95 31.24 9.06
C LYS H 39 -42.18 30.41 8.04
N HIS H 40 -42.90 29.87 7.04
CA HIS H 40 -42.26 29.09 5.97
C HIS H 40 -41.70 30.04 4.93
N GLN H 41 -40.40 30.29 4.99
CA GLN H 41 -39.80 31.21 4.01
C GLN H 41 -39.50 30.50 2.70
N CYS H 42 -40.49 29.81 2.14
CA CYS H 42 -40.34 29.11 0.86
C CYS H 42 -41.67 29.18 0.11
N ILE H 43 -41.62 29.70 -1.11
CA ILE H 43 -42.84 30.04 -1.85
C ILE H 43 -43.67 28.79 -2.15
N THR H 44 -43.03 27.66 -2.42
CA THR H 44 -43.76 26.43 -2.71
C THR H 44 -44.45 25.84 -1.50
N ALA H 45 -44.36 26.49 -0.34
CA ALA H 45 -45.19 26.07 0.78
C ALA H 45 -46.60 26.62 0.70
N MET H 46 -46.84 27.69 -0.06
CA MET H 46 -48.19 28.22 -0.21
C MET H 46 -49.11 27.26 -0.94
N LYS H 47 -50.39 27.27 -0.55
CA LYS H 47 -51.34 26.35 -1.17
C LYS H 47 -51.38 26.55 -2.68
N GLU H 48 -51.08 27.76 -3.13
CA GLU H 48 -51.15 28.05 -4.55
C GLU H 48 -49.96 27.52 -5.33
N TYR H 49 -48.85 27.22 -4.67
CA TYR H 49 -47.63 26.83 -5.36
C TYR H 49 -47.15 25.43 -4.99
N GLU H 50 -47.95 24.68 -4.23
CA GLU H 50 -47.42 23.47 -3.59
C GLU H 50 -47.22 22.34 -4.58
N SER H 51 -47.92 22.35 -5.71
CA SER H 51 -47.83 21.25 -6.65
C SER H 51 -46.66 21.42 -7.61
N LYS H 52 -45.85 22.47 -7.46
CA LYS H 52 -44.70 22.67 -8.32
C LYS H 52 -43.47 22.91 -7.46
N SER H 53 -42.31 22.58 -8.02
CA SER H 53 -41.01 22.79 -7.40
C SER H 53 -40.49 24.20 -7.70
N LEU H 54 -39.50 24.63 -6.91
CA LEU H 54 -38.88 25.92 -7.16
C LEU H 54 -38.38 26.01 -8.58
N GLU H 55 -37.74 24.96 -9.07
CA GLU H 55 -37.16 25.00 -10.41
C GLU H 55 -38.25 25.05 -11.48
N GLU H 56 -39.34 24.30 -11.30
CA GLU H 56 -40.45 24.39 -12.26
C GLU H 56 -41.00 25.82 -12.32
N LEU H 57 -41.17 26.46 -11.17
CA LEU H 57 -41.66 27.84 -11.15
C LEU H 57 -40.65 28.78 -11.80
N ARG H 58 -39.36 28.57 -11.52
CA ARG H 58 -38.36 29.45 -12.10
C ARG H 58 -38.34 29.34 -13.61
N LEU H 59 -38.41 28.11 -14.13
CA LEU H 59 -38.43 27.94 -15.58
C LEU H 59 -39.65 28.60 -16.20
N GLU H 60 -40.82 28.43 -15.60
CA GLU H 60 -42.01 29.06 -16.18
C GLU H 60 -41.83 30.56 -16.29
N ASP H 61 -41.27 31.19 -15.25
CA ASP H 61 -41.04 32.63 -15.28
C ASP H 61 -40.03 33.00 -16.37
N TYR H 62 -39.01 32.16 -16.57
CA TYR H 62 -38.01 32.45 -17.59
C TYR H 62 -38.63 32.46 -18.98
N GLN H 63 -39.52 31.49 -19.25
CA GLN H 63 -40.17 31.44 -20.56
C GLN H 63 -41.18 32.55 -20.74
N ALA H 64 -41.65 33.16 -19.67
CA ALA H 64 -42.52 34.33 -19.77
C ALA H 64 -41.73 35.63 -19.74
N ASN H 65 -40.40 35.55 -19.61
CA ASN H 65 -39.50 36.69 -19.39
C ASN H 65 -39.85 37.49 -18.13
N ARG H 66 -40.46 36.83 -17.14
CA ARG H 66 -40.71 37.45 -15.85
C ARG H 66 -39.49 37.18 -14.96
N LYS H 67 -38.42 37.88 -15.30
CA LYS H 67 -37.16 37.77 -14.57
C LYS H 67 -37.01 39.06 -13.77
N SER I 9 11.62 -22.54 -7.69
CA SER I 9 10.31 -21.92 -7.79
C SER I 9 9.83 -21.72 -9.24
N GLU I 10 9.79 -22.80 -10.03
CA GLU I 10 9.29 -22.76 -11.40
C GLU I 10 7.81 -23.14 -11.43
N LEU I 11 7.14 -22.77 -12.51
CA LEU I 11 5.69 -22.90 -12.60
C LEU I 11 5.26 -23.93 -13.64
N ASP I 12 4.27 -24.75 -13.26
CA ASP I 12 3.76 -25.81 -14.12
C ASP I 12 2.95 -25.21 -15.26
N ASP I 13 2.62 -26.05 -16.23
CA ASP I 13 1.89 -25.57 -17.39
C ASP I 13 0.42 -25.46 -17.03
N GLU I 14 -0.15 -24.31 -17.34
CA GLU I 14 -1.55 -24.00 -17.05
C GLU I 14 -2.41 -24.75 -18.04
N GLU I 15 -3.14 -25.74 -17.58
CA GLU I 15 -3.98 -26.50 -18.49
C GLU I 15 -5.43 -26.03 -18.41
N PRO I 16 -6.23 -26.18 -19.46
CA PRO I 16 -7.64 -25.79 -19.35
C PRO I 16 -8.41 -26.83 -18.53
N MET I 17 -9.31 -26.33 -17.69
CA MET I 17 -10.23 -27.21 -16.97
C MET I 17 -10.96 -28.14 -17.94
N GLU I 18 -11.37 -29.30 -17.42
CA GLU I 18 -12.24 -30.21 -18.15
C GLU I 18 -13.67 -29.87 -17.80
N LEU I 19 -14.20 -28.88 -18.50
CA LEU I 19 -15.56 -28.44 -18.29
C LEU I 19 -16.53 -29.57 -18.62
N ASP I 20 -17.78 -29.41 -18.22
CA ASP I 20 -18.82 -30.32 -18.64
C ASP I 20 -19.53 -29.69 -19.84
N TYR I 21 -19.82 -30.51 -20.85
CA TYR I 21 -20.30 -30.08 -22.18
C TYR I 21 -19.80 -28.69 -22.60
N ASP J 12 2.12 7.79 -33.26
CA ASP J 12 3.09 8.78 -32.76
C ASP J 12 3.77 9.45 -33.95
N ASP J 13 4.14 10.71 -33.77
CA ASP J 13 4.70 11.50 -34.85
C ASP J 13 6.13 11.07 -35.12
N GLU J 14 6.56 11.27 -36.37
CA GLU J 14 7.94 11.09 -36.76
C GLU J 14 8.64 12.45 -36.65
N GLU J 15 9.79 12.48 -35.98
CA GLU J 15 10.55 13.70 -35.73
C GLU J 15 11.97 13.58 -36.29
N PRO J 16 12.61 14.70 -36.67
CA PRO J 16 14.00 14.62 -37.12
C PRO J 16 14.95 14.45 -35.94
N MET J 17 16.04 13.72 -36.16
CA MET J 17 17.04 13.61 -35.12
C MET J 17 17.72 14.95 -34.86
N GLU J 18 18.24 15.09 -33.64
CA GLU J 18 19.07 16.23 -33.28
C GLU J 18 20.53 15.84 -33.49
N LEU J 19 21.05 16.15 -34.68
CA LEU J 19 22.40 15.79 -35.10
C LEU J 19 23.46 16.72 -34.53
N ASP J 20 24.73 16.31 -34.64
CA ASP J 20 25.88 17.12 -34.27
C ASP J 20 26.43 17.83 -35.51
N TYR J 21 27.32 18.81 -35.28
CA TYR J 21 27.81 19.70 -36.35
C TYR J 21 28.50 18.92 -37.49
N ASP K 12 7.57 -8.09 28.76
CA ASP K 12 9.03 -8.26 28.79
C ASP K 12 9.52 -8.58 30.21
N ASP K 13 10.58 -9.38 30.30
CA ASP K 13 11.14 -9.78 31.58
C ASP K 13 11.99 -8.65 32.15
N GLU K 14 12.10 -8.62 33.48
CA GLU K 14 12.97 -7.68 34.15
C GLU K 14 14.34 -8.32 34.39
N GLU K 15 15.39 -7.64 33.98
CA GLU K 15 16.76 -8.12 34.01
C GLU K 15 17.63 -7.18 34.84
N PRO K 16 18.69 -7.67 35.46
CA PRO K 16 19.57 -6.80 36.22
C PRO K 16 20.44 -5.94 35.33
N MET K 17 20.74 -4.74 35.79
CA MET K 17 21.65 -3.87 35.08
C MET K 17 23.05 -4.46 35.04
N GLU K 18 23.79 -4.12 33.99
CA GLU K 18 25.20 -4.49 33.94
C GLU K 18 25.93 -3.34 34.62
N LEU K 19 26.12 -3.48 35.94
CA LEU K 19 26.75 -2.47 36.76
C LEU K 19 28.27 -2.52 36.59
N ASP K 20 28.94 -1.47 37.05
CA ASP K 20 30.39 -1.44 36.93
C ASP K 20 31.07 -1.95 38.21
N TYR K 21 32.38 -2.20 38.08
CA TYR K 21 33.19 -2.98 39.03
C TYR K 21 32.45 -3.58 40.22
N ASP L 12 -14.99 25.62 16.78
CA ASP L 12 -16.45 25.67 16.85
C ASP L 12 -17.02 24.58 17.75
N ASP L 13 -18.10 24.91 18.46
CA ASP L 13 -18.67 23.95 19.39
C ASP L 13 -19.55 22.94 18.67
N GLU L 14 -19.58 21.73 19.21
CA GLU L 14 -20.45 20.67 18.74
C GLU L 14 -21.73 20.68 19.55
N GLU L 15 -22.87 20.69 18.87
CA GLU L 15 -24.18 20.80 19.51
C GLU L 15 -25.08 19.62 19.16
N PRO L 16 -26.05 19.29 19.99
CA PRO L 16 -26.95 18.19 19.66
C PRO L 16 -27.93 18.60 18.57
N MET L 17 -28.27 17.62 17.75
CA MET L 17 -29.26 17.78 16.70
C MET L 17 -30.63 18.03 17.32
N GLU L 18 -31.46 18.77 16.59
CA GLU L 18 -32.85 18.98 17.00
C GLU L 18 -33.65 17.87 16.34
N LEU L 19 -33.82 16.77 17.06
CA LEU L 19 -34.53 15.63 16.53
C LEU L 19 -36.04 15.86 16.62
N ASP L 20 -36.79 15.02 15.90
CA ASP L 20 -38.24 15.06 15.92
C ASP L 20 -38.79 14.01 16.89
N TYR L 21 -40.07 14.16 17.21
CA TYR L 21 -40.80 13.44 18.28
C TYR L 21 -39.89 13.06 19.45
#